data_1ZO0
#
_entry.id   1ZO0
#
_cell.length_a   1.000
_cell.length_b   1.000
_cell.length_c   1.000
_cell.angle_alpha   90.00
_cell.angle_beta   90.00
_cell.angle_gamma   90.00
#
_symmetry.space_group_name_H-M   'P 1'
#
_entity_poly.entity_id   1
_entity_poly.type   'polypeptide(L)'
_entity_poly.pdbx_seq_one_letter_code
;ILYSDERLNVTEEPTSNDKTRVLSIQCTLTEAKQVTWRAVWNGGGLYIELPAGPLPEGSKDSFAALLEFAEEQLRADHVF
ICFPKNREDRAALLRTFSFLGFEIVRPGHPLVPKRPDACFMVYTLE
;
_entity_poly.pdbx_strand_id   A
#
# COMPACT_ATOMS: atom_id res chain seq x y z
N ILE A 1 7.17 13.57 -12.77
CA ILE A 1 5.97 13.41 -13.58
C ILE A 1 4.79 12.93 -12.75
N LEU A 2 3.75 13.75 -12.67
CA LEU A 2 2.56 13.40 -11.91
C LEU A 2 1.30 13.62 -12.76
N TYR A 3 0.45 12.61 -12.78
CA TYR A 3 -0.78 12.68 -13.54
C TYR A 3 -2.00 12.51 -12.63
N SER A 4 -3.15 12.98 -13.09
CA SER A 4 -4.38 12.89 -12.31
C SER A 4 -5.48 12.24 -13.12
N ASP A 5 -5.99 11.11 -12.63
CA ASP A 5 -7.04 10.38 -13.29
C ASP A 5 -8.37 10.58 -12.56
N GLU A 6 -9.22 9.56 -12.57
CA GLU A 6 -10.53 9.64 -11.93
C GLU A 6 -10.42 9.78 -10.41
N ARG A 7 -10.37 11.01 -9.95
CA ARG A 7 -10.28 11.31 -8.52
C ARG A 7 -9.00 10.75 -7.93
N LEU A 8 -8.05 10.38 -8.78
CA LEU A 8 -6.79 9.84 -8.31
C LEU A 8 -5.62 10.47 -9.04
N ASN A 9 -4.68 11.02 -8.28
CA ASN A 9 -3.50 11.66 -8.85
C ASN A 9 -2.23 11.07 -8.26
N VAL A 10 -1.32 10.66 -9.14
CA VAL A 10 -0.06 10.07 -8.71
C VAL A 10 1.14 10.83 -9.28
N THR A 11 2.23 10.82 -8.53
CA THR A 11 3.47 11.48 -8.94
C THR A 11 4.64 10.52 -8.87
N GLU A 12 5.29 10.28 -10.01
CA GLU A 12 6.42 9.37 -10.07
C GLU A 12 7.74 10.12 -9.89
N GLU A 13 8.53 9.67 -8.92
CA GLU A 13 9.83 10.28 -8.64
C GLU A 13 10.95 9.26 -8.77
N PRO A 14 11.43 9.02 -10.00
CA PRO A 14 12.50 8.05 -10.24
C PRO A 14 13.86 8.56 -9.77
N THR A 15 14.85 7.66 -9.73
CA THR A 15 16.19 8.01 -9.29
C THR A 15 17.23 7.19 -10.05
N SER A 16 17.93 7.84 -10.98
CA SER A 16 18.95 7.17 -11.78
C SER A 16 18.35 6.04 -12.61
N ASN A 17 19.21 5.34 -13.34
CA ASN A 17 18.76 4.23 -14.18
C ASN A 17 18.96 2.89 -13.47
N ASP A 18 18.74 2.88 -12.16
CA ASP A 18 18.90 1.67 -11.36
C ASP A 18 18.37 1.87 -9.95
N LYS A 19 18.49 0.84 -9.12
CA LYS A 19 18.02 0.90 -7.74
C LYS A 19 16.52 1.16 -7.69
N THR A 20 15.98 1.24 -6.48
CA THR A 20 14.55 1.48 -6.30
C THR A 20 14.21 2.95 -6.52
N ARG A 21 12.93 3.28 -6.46
CA ARG A 21 12.47 4.65 -6.66
C ARG A 21 11.42 5.02 -5.63
N VAL A 22 10.93 6.26 -5.70
CA VAL A 22 9.90 6.72 -4.77
C VAL A 22 8.70 7.29 -5.52
N LEU A 23 7.51 6.91 -5.07
CA LEU A 23 6.28 7.38 -5.71
C LEU A 23 5.24 7.73 -4.65
N SER A 24 4.36 8.67 -4.98
CA SER A 24 3.31 9.10 -4.07
C SER A 24 1.95 8.99 -4.74
N ILE A 25 1.00 8.39 -4.04
CA ILE A 25 -0.35 8.23 -4.57
C ILE A 25 -1.38 8.89 -3.68
N GLN A 26 -2.10 9.86 -4.23
CA GLN A 26 -3.13 10.58 -3.49
C GLN A 26 -4.52 10.15 -3.94
N CYS A 27 -5.33 9.73 -2.99
CA CYS A 27 -6.69 9.30 -3.28
C CYS A 27 -7.69 10.25 -2.63
N THR A 28 -8.66 10.66 -3.42
CA THR A 28 -9.69 11.58 -2.96
C THR A 28 -10.90 10.83 -2.41
N LEU A 29 -11.70 11.53 -1.61
CA LEU A 29 -12.88 10.97 -0.99
C LEU A 29 -13.96 10.59 -1.97
N THR A 30 -13.59 9.83 -2.99
CA THR A 30 -14.52 9.36 -4.00
C THR A 30 -15.76 8.78 -3.33
N GLU A 31 -15.52 7.98 -2.29
CA GLU A 31 -16.60 7.37 -1.53
C GLU A 31 -16.63 7.95 -0.12
N ALA A 32 -16.27 9.23 -0.02
CA ALA A 32 -16.23 9.93 1.25
C ALA A 32 -14.95 9.61 2.02
N LYS A 33 -13.84 9.46 1.30
CA LYS A 33 -12.56 9.15 1.94
C LYS A 33 -11.36 9.72 1.18
N GLN A 34 -10.61 10.58 1.83
CA GLN A 34 -9.44 11.19 1.22
C GLN A 34 -8.20 11.00 2.10
N VAL A 35 -7.20 10.32 1.56
CA VAL A 35 -5.97 10.07 2.30
C VAL A 35 -4.74 10.26 1.41
N THR A 36 -3.63 10.63 2.04
CA THR A 36 -2.37 10.80 1.34
C THR A 36 -1.54 9.54 1.55
N TRP A 37 -1.22 8.86 0.46
CA TRP A 37 -0.48 7.61 0.57
C TRP A 37 0.95 7.71 0.08
N ARG A 38 1.80 6.86 0.64
CA ARG A 38 3.21 6.82 0.28
C ARG A 38 3.62 5.40 -0.10
N ALA A 39 4.10 5.24 -1.33
CA ALA A 39 4.52 3.93 -1.82
C ALA A 39 5.88 3.98 -2.49
N VAL A 40 6.71 3.00 -2.18
CA VAL A 40 8.05 2.91 -2.76
C VAL A 40 8.11 1.75 -3.75
N TRP A 41 8.75 1.99 -4.89
CA TRP A 41 8.89 0.98 -5.93
C TRP A 41 10.12 0.11 -5.68
N ASN A 42 9.90 -1.20 -5.55
CA ASN A 42 10.99 -2.13 -5.31
C ASN A 42 11.02 -3.22 -6.36
N GLY A 43 11.94 -3.10 -7.30
CA GLY A 43 12.06 -4.09 -8.36
C GLY A 43 10.83 -4.15 -9.25
N GLY A 44 10.37 -5.36 -9.54
CA GLY A 44 9.21 -5.52 -10.39
C GLY A 44 7.91 -5.59 -9.60
N GLY A 45 7.95 -5.12 -8.36
CA GLY A 45 6.77 -5.15 -7.52
C GLY A 45 6.53 -3.82 -6.82
N LEU A 46 5.27 -3.57 -6.47
CA LEU A 46 4.90 -2.33 -5.78
C LEU A 46 4.93 -2.50 -4.28
N TYR A 47 5.47 -1.50 -3.58
CA TYR A 47 5.54 -1.54 -2.12
C TYR A 47 4.71 -0.42 -1.51
N ILE A 48 3.95 -0.75 -0.47
CA ILE A 48 3.11 0.23 0.21
C ILE A 48 3.48 0.36 1.68
N GLU A 49 3.86 1.57 2.09
CA GLU A 49 4.24 1.82 3.47
C GLU A 49 3.40 2.95 4.08
N LEU A 50 2.74 2.65 5.19
CA LEU A 50 1.92 3.64 5.87
C LEU A 50 2.65 4.25 7.06
N PRO A 51 3.28 5.43 6.86
CA PRO A 51 4.02 6.11 7.92
C PRO A 51 3.11 6.64 9.02
N ALA A 52 1.99 7.22 8.62
CA ALA A 52 1.03 7.77 9.58
C ALA A 52 -0.23 8.25 8.88
N GLY A 53 -1.14 7.32 8.58
CA GLY A 53 -2.37 7.68 7.90
C GLY A 53 -3.59 7.12 8.60
N PRO A 54 -4.74 7.82 8.52
CA PRO A 54 -5.98 7.38 9.16
C PRO A 54 -6.35 5.95 8.76
N LEU A 55 -5.95 4.98 9.57
CA LEU A 55 -6.24 3.58 9.30
C LEU A 55 -7.75 3.34 9.24
N PRO A 56 -8.47 3.62 10.35
CA PRO A 56 -9.91 3.43 10.41
C PRO A 56 -10.68 4.46 9.58
N GLU A 57 -12.00 4.40 9.64
CA GLU A 57 -12.84 5.33 8.89
C GLU A 57 -12.60 5.19 7.40
N GLY A 58 -12.27 3.98 6.96
CA GLY A 58 -12.02 3.73 5.56
C GLY A 58 -12.56 2.39 5.10
N SER A 59 -13.09 2.35 3.88
CA SER A 59 -13.64 1.13 3.32
C SER A 59 -12.53 0.24 2.75
N LYS A 60 -12.90 -0.98 2.36
CA LYS A 60 -11.95 -1.92 1.79
C LYS A 60 -12.02 -1.94 0.28
N ASP A 61 -13.22 -1.67 -0.26
CA ASP A 61 -13.42 -1.65 -1.71
C ASP A 61 -12.52 -0.60 -2.36
N SER A 62 -12.28 0.50 -1.66
CA SER A 62 -11.45 1.57 -2.17
C SER A 62 -10.01 1.09 -2.37
N PHE A 63 -9.50 0.35 -1.39
CA PHE A 63 -8.14 -0.18 -1.45
C PHE A 63 -7.96 -1.11 -2.65
N ALA A 64 -8.92 -2.01 -2.83
CA ALA A 64 -8.88 -2.96 -3.93
C ALA A 64 -8.85 -2.25 -5.27
N ALA A 65 -9.58 -1.14 -5.37
CA ALA A 65 -9.65 -0.37 -6.60
C ALA A 65 -8.27 0.20 -6.97
N LEU A 66 -7.65 0.88 -6.02
CA LEU A 66 -6.34 1.47 -6.25
C LEU A 66 -5.31 0.40 -6.62
N LEU A 67 -5.50 -0.80 -6.10
CA LEU A 67 -4.60 -1.91 -6.38
C LEU A 67 -4.73 -2.38 -7.83
N GLU A 68 -5.95 -2.35 -8.34
CA GLU A 68 -6.22 -2.78 -9.71
C GLU A 68 -5.60 -1.81 -10.72
N PHE A 69 -5.76 -0.51 -10.46
CA PHE A 69 -5.23 0.51 -11.35
C PHE A 69 -3.71 0.46 -11.40
N ALA A 70 -3.08 0.53 -10.24
CA ALA A 70 -1.62 0.49 -10.15
C ALA A 70 -1.04 -0.73 -10.88
N GLU A 71 -1.66 -1.88 -10.69
CA GLU A 71 -1.20 -3.11 -11.32
C GLU A 71 -1.32 -3.02 -12.84
N GLU A 72 -2.35 -2.33 -13.30
CA GLU A 72 -2.58 -2.18 -14.73
C GLU A 72 -1.42 -1.45 -15.41
N GLN A 73 -1.17 -0.22 -14.97
CA GLN A 73 -0.08 0.58 -15.54
C GLN A 73 1.26 -0.12 -15.35
N LEU A 74 1.67 -0.29 -14.10
CA LEU A 74 2.94 -0.93 -13.79
C LEU A 74 3.00 -2.34 -14.36
N ARG A 75 1.84 -2.98 -14.48
CA ARG A 75 1.76 -4.34 -15.02
C ARG A 75 2.45 -5.34 -14.10
N ALA A 76 2.68 -4.92 -12.85
CA ALA A 76 3.33 -5.79 -11.86
C ALA A 76 2.30 -6.65 -11.13
N ASP A 77 2.74 -7.33 -10.08
CA ASP A 77 1.85 -8.19 -9.30
C ASP A 77 2.24 -8.19 -7.83
N HIS A 78 3.53 -8.43 -7.56
CA HIS A 78 4.02 -8.46 -6.19
C HIS A 78 3.70 -7.16 -5.46
N VAL A 79 2.53 -7.13 -4.84
CA VAL A 79 2.09 -5.96 -4.11
C VAL A 79 2.11 -6.24 -2.61
N PHE A 80 2.69 -5.33 -1.85
CA PHE A 80 2.78 -5.48 -0.40
C PHE A 80 2.11 -4.31 0.31
N ILE A 81 1.41 -4.60 1.40
CA ILE A 81 0.74 -3.58 2.18
C ILE A 81 1.14 -3.69 3.65
N CYS A 82 1.74 -2.63 4.18
CA CYS A 82 2.17 -2.63 5.57
C CYS A 82 1.64 -1.41 6.32
N PHE A 83 0.89 -1.66 7.39
CA PHE A 83 0.31 -0.59 8.19
C PHE A 83 0.40 -0.92 9.67
N PRO A 84 0.38 0.10 10.54
CA PRO A 84 0.45 -0.08 12.00
C PRO A 84 -0.77 -0.80 12.55
N LYS A 85 -0.93 -0.79 13.87
CA LYS A 85 -2.05 -1.45 14.51
C LYS A 85 -2.76 -0.50 15.47
N ASN A 86 -3.56 0.40 14.92
CA ASN A 86 -4.29 1.37 15.72
C ASN A 86 -5.26 0.67 16.67
N ARG A 87 -6.40 0.24 16.13
CA ARG A 87 -7.41 -0.44 16.92
C ARG A 87 -8.59 -0.86 16.07
N GLU A 88 -8.76 -2.17 15.87
CA GLU A 88 -9.85 -2.69 15.06
C GLU A 88 -9.79 -2.15 13.64
N ASP A 89 -9.11 -2.88 12.76
CA ASP A 89 -8.99 -2.48 11.37
C ASP A 89 -8.23 -3.53 10.56
N ARG A 90 -7.12 -4.00 11.13
CA ARG A 90 -6.30 -5.02 10.45
C ARG A 90 -7.07 -6.32 10.30
N ALA A 91 -7.98 -6.58 11.23
CA ALA A 91 -8.78 -7.81 11.19
C ALA A 91 -9.57 -7.92 9.90
N ALA A 92 -10.51 -6.99 9.70
CA ALA A 92 -11.34 -6.99 8.50
C ALA A 92 -10.49 -6.81 7.25
N LEU A 93 -9.37 -6.10 7.39
CA LEU A 93 -8.46 -5.87 6.26
C LEU A 93 -8.01 -7.18 5.64
N LEU A 94 -7.55 -8.10 6.49
CA LEU A 94 -7.08 -9.40 6.01
C LEU A 94 -8.24 -10.28 5.59
N ARG A 95 -9.39 -10.09 6.23
CA ARG A 95 -10.58 -10.88 5.92
C ARG A 95 -10.96 -10.75 4.45
N THR A 96 -10.87 -9.53 3.92
CA THR A 96 -11.21 -9.28 2.52
C THR A 96 -10.02 -9.57 1.61
N PHE A 97 -8.91 -8.90 1.87
CA PHE A 97 -7.69 -9.07 1.08
C PHE A 97 -7.33 -10.55 0.95
N SER A 98 -7.75 -11.34 1.92
CA SER A 98 -7.47 -12.78 1.91
C SER A 98 -8.05 -13.44 0.66
N PHE A 99 -9.04 -12.81 0.06
CA PHE A 99 -9.68 -13.35 -1.14
C PHE A 99 -8.67 -13.52 -2.27
N LEU A 100 -7.57 -12.78 -2.20
CA LEU A 100 -6.53 -12.85 -3.22
C LEU A 100 -5.64 -14.07 -3.01
N GLY A 101 -5.13 -14.22 -1.79
CA GLY A 101 -4.26 -15.34 -1.49
C GLY A 101 -2.85 -14.91 -1.14
N PHE A 102 -2.74 -13.89 -0.29
CA PHE A 102 -1.43 -13.39 0.13
C PHE A 102 -0.95 -14.10 1.38
N GLU A 103 0.23 -13.72 1.85
CA GLU A 103 0.82 -14.33 3.05
C GLU A 103 1.05 -13.26 4.12
N ILE A 104 0.76 -13.61 5.36
CA ILE A 104 0.94 -12.68 6.48
C ILE A 104 2.29 -12.85 7.14
N VAL A 105 3.03 -11.76 7.27
CA VAL A 105 4.35 -11.78 7.89
C VAL A 105 4.57 -10.51 8.73
N ARG A 106 5.53 -10.58 9.63
CA ARG A 106 5.84 -9.45 10.50
C ARG A 106 7.26 -8.94 10.23
N PRO A 107 7.49 -7.63 10.42
CA PRO A 107 8.81 -7.02 10.19
C PRO A 107 9.85 -7.47 11.21
N GLY A 108 11.11 -7.50 10.80
CA GLY A 108 12.17 -7.91 11.70
C GLY A 108 13.47 -7.17 11.44
N HIS A 109 13.69 -6.10 12.19
CA HIS A 109 14.91 -5.30 12.04
C HIS A 109 16.04 -5.84 12.91
N PRO A 110 17.29 -5.74 12.45
CA PRO A 110 18.45 -6.23 13.20
C PRO A 110 18.51 -5.66 14.60
N LEU A 111 17.95 -4.47 14.78
CA LEU A 111 17.94 -3.82 16.09
C LEU A 111 16.63 -4.11 16.83
N VAL A 112 15.51 -3.85 16.17
CA VAL A 112 14.21 -4.08 16.77
C VAL A 112 13.37 -5.02 15.91
N PRO A 113 13.55 -6.34 16.07
CA PRO A 113 12.80 -7.35 15.31
C PRO A 113 11.29 -7.15 15.39
N LYS A 114 10.76 -7.25 16.61
CA LYS A 114 9.33 -7.09 16.84
C LYS A 114 9.07 -6.14 18.00
N ARG A 115 8.26 -5.12 17.75
CA ARG A 115 7.93 -4.13 18.77
C ARG A 115 7.04 -3.02 18.20
N PRO A 116 7.49 -2.37 17.11
CA PRO A 116 6.73 -1.29 16.48
C PRO A 116 5.28 -1.69 16.19
N ASP A 117 5.03 -2.98 16.06
CA ASP A 117 3.69 -3.48 15.79
C ASP A 117 3.21 -3.02 14.42
N ALA A 118 3.83 -3.56 13.38
CA ALA A 118 3.45 -3.24 12.03
C ALA A 118 3.20 -4.52 11.26
N CYS A 119 1.97 -4.66 10.82
CA CYS A 119 1.56 -5.84 10.05
C CYS A 119 1.96 -5.69 8.59
N PHE A 120 2.78 -6.63 8.13
CA PHE A 120 3.25 -6.62 6.75
C PHE A 120 2.66 -7.79 5.97
N MET A 121 2.22 -7.52 4.75
CA MET A 121 1.64 -8.55 3.89
C MET A 121 2.30 -8.53 2.52
N VAL A 122 2.61 -9.72 2.01
CA VAL A 122 3.25 -9.83 0.69
C VAL A 122 2.52 -10.81 -0.21
N TYR A 123 2.16 -10.34 -1.40
CA TYR A 123 1.46 -11.17 -2.38
C TYR A 123 2.08 -11.00 -3.76
N THR A 124 1.88 -11.98 -4.64
CA THR A 124 2.43 -11.92 -5.99
C THR A 124 1.41 -12.46 -7.01
N LEU A 125 1.81 -12.47 -8.28
CA LEU A 125 0.94 -12.94 -9.35
C LEU A 125 0.29 -14.28 -8.98
N GLU A 126 -0.93 -14.21 -8.45
CA GLU A 126 -1.65 -15.42 -8.05
C GLU A 126 -2.41 -16.00 -9.23
N ILE A 1 6.94 12.62 -15.33
CA ILE A 1 7.27 12.32 -13.94
C ILE A 1 6.11 12.63 -13.00
N LEU A 2 5.25 13.53 -13.42
CA LEU A 2 4.10 13.92 -12.63
C LEU A 2 2.82 13.81 -13.45
N TYR A 3 1.92 12.97 -12.99
CA TYR A 3 0.64 12.76 -13.67
C TYR A 3 -0.50 13.28 -12.80
N SER A 4 -1.50 13.88 -13.44
CA SER A 4 -2.63 14.41 -12.72
C SER A 4 -3.94 13.96 -13.35
N ASP A 5 -4.83 13.44 -12.53
CA ASP A 5 -6.12 12.96 -12.96
C ASP A 5 -7.16 13.31 -11.91
N GLU A 6 -8.40 13.29 -12.35
CA GLU A 6 -9.52 13.60 -11.48
C GLU A 6 -9.69 12.53 -10.41
N ARG A 7 -9.38 11.29 -10.76
CA ARG A 7 -9.50 10.17 -9.84
C ARG A 7 -8.28 10.08 -8.92
N LEU A 8 -7.20 10.76 -9.29
CA LEU A 8 -5.98 10.73 -8.49
C LEU A 8 -4.84 11.46 -9.19
N ASN A 9 -3.87 11.91 -8.38
CA ASN A 9 -2.69 12.62 -8.88
C ASN A 9 -1.44 11.88 -8.44
N VAL A 10 -0.63 11.45 -9.41
CA VAL A 10 0.59 10.71 -9.09
C VAL A 10 1.83 11.38 -9.66
N THR A 11 2.98 11.05 -9.06
CA THR A 11 4.27 11.60 -9.49
C THR A 11 5.37 10.56 -9.29
N GLU A 12 6.56 10.83 -9.80
CA GLU A 12 7.68 9.91 -9.67
C GLU A 12 8.90 10.60 -9.06
N GLU A 13 9.64 9.85 -8.26
CA GLU A 13 10.83 10.37 -7.61
C GLU A 13 12.06 9.53 -7.95
N PRO A 14 12.89 9.98 -8.90
CA PRO A 14 14.09 9.25 -9.31
C PRO A 14 14.95 8.81 -8.14
N THR A 15 15.70 7.73 -8.32
CA THR A 15 16.56 7.20 -7.28
C THR A 15 17.63 6.28 -7.86
N SER A 16 17.22 5.41 -8.77
CA SER A 16 18.13 4.47 -9.40
C SER A 16 17.65 4.10 -10.81
N ASN A 17 18.39 3.22 -11.47
CA ASN A 17 18.03 2.78 -12.81
C ASN A 17 17.21 1.50 -12.77
N ASP A 18 17.86 0.38 -12.49
CA ASP A 18 17.19 -0.91 -12.42
C ASP A 18 17.33 -1.53 -11.03
N LYS A 19 17.25 -0.69 -10.01
CA LYS A 19 17.37 -1.15 -8.63
C LYS A 19 16.11 -0.86 -7.84
N THR A 20 15.88 0.42 -7.54
CA THR A 20 14.70 0.82 -6.79
C THR A 20 14.44 2.32 -6.93
N ARG A 21 13.18 2.71 -6.85
CA ARG A 21 12.80 4.11 -6.99
C ARG A 21 11.73 4.48 -5.96
N VAL A 22 11.31 5.74 -5.98
CA VAL A 22 10.29 6.21 -5.06
C VAL A 22 9.20 6.98 -5.79
N LEU A 23 7.95 6.66 -5.49
CA LEU A 23 6.80 7.32 -6.12
C LEU A 23 5.84 7.84 -5.07
N SER A 24 4.98 8.76 -5.49
CA SER A 24 3.99 9.36 -4.59
C SER A 24 2.60 9.33 -5.22
N ILE A 25 1.63 8.90 -4.44
CA ILE A 25 0.24 8.84 -4.90
C ILE A 25 -0.68 9.57 -3.94
N GLN A 26 -1.37 10.59 -4.45
CA GLN A 26 -2.27 11.37 -3.62
C GLN A 26 -3.71 11.20 -4.09
N CYS A 27 -4.62 11.11 -3.13
CA CYS A 27 -6.03 10.96 -3.42
C CYS A 27 -6.82 12.05 -2.73
N THR A 28 -7.75 12.62 -3.47
CA THR A 28 -8.59 13.70 -2.95
C THR A 28 -9.82 13.14 -2.26
N LEU A 29 -10.61 14.05 -1.67
CA LEU A 29 -11.82 13.70 -0.95
C LEU A 29 -12.91 13.13 -1.85
N THR A 30 -12.53 12.29 -2.80
CA THR A 30 -13.49 11.67 -3.71
C THR A 30 -14.71 11.17 -2.94
N GLU A 31 -14.46 10.29 -1.99
CA GLU A 31 -15.53 9.74 -1.16
C GLU A 31 -15.55 10.45 0.19
N ALA A 32 -15.22 11.74 0.17
CA ALA A 32 -15.18 12.55 1.38
C ALA A 32 -13.92 12.26 2.19
N LYS A 33 -12.78 12.23 1.51
CA LYS A 33 -11.51 11.95 2.18
C LYS A 33 -10.29 12.27 1.30
N GLN A 34 -9.37 13.04 1.83
CA GLN A 34 -8.16 13.40 1.11
C GLN A 34 -6.91 13.09 1.94
N VAL A 35 -6.06 12.23 1.40
CA VAL A 35 -4.83 11.85 2.11
C VAL A 35 -3.63 11.81 1.17
N THR A 36 -2.46 12.12 1.70
CA THR A 36 -1.23 12.08 0.94
C THR A 36 -0.57 10.74 1.18
N TRP A 37 -0.37 9.97 0.12
CA TRP A 37 0.21 8.64 0.26
C TRP A 37 1.62 8.54 -0.29
N ARG A 38 2.37 7.60 0.29
CA ARG A 38 3.74 7.36 -0.12
C ARG A 38 3.97 5.89 -0.43
N ALA A 39 4.48 5.61 -1.62
CA ALA A 39 4.73 4.23 -2.03
C ALA A 39 6.09 4.10 -2.71
N VAL A 40 6.74 2.97 -2.51
CA VAL A 40 8.03 2.70 -3.10
C VAL A 40 7.94 1.55 -4.11
N TRP A 41 8.82 1.59 -5.10
CA TRP A 41 8.84 0.56 -6.14
C TRP A 41 10.10 -0.29 -6.02
N ASN A 42 9.93 -1.60 -5.84
CA ASN A 42 11.06 -2.49 -5.70
C ASN A 42 11.01 -3.61 -6.74
N GLY A 43 11.80 -3.46 -7.80
CA GLY A 43 11.81 -4.48 -8.84
C GLY A 43 10.49 -4.60 -9.57
N GLY A 44 10.04 -5.84 -9.76
CA GLY A 44 8.78 -6.07 -10.45
C GLY A 44 7.59 -6.11 -9.51
N GLY A 45 7.79 -5.63 -8.28
CA GLY A 45 6.73 -5.62 -7.30
C GLY A 45 6.45 -4.23 -6.76
N LEU A 46 5.19 -3.98 -6.41
CA LEU A 46 4.79 -2.68 -5.87
C LEU A 46 4.74 -2.70 -4.35
N TYR A 47 5.09 -1.58 -3.75
CA TYR A 47 5.07 -1.47 -2.29
C TYR A 47 4.34 -0.20 -1.85
N ILE A 48 3.50 -0.32 -0.82
CA ILE A 48 2.74 0.82 -0.32
C ILE A 48 2.82 0.91 1.20
N GLU A 49 2.99 2.13 1.71
CA GLU A 49 3.07 2.34 3.15
C GLU A 49 1.91 3.19 3.65
N LEU A 50 1.45 2.91 4.87
CA LEU A 50 0.34 3.64 5.47
C LEU A 50 0.84 4.59 6.57
N PRO A 51 1.47 5.71 6.18
CA PRO A 51 1.99 6.69 7.13
C PRO A 51 0.88 7.48 7.82
N ALA A 52 0.46 7.03 9.00
CA ALA A 52 -0.59 7.69 9.75
C ALA A 52 -0.83 7.02 11.09
N GLY A 53 -1.38 5.81 11.04
CA GLY A 53 -1.65 5.06 12.26
C GLY A 53 -3.12 4.72 12.42
N PRO A 54 -3.89 5.57 13.12
CA PRO A 54 -5.32 5.34 13.34
C PRO A 54 -6.14 5.60 12.08
N LEU A 55 -6.38 4.54 11.31
CA LEU A 55 -7.16 4.66 10.07
C LEU A 55 -8.52 5.30 10.33
N PRO A 56 -8.72 6.55 9.89
CA PRO A 56 -9.99 7.27 10.09
C PRO A 56 -11.17 6.48 9.56
N GLU A 57 -12.06 6.09 10.47
CA GLU A 57 -13.26 5.33 10.10
C GLU A 57 -12.87 4.02 9.43
N GLY A 58 -13.87 3.32 8.89
CA GLY A 58 -13.62 2.05 8.23
C GLY A 58 -13.62 2.18 6.72
N SER A 59 -12.45 2.50 6.15
CA SER A 59 -12.32 2.65 4.71
C SER A 59 -11.93 1.33 4.06
N LYS A 60 -12.92 0.65 3.47
CA LYS A 60 -12.68 -0.63 2.82
C LYS A 60 -12.79 -0.50 1.30
N ASP A 61 -13.93 0.01 0.84
CA ASP A 61 -14.15 0.20 -0.59
C ASP A 61 -13.17 1.20 -1.17
N SER A 62 -12.76 2.17 -0.36
CA SER A 62 -11.81 3.18 -0.80
C SER A 62 -10.48 2.55 -1.21
N PHE A 63 -9.86 1.84 -0.27
CA PHE A 63 -8.59 1.18 -0.52
C PHE A 63 -8.71 0.17 -1.67
N ALA A 64 -9.89 -0.42 -1.79
CA ALA A 64 -10.14 -1.41 -2.84
C ALA A 64 -9.95 -0.81 -4.23
N ALA A 65 -10.67 0.29 -4.50
CA ALA A 65 -10.58 0.96 -5.79
C ALA A 65 -9.17 1.49 -6.05
N LEU A 66 -8.53 1.99 -5.01
CA LEU A 66 -7.18 2.53 -5.12
C LEU A 66 -6.21 1.49 -5.68
N LEU A 67 -6.04 0.40 -4.94
CA LEU A 67 -5.15 -0.68 -5.35
C LEU A 67 -5.53 -1.22 -6.73
N GLU A 68 -6.82 -1.15 -7.04
CA GLU A 68 -7.32 -1.64 -8.32
C GLU A 68 -6.74 -0.83 -9.49
N PHE A 69 -6.63 0.48 -9.29
CA PHE A 69 -6.09 1.36 -10.33
C PHE A 69 -4.58 1.18 -10.47
N ALA A 70 -3.86 1.30 -9.35
CA ALA A 70 -2.42 1.16 -9.35
C ALA A 70 -1.98 -0.12 -10.07
N GLU A 71 -2.76 -1.18 -9.90
CA GLU A 71 -2.45 -2.46 -10.53
C GLU A 71 -2.71 -2.41 -12.03
N GLU A 72 -3.86 -1.86 -12.41
CA GLU A 72 -4.24 -1.76 -13.82
C GLU A 72 -3.15 -1.06 -14.63
N GLN A 73 -2.41 -0.17 -13.97
CA GLN A 73 -1.34 0.57 -14.64
C GLN A 73 -0.01 -0.18 -14.56
N LEU A 74 0.63 -0.15 -13.39
CA LEU A 74 1.90 -0.82 -13.19
C LEU A 74 1.80 -2.33 -13.45
N ARG A 75 0.66 -2.91 -13.11
CA ARG A 75 0.44 -4.34 -13.29
C ARG A 75 1.39 -5.15 -12.41
N ALA A 76 1.92 -4.51 -11.38
CA ALA A 76 2.85 -5.17 -10.46
C ALA A 76 2.14 -6.28 -9.68
N ASP A 77 2.83 -7.41 -9.52
CA ASP A 77 2.27 -8.54 -8.80
C ASP A 77 2.56 -8.43 -7.31
N HIS A 78 3.75 -8.88 -6.90
CA HIS A 78 4.16 -8.82 -5.50
C HIS A 78 3.83 -7.47 -4.88
N VAL A 79 2.70 -7.41 -4.21
CA VAL A 79 2.25 -6.20 -3.55
C VAL A 79 2.39 -6.32 -2.04
N PHE A 80 3.19 -5.45 -1.45
CA PHE A 80 3.39 -5.47 0.00
C PHE A 80 2.87 -4.19 0.62
N ILE A 81 1.91 -4.32 1.51
CA ILE A 81 1.32 -3.17 2.19
C ILE A 81 1.67 -3.18 3.66
N CYS A 82 2.35 -2.13 4.12
CA CYS A 82 2.74 -2.06 5.53
C CYS A 82 1.78 -1.16 6.31
N PHE A 83 1.25 -1.71 7.41
CA PHE A 83 0.31 -0.98 8.25
C PHE A 83 0.78 -0.97 9.71
N PRO A 84 0.17 -0.12 10.54
CA PRO A 84 0.51 -0.01 11.96
C PRO A 84 -0.30 -0.98 12.83
N LYS A 85 -1.56 -0.64 13.05
CA LYS A 85 -2.44 -1.48 13.87
C LYS A 85 -3.82 -0.85 14.01
N ASN A 86 -4.78 -1.36 13.25
CA ASN A 86 -6.14 -0.85 13.30
C ASN A 86 -6.94 -1.48 14.44
N ARG A 87 -7.45 -2.69 14.21
CA ARG A 87 -8.23 -3.40 15.22
C ARG A 87 -8.78 -4.71 14.66
N GLU A 88 -9.86 -4.62 13.90
CA GLU A 88 -10.49 -5.79 13.31
C GLU A 88 -10.36 -5.78 11.78
N ASP A 89 -10.27 -4.58 11.21
CA ASP A 89 -10.14 -4.43 9.76
C ASP A 89 -8.96 -5.23 9.23
N ARG A 90 -7.93 -5.38 10.06
CA ARG A 90 -6.74 -6.12 9.67
C ARG A 90 -7.03 -7.62 9.60
N ALA A 91 -7.89 -8.10 10.49
CA ALA A 91 -8.26 -9.51 10.52
C ALA A 91 -9.06 -9.90 9.28
N ALA A 92 -10.11 -9.14 9.00
CA ALA A 92 -10.96 -9.42 7.84
C ALA A 92 -10.15 -9.39 6.54
N LEU A 93 -9.27 -8.41 6.41
CA LEU A 93 -8.44 -8.27 5.22
C LEU A 93 -7.58 -9.51 5.01
N LEU A 94 -6.99 -10.01 6.09
CA LEU A 94 -6.15 -11.20 6.03
C LEU A 94 -6.95 -12.42 5.62
N ARG A 95 -8.24 -12.44 6.00
CA ARG A 95 -9.11 -13.55 5.68
C ARG A 95 -9.32 -13.68 4.17
N THR A 96 -9.89 -12.64 3.57
CA THR A 96 -10.15 -12.64 2.13
C THR A 96 -8.85 -12.84 1.34
N PHE A 97 -7.88 -11.96 1.57
CA PHE A 97 -6.60 -12.04 0.88
C PHE A 97 -5.99 -13.43 1.01
N SER A 98 -6.35 -14.13 2.09
CA SER A 98 -5.83 -15.47 2.32
C SER A 98 -6.75 -16.54 1.73
N PHE A 99 -7.60 -16.13 0.79
CA PHE A 99 -8.53 -17.06 0.14
C PHE A 99 -7.99 -17.52 -1.21
N LEU A 100 -6.67 -17.57 -1.32
CA LEU A 100 -6.02 -17.99 -2.57
C LEU A 100 -4.53 -18.22 -2.36
N GLY A 101 -3.80 -17.13 -2.17
CA GLY A 101 -2.36 -17.23 -1.96
C GLY A 101 -1.77 -15.98 -1.34
N PHE A 102 -1.93 -15.86 -0.03
CA PHE A 102 -1.40 -14.71 0.71
C PHE A 102 -0.62 -15.14 1.93
N GLU A 103 0.35 -14.33 2.34
CA GLU A 103 1.18 -14.65 3.50
C GLU A 103 1.40 -13.42 4.37
N ILE A 104 1.59 -13.65 5.66
CA ILE A 104 1.83 -12.57 6.62
C ILE A 104 3.26 -12.59 7.13
N VAL A 105 3.85 -11.40 7.27
CA VAL A 105 5.21 -11.27 7.75
C VAL A 105 5.35 -10.06 8.67
N ARG A 106 6.41 -10.07 9.47
CA ARG A 106 6.67 -8.98 10.41
C ARG A 106 7.85 -8.13 9.93
N PRO A 107 8.04 -6.93 10.52
CA PRO A 107 9.13 -6.03 10.14
C PRO A 107 10.50 -6.64 10.43
N GLY A 108 11.50 -6.18 9.68
CA GLY A 108 12.85 -6.67 9.88
C GLY A 108 13.89 -5.58 9.81
N HIS A 109 14.00 -4.80 10.88
CA HIS A 109 14.97 -3.71 10.94
C HIS A 109 15.81 -3.80 12.21
N PRO A 110 17.11 -3.45 12.13
CA PRO A 110 18.01 -3.50 13.28
C PRO A 110 17.55 -2.58 14.42
N LEU A 111 16.94 -1.46 14.05
CA LEU A 111 16.44 -0.50 15.03
C LEU A 111 15.09 -0.95 15.59
N VAL A 112 14.23 -1.44 14.71
CA VAL A 112 12.90 -1.90 15.11
C VAL A 112 12.61 -3.27 14.52
N PRO A 113 13.35 -4.31 14.97
CA PRO A 113 13.15 -5.68 14.48
C PRO A 113 11.70 -6.12 14.54
N LYS A 114 11.14 -6.16 15.74
CA LYS A 114 9.75 -6.56 15.93
C LYS A 114 8.98 -5.54 16.77
N ARG A 115 7.69 -5.44 16.53
CA ARG A 115 6.85 -4.50 17.25
C ARG A 115 5.40 -5.00 17.32
N PRO A 116 4.67 -4.66 18.39
CA PRO A 116 3.28 -5.07 18.57
C PRO A 116 2.34 -4.35 17.62
N ASP A 117 2.74 -3.17 17.17
CA ASP A 117 1.92 -2.38 16.25
C ASP A 117 2.53 -2.33 14.87
N ALA A 118 3.14 -3.44 14.46
CA ALA A 118 3.73 -3.53 13.15
C ALA A 118 3.21 -4.77 12.44
N CYS A 119 2.52 -4.55 11.36
CA CYS A 119 1.95 -5.63 10.56
C CYS A 119 2.36 -5.49 9.10
N PHE A 120 3.04 -6.51 8.58
CA PHE A 120 3.49 -6.50 7.19
C PHE A 120 2.70 -7.51 6.37
N MET A 121 2.15 -7.05 5.25
CA MET A 121 1.38 -7.93 4.37
C MET A 121 2.11 -8.17 3.06
N VAL A 122 2.25 -9.43 2.68
CA VAL A 122 2.94 -9.78 1.43
C VAL A 122 2.09 -10.71 0.56
N TYR A 123 1.86 -10.29 -0.69
CA TYR A 123 1.08 -11.09 -1.64
C TYR A 123 1.78 -11.12 -2.99
N THR A 124 1.37 -12.03 -3.86
CA THR A 124 1.95 -12.17 -5.19
C THR A 124 0.87 -12.54 -6.20
N LEU A 125 1.23 -12.56 -7.48
CA LEU A 125 0.29 -12.90 -8.54
C LEU A 125 0.48 -14.35 -8.98
N GLU A 126 1.74 -14.76 -9.10
CA GLU A 126 2.05 -16.12 -9.51
C GLU A 126 1.47 -17.14 -8.54
N ILE A 1 7.34 13.73 -11.91
CA ILE A 1 6.24 13.70 -12.86
C ILE A 1 4.91 13.46 -12.16
N LEU A 2 4.05 14.48 -12.18
CA LEU A 2 2.75 14.40 -11.55
C LEU A 2 1.69 14.03 -12.58
N TYR A 3 1.04 12.90 -12.34
CA TYR A 3 -0.01 12.41 -13.22
C TYR A 3 -1.32 12.28 -12.47
N SER A 4 -2.44 12.49 -13.18
CA SER A 4 -3.75 12.40 -12.58
C SER A 4 -4.66 11.51 -13.42
N ASP A 5 -5.28 10.53 -12.78
CA ASP A 5 -6.17 9.61 -13.46
C ASP A 5 -7.51 9.53 -12.74
N GLU A 6 -8.55 9.85 -13.47
CA GLU A 6 -9.91 9.83 -12.94
C GLU A 6 -10.09 10.83 -11.80
N ARG A 7 -9.74 10.42 -10.59
CA ARG A 7 -9.87 11.29 -9.42
C ARG A 7 -8.70 11.10 -8.45
N LEU A 8 -7.55 10.75 -9.00
CA LEU A 8 -6.36 10.54 -8.18
C LEU A 8 -5.13 11.12 -8.87
N ASN A 9 -4.27 11.76 -8.08
CA ASN A 9 -3.05 12.36 -8.61
C ASN A 9 -1.81 11.67 -8.04
N VAL A 10 -1.00 11.10 -8.92
CA VAL A 10 0.21 10.40 -8.50
C VAL A 10 1.46 11.01 -9.11
N THR A 11 2.42 11.35 -8.26
CA THR A 11 3.68 11.93 -8.70
C THR A 11 4.81 10.90 -8.57
N GLU A 12 5.81 11.01 -9.44
CA GLU A 12 6.93 10.07 -9.41
C GLU A 12 8.23 10.79 -9.02
N GLU A 13 8.89 10.27 -7.99
CA GLU A 13 10.15 10.85 -7.53
C GLU A 13 11.27 9.81 -7.55
N PRO A 14 12.07 9.79 -8.63
CA PRO A 14 13.18 8.84 -8.77
C PRO A 14 14.36 9.19 -7.86
N THR A 15 14.60 8.35 -6.87
CA THR A 15 15.70 8.58 -5.94
C THR A 15 17.04 8.56 -6.65
N SER A 16 17.25 7.54 -7.49
CA SER A 16 18.49 7.41 -8.25
C SER A 16 18.45 6.18 -9.15
N ASN A 17 18.51 5.00 -8.53
CA ASN A 17 18.47 3.75 -9.29
C ASN A 17 17.05 3.42 -9.73
N ASP A 18 16.90 2.27 -10.37
CA ASP A 18 15.59 1.83 -10.85
C ASP A 18 15.02 0.74 -9.96
N LYS A 19 15.91 -0.04 -9.34
CA LYS A 19 15.48 -1.11 -8.45
C LYS A 19 14.62 -0.59 -7.32
N THR A 20 14.87 0.65 -6.91
CA THR A 20 14.11 1.28 -5.83
C THR A 20 13.83 2.74 -6.14
N ARG A 21 12.59 3.16 -5.92
CA ARG A 21 12.19 4.54 -6.17
C ARG A 21 11.19 5.01 -5.13
N VAL A 22 10.83 6.30 -5.18
CA VAL A 22 9.89 6.87 -4.24
C VAL A 22 8.82 7.69 -4.97
N LEU A 23 7.57 7.48 -4.58
CA LEU A 23 6.45 8.19 -5.20
C LEU A 23 5.40 8.55 -4.16
N SER A 24 4.47 9.42 -4.55
CA SER A 24 3.40 9.85 -3.66
C SER A 24 2.06 9.76 -4.39
N ILE A 25 1.05 9.26 -3.69
CA ILE A 25 -0.27 9.13 -4.28
C ILE A 25 -1.34 9.78 -3.40
N GLN A 26 -2.03 10.77 -3.94
CA GLN A 26 -3.07 11.47 -3.21
C GLN A 26 -4.44 11.08 -3.75
N CYS A 27 -5.38 10.89 -2.84
CA CYS A 27 -6.73 10.50 -3.22
C CYS A 27 -7.77 11.38 -2.55
N THR A 28 -8.68 11.90 -3.35
CA THR A 28 -9.74 12.76 -2.84
C THR A 28 -11.09 12.05 -2.90
N LEU A 29 -11.70 11.90 -1.72
CA LEU A 29 -13.00 11.23 -1.64
C LEU A 29 -13.53 11.22 -0.21
N THR A 30 -12.80 10.53 0.68
CA THR A 30 -13.18 10.42 2.09
C THR A 30 -14.05 11.57 2.58
N GLU A 31 -15.37 11.36 2.56
CA GLU A 31 -16.33 12.37 2.99
C GLU A 31 -15.94 13.75 2.49
N ALA A 32 -15.57 13.83 1.22
CA ALA A 32 -15.17 15.09 0.61
C ALA A 32 -13.85 15.56 1.23
N LYS A 33 -12.95 14.61 1.44
CA LYS A 33 -11.65 14.91 2.03
C LYS A 33 -10.57 13.99 1.46
N GLN A 34 -9.52 14.60 0.92
CA GLN A 34 -8.42 13.85 0.34
C GLN A 34 -7.29 13.64 1.34
N VAL A 35 -6.63 12.49 1.24
CA VAL A 35 -5.51 12.17 2.13
C VAL A 35 -4.23 11.99 1.34
N THR A 36 -3.13 12.49 1.88
CA THR A 36 -1.84 12.37 1.25
C THR A 36 -1.24 11.03 1.64
N TRP A 37 -1.00 10.20 0.65
CA TRP A 37 -0.47 8.86 0.89
C TRP A 37 0.97 8.71 0.45
N ARG A 38 1.67 7.77 1.08
CA ARG A 38 3.06 7.49 0.75
C ARG A 38 3.21 6.12 0.11
N ALA A 39 3.85 6.11 -1.06
CA ALA A 39 4.07 4.87 -1.80
C ALA A 39 5.54 4.72 -2.18
N VAL A 40 5.99 3.48 -2.24
CA VAL A 40 7.38 3.18 -2.58
C VAL A 40 7.47 1.95 -3.49
N TRP A 41 8.56 1.85 -4.24
CA TRP A 41 8.77 0.72 -5.14
C TRP A 41 10.04 -0.04 -4.78
N ASN A 42 9.89 -1.33 -4.51
CA ASN A 42 11.04 -2.16 -4.13
C ASN A 42 11.18 -3.36 -5.06
N GLY A 43 12.10 -3.27 -6.01
CA GLY A 43 12.32 -4.36 -6.94
C GLY A 43 11.12 -4.63 -7.82
N GLY A 44 10.77 -5.91 -7.95
CA GLY A 44 9.64 -6.30 -8.78
C GLY A 44 8.33 -6.35 -8.00
N GLY A 45 8.33 -5.74 -6.82
CA GLY A 45 7.13 -5.72 -5.99
C GLY A 45 6.74 -4.32 -5.56
N LEU A 46 5.45 -4.11 -5.38
CA LEU A 46 4.95 -2.80 -4.97
C LEU A 46 4.87 -2.69 -3.45
N TYR A 47 5.17 -1.49 -2.94
CA TYR A 47 5.13 -1.25 -1.50
C TYR A 47 4.17 -0.10 -1.17
N ILE A 48 3.45 -0.25 -0.05
CA ILE A 48 2.50 0.76 0.39
C ILE A 48 2.71 1.11 1.86
N GLU A 49 2.78 2.40 2.16
CA GLU A 49 2.97 2.86 3.53
C GLU A 49 1.79 3.68 4.01
N LEU A 50 1.13 3.21 5.07
CA LEU A 50 -0.02 3.91 5.62
C LEU A 50 0.39 4.82 6.77
N PRO A 51 -0.20 6.02 6.87
CA PRO A 51 0.12 6.97 7.93
C PRO A 51 -0.03 6.37 9.32
N ALA A 52 0.08 7.22 10.35
CA ALA A 52 -0.05 6.75 11.72
C ALA A 52 -1.36 7.25 12.34
N GLY A 53 -2.14 6.30 12.86
CA GLY A 53 -3.41 6.66 13.47
C GLY A 53 -4.61 6.18 12.67
N PRO A 54 -5.36 5.19 13.17
CA PRO A 54 -6.54 4.66 12.48
C PRO A 54 -7.48 5.75 12.00
N LEU A 55 -7.98 5.61 10.78
CA LEU A 55 -8.90 6.59 10.20
C LEU A 55 -10.33 6.32 10.64
N PRO A 56 -11.15 7.38 10.76
CA PRO A 56 -12.56 7.25 11.18
C PRO A 56 -13.32 6.24 10.34
N GLU A 57 -13.42 6.50 9.03
CA GLU A 57 -14.12 5.62 8.12
C GLU A 57 -13.18 4.53 7.59
N GLY A 58 -13.71 3.68 6.72
CA GLY A 58 -12.92 2.61 6.15
C GLY A 58 -12.56 2.85 4.70
N SER A 59 -13.55 3.27 3.92
CA SER A 59 -13.34 3.54 2.50
C SER A 59 -12.86 2.28 1.78
N LYS A 60 -13.79 1.38 1.51
CA LYS A 60 -13.45 0.14 0.82
C LYS A 60 -13.28 0.37 -0.68
N ASP A 61 -14.19 1.14 -1.27
CA ASP A 61 -14.14 1.45 -2.69
C ASP A 61 -12.91 2.28 -3.03
N SER A 62 -12.47 3.09 -2.08
CA SER A 62 -11.30 3.94 -2.27
C SER A 62 -10.04 3.11 -2.51
N PHE A 63 -9.62 2.39 -1.47
CA PHE A 63 -8.42 1.55 -1.56
C PHE A 63 -8.54 0.54 -2.71
N ALA A 64 -9.77 0.13 -3.01
CA ALA A 64 -10.02 -0.83 -4.07
C ALA A 64 -9.54 -0.30 -5.41
N ALA A 65 -10.19 0.75 -5.90
CA ALA A 65 -9.83 1.35 -7.19
C ALA A 65 -8.38 1.82 -7.20
N LEU A 66 -7.87 2.20 -6.03
CA LEU A 66 -6.50 2.67 -5.92
C LEU A 66 -5.50 1.59 -6.35
N LEU A 67 -5.43 0.52 -5.56
CA LEU A 67 -4.52 -0.58 -5.86
C LEU A 67 -4.80 -1.17 -7.24
N GLU A 68 -6.06 -1.10 -7.66
CA GLU A 68 -6.46 -1.63 -8.97
C GLU A 68 -5.67 -0.97 -10.09
N PHE A 69 -5.59 0.36 -10.06
CA PHE A 69 -4.87 1.11 -11.09
C PHE A 69 -3.37 0.87 -11.00
N ALA A 70 -2.81 1.05 -9.80
CA ALA A 70 -1.38 0.86 -9.58
C ALA A 70 -0.89 -0.46 -10.15
N GLU A 71 -1.76 -1.47 -10.13
CA GLU A 71 -1.42 -2.79 -10.63
C GLU A 71 -1.57 -2.85 -12.14
N GLU A 72 -2.57 -2.14 -12.66
CA GLU A 72 -2.83 -2.12 -14.10
C GLU A 72 -1.62 -1.58 -14.87
N GLN A 73 -0.87 -0.69 -14.22
CA GLN A 73 0.30 -0.09 -14.83
C GLN A 73 1.57 -0.89 -14.55
N LEU A 74 1.92 -1.00 -13.26
CA LEU A 74 3.11 -1.73 -12.85
C LEU A 74 2.96 -3.23 -13.10
N ARG A 75 1.75 -3.74 -12.93
CA ARG A 75 1.49 -5.16 -13.15
C ARG A 75 2.34 -6.01 -12.21
N ALA A 76 2.78 -5.42 -11.10
CA ALA A 76 3.61 -6.12 -10.13
C ALA A 76 2.81 -7.21 -9.42
N ASP A 77 3.50 -7.99 -8.58
CA ASP A 77 2.86 -9.06 -7.82
C ASP A 77 2.96 -8.80 -6.33
N HIS A 78 4.13 -9.08 -5.75
CA HIS A 78 4.36 -8.88 -4.32
C HIS A 78 3.77 -7.57 -3.83
N VAL A 79 2.55 -7.64 -3.32
CA VAL A 79 1.87 -6.47 -2.80
C VAL A 79 2.12 -6.36 -1.31
N PHE A 80 2.71 -5.25 -0.89
CA PHE A 80 3.02 -5.02 0.51
C PHE A 80 2.15 -3.90 1.08
N ILE A 81 1.50 -4.18 2.19
CA ILE A 81 0.64 -3.19 2.83
C ILE A 81 1.03 -3.04 4.30
N CYS A 82 1.45 -1.83 4.69
CA CYS A 82 1.85 -1.59 6.06
C CYS A 82 0.85 -0.68 6.78
N PHE A 83 0.37 -1.15 7.93
CA PHE A 83 -0.59 -0.40 8.73
C PHE A 83 -0.02 -0.09 10.12
N PRO A 84 -0.61 0.89 10.82
CA PRO A 84 -0.16 1.28 12.16
C PRO A 84 -0.42 0.20 13.21
N LYS A 85 -1.20 -0.82 12.83
CA LYS A 85 -1.53 -1.91 13.74
C LYS A 85 -2.36 -1.42 14.91
N ASN A 86 -3.66 -1.64 14.85
CA ASN A 86 -4.57 -1.23 15.90
C ASN A 86 -5.82 -2.09 15.92
N ARG A 87 -6.40 -2.33 14.75
CA ARG A 87 -7.61 -3.14 14.63
C ARG A 87 -7.25 -4.60 14.36
N GLU A 88 -8.04 -5.50 14.93
CA GLU A 88 -7.82 -6.93 14.75
C GLU A 88 -8.41 -7.42 13.43
N ASP A 89 -9.44 -6.73 12.96
CA ASP A 89 -10.10 -7.10 11.70
C ASP A 89 -9.11 -7.14 10.55
N ARG A 90 -7.99 -6.43 10.70
CA ARG A 90 -6.96 -6.39 9.67
C ARG A 90 -6.49 -7.81 9.31
N ALA A 91 -6.53 -8.70 10.30
CA ALA A 91 -6.11 -10.08 10.08
C ALA A 91 -6.99 -10.77 9.05
N ALA A 92 -8.27 -10.86 9.33
CA ALA A 92 -9.23 -11.50 8.42
C ALA A 92 -9.19 -10.85 7.05
N LEU A 93 -8.90 -9.55 7.02
CA LEU A 93 -8.83 -8.80 5.77
C LEU A 93 -7.70 -9.32 4.88
N LEU A 94 -6.57 -9.63 5.51
CA LEU A 94 -5.40 -10.14 4.78
C LEU A 94 -5.68 -11.51 4.19
N ARG A 95 -6.29 -12.38 4.99
CA ARG A 95 -6.61 -13.73 4.56
C ARG A 95 -7.47 -13.74 3.29
N THR A 96 -8.68 -13.21 3.42
CA THR A 96 -9.61 -13.16 2.28
C THR A 96 -9.01 -12.43 1.09
N PHE A 97 -8.12 -11.48 1.35
CA PHE A 97 -7.49 -10.70 0.30
C PHE A 97 -6.92 -11.61 -0.79
N SER A 98 -6.42 -12.77 -0.38
CA SER A 98 -5.85 -13.73 -1.31
C SER A 98 -6.53 -15.09 -1.21
N PHE A 99 -7.18 -15.35 -0.07
CA PHE A 99 -7.89 -16.61 0.17
C PHE A 99 -6.92 -17.70 0.64
N LEU A 100 -5.67 -17.62 0.21
CA LEU A 100 -4.65 -18.59 0.59
C LEU A 100 -3.35 -18.31 -0.14
N GLY A 101 -2.30 -18.14 0.63
CA GLY A 101 -1.00 -17.86 0.08
C GLY A 101 -0.38 -16.59 0.65
N PHE A 102 -1.21 -15.78 1.29
CA PHE A 102 -0.74 -14.52 1.88
C PHE A 102 0.11 -14.80 3.12
N GLU A 103 1.24 -14.12 3.22
CA GLU A 103 2.15 -14.29 4.36
C GLU A 103 2.08 -13.08 5.29
N ILE A 104 2.20 -13.34 6.59
CA ILE A 104 2.16 -12.28 7.58
C ILE A 104 3.53 -12.05 8.20
N VAL A 105 3.92 -10.78 8.33
CA VAL A 105 5.21 -10.43 8.90
C VAL A 105 5.05 -9.42 10.03
N ARG A 106 5.49 -9.80 11.23
CA ARG A 106 5.41 -8.92 12.39
C ARG A 106 6.76 -8.30 12.70
N PRO A 107 6.78 -7.25 13.56
CA PRO A 107 8.01 -6.57 13.94
C PRO A 107 9.08 -7.54 14.44
N GLY A 108 10.35 -7.13 14.32
CA GLY A 108 11.44 -7.97 14.76
C GLY A 108 11.98 -8.84 13.65
N HIS A 109 12.01 -8.30 12.44
CA HIS A 109 12.50 -9.03 11.28
C HIS A 109 13.65 -8.28 10.61
N PRO A 110 14.66 -8.99 10.10
CA PRO A 110 15.81 -8.38 9.44
C PRO A 110 15.43 -7.66 8.15
N LEU A 111 14.40 -8.19 7.47
CA LEU A 111 13.94 -7.60 6.23
C LEU A 111 12.99 -6.43 6.51
N VAL A 112 12.26 -6.52 7.62
CA VAL A 112 11.32 -5.47 8.01
C VAL A 112 11.76 -4.80 9.30
N PRO A 113 12.49 -3.67 9.20
CA PRO A 113 12.97 -2.93 10.37
C PRO A 113 11.84 -2.28 11.15
N LYS A 114 11.28 -3.03 12.10
CA LYS A 114 10.18 -2.52 12.93
C LYS A 114 10.33 -2.97 14.37
N ARG A 115 9.32 -2.70 15.19
CA ARG A 115 9.32 -3.09 16.60
C ARG A 115 8.21 -2.40 17.41
N PRO A 116 7.85 -1.14 17.10
CA PRO A 116 6.79 -0.42 17.83
C PRO A 116 5.41 -1.02 17.59
N ASP A 117 4.93 -0.89 16.36
CA ASP A 117 3.61 -1.42 15.99
C ASP A 117 3.33 -1.21 14.52
N ALA A 118 4.07 -1.94 13.69
CA ALA A 118 3.88 -1.87 12.26
C ALA A 118 3.69 -3.26 11.70
N CYS A 119 2.52 -3.47 11.13
CA CYS A 119 2.17 -4.76 10.54
C CYS A 119 2.47 -4.75 9.04
N PHE A 120 3.34 -5.65 8.61
CA PHE A 120 3.71 -5.74 7.21
C PHE A 120 3.16 -7.03 6.58
N MET A 121 2.33 -6.85 5.55
CA MET A 121 1.73 -7.99 4.86
C MET A 121 2.32 -8.12 3.46
N VAL A 122 2.72 -9.34 3.10
CA VAL A 122 3.32 -9.59 1.79
C VAL A 122 2.63 -10.74 1.07
N TYR A 123 2.13 -10.47 -0.14
CA TYR A 123 1.47 -11.49 -0.93
C TYR A 123 2.08 -11.56 -2.34
N THR A 124 2.63 -12.70 -2.69
CA THR A 124 3.25 -12.89 -4.00
C THR A 124 2.36 -13.71 -4.92
N LEU A 125 2.47 -13.48 -6.23
CA LEU A 125 1.67 -14.21 -7.21
C LEU A 125 2.54 -15.22 -7.96
N GLU A 126 3.81 -14.89 -8.12
CA GLU A 126 4.74 -15.76 -8.81
C GLU A 126 6.16 -15.57 -8.29
N ILE A 1 6.70 12.23 -14.71
CA ILE A 1 6.59 11.71 -13.35
C ILE A 1 5.37 12.28 -12.64
N LEU A 2 4.42 12.78 -13.41
CA LEU A 2 3.20 13.35 -12.86
C LEU A 2 1.98 12.74 -13.54
N TYR A 3 1.13 12.10 -12.73
CA TYR A 3 -0.07 11.46 -13.26
C TYR A 3 -1.31 11.94 -12.50
N SER A 4 -2.41 12.09 -13.22
CA SER A 4 -3.66 12.53 -12.61
C SER A 4 -4.82 11.70 -13.13
N ASP A 5 -5.79 11.47 -12.26
CA ASP A 5 -6.98 10.70 -12.60
C ASP A 5 -8.20 11.30 -11.92
N GLU A 6 -9.20 10.47 -11.66
CA GLU A 6 -10.42 10.92 -11.02
C GLU A 6 -10.18 11.35 -9.58
N ARG A 7 -9.81 12.61 -9.42
CA ARG A 7 -9.54 13.18 -8.10
C ARG A 7 -8.32 12.53 -7.47
N LEU A 8 -7.55 11.81 -8.29
CA LEU A 8 -6.34 11.15 -7.80
C LEU A 8 -5.13 11.56 -8.63
N ASN A 9 -4.09 12.02 -7.96
CA ASN A 9 -2.87 12.44 -8.64
C ASN A 9 -1.66 11.71 -8.08
N VAL A 10 -0.96 10.98 -8.94
CA VAL A 10 0.22 10.23 -8.53
C VAL A 10 1.45 10.64 -9.34
N THR A 11 2.53 10.98 -8.64
CA THR A 11 3.77 11.38 -9.29
C THR A 11 4.90 10.42 -8.94
N GLU A 12 5.81 10.21 -9.89
CA GLU A 12 6.94 9.31 -9.68
C GLU A 12 8.16 10.06 -9.18
N GLU A 13 8.85 9.50 -8.21
CA GLU A 13 10.05 10.12 -7.64
C GLU A 13 11.22 9.14 -7.63
N PRO A 14 12.35 9.51 -8.26
CA PRO A 14 13.54 8.66 -8.31
C PRO A 14 14.29 8.62 -6.98
N THR A 15 15.25 7.71 -6.88
CA THR A 15 16.04 7.56 -5.66
C THR A 15 17.53 7.48 -5.98
N SER A 16 17.87 6.63 -6.95
CA SER A 16 19.26 6.46 -7.36
C SER A 16 19.35 5.62 -8.62
N ASN A 17 18.55 4.56 -8.69
CA ASN A 17 18.55 3.68 -9.85
C ASN A 17 17.17 3.06 -10.06
N ASP A 18 17.04 2.25 -11.10
CA ASP A 18 15.77 1.60 -11.41
C ASP A 18 15.32 0.71 -10.26
N LYS A 19 16.27 0.06 -9.60
CA LYS A 19 15.97 -0.81 -8.47
C LYS A 19 15.44 -0.02 -7.29
N THR A 20 14.23 -0.34 -6.85
CA THR A 20 13.60 0.35 -5.73
C THR A 20 13.39 1.82 -6.04
N ARG A 21 12.14 2.25 -6.07
CA ARG A 21 11.79 3.63 -6.36
C ARG A 21 10.79 4.18 -5.35
N VAL A 22 10.50 5.47 -5.43
CA VAL A 22 9.56 6.10 -4.52
C VAL A 22 8.51 6.90 -5.29
N LEU A 23 7.26 6.73 -4.89
CA LEU A 23 6.15 7.42 -5.54
C LEU A 23 5.16 7.94 -4.50
N SER A 24 4.49 9.04 -4.82
CA SER A 24 3.52 9.63 -3.91
C SER A 24 2.13 9.64 -4.54
N ILE A 25 1.14 9.27 -3.75
CA ILE A 25 -0.24 9.22 -4.22
C ILE A 25 -1.15 10.06 -3.34
N GLN A 26 -1.79 11.06 -3.93
CA GLN A 26 -2.69 11.95 -3.20
C GLN A 26 -4.13 11.64 -3.59
N CYS A 27 -4.97 11.46 -2.58
CA CYS A 27 -6.38 11.14 -2.81
C CYS A 27 -7.28 12.16 -2.14
N THR A 28 -8.09 12.85 -2.94
CA THR A 28 -9.02 13.85 -2.44
C THR A 28 -10.43 13.30 -2.37
N LEU A 29 -11.01 13.27 -1.17
CA LEU A 29 -12.37 12.77 -0.99
C LEU A 29 -12.82 12.89 0.46
N THR A 30 -12.13 12.16 1.35
CA THR A 30 -12.45 12.14 2.79
C THR A 30 -13.15 13.41 3.25
N GLU A 31 -14.49 13.37 3.26
CA GLU A 31 -15.31 14.50 3.69
C GLU A 31 -14.77 15.81 3.12
N ALA A 32 -14.44 15.79 1.83
CA ALA A 32 -13.91 16.98 1.17
C ALA A 32 -12.51 17.29 1.71
N LYS A 33 -11.75 16.23 1.95
CA LYS A 33 -10.39 16.39 2.47
C LYS A 33 -9.47 15.34 1.86
N GLN A 34 -8.40 15.82 1.24
CA GLN A 34 -7.43 14.93 0.60
C GLN A 34 -6.28 14.60 1.53
N VAL A 35 -5.88 13.33 1.54
CA VAL A 35 -4.78 12.87 2.37
C VAL A 35 -3.56 12.56 1.53
N THR A 36 -2.39 12.97 2.03
CA THR A 36 -1.15 12.70 1.34
C THR A 36 -0.68 11.30 1.70
N TRP A 37 -0.57 10.44 0.69
CA TRP A 37 -0.18 9.07 0.92
C TRP A 37 1.22 8.77 0.42
N ARG A 38 1.85 7.78 1.04
CA ARG A 38 3.20 7.38 0.68
C ARG A 38 3.24 5.93 0.20
N ALA A 39 3.74 5.74 -1.01
CA ALA A 39 3.85 4.40 -1.58
C ALA A 39 5.21 4.23 -2.27
N VAL A 40 5.66 2.99 -2.40
CA VAL A 40 6.94 2.72 -3.03
C VAL A 40 6.91 1.40 -3.81
N TRP A 41 7.96 1.16 -4.58
CA TRP A 41 8.06 -0.05 -5.38
C TRP A 41 9.34 -0.81 -5.05
N ASN A 42 9.22 -2.13 -4.87
CA ASN A 42 10.38 -2.95 -4.55
C ASN A 42 10.46 -4.14 -5.50
N GLY A 43 11.63 -4.73 -5.61
CA GLY A 43 11.80 -5.87 -6.48
C GLY A 43 11.09 -7.10 -5.97
N GLY A 44 10.20 -7.65 -6.79
CA GLY A 44 9.47 -8.83 -6.39
C GLY A 44 8.05 -8.53 -5.95
N GLY A 45 7.78 -7.26 -5.64
CA GLY A 45 6.43 -6.90 -5.21
C GLY A 45 6.26 -5.41 -4.96
N LEU A 46 5.04 -5.04 -4.58
CA LEU A 46 4.69 -3.65 -4.32
C LEU A 46 4.69 -3.35 -2.83
N TYR A 47 5.03 -2.12 -2.48
CA TYR A 47 5.07 -1.69 -1.08
C TYR A 47 4.08 -0.55 -0.84
N ILE A 48 3.30 -0.65 0.24
CA ILE A 48 2.32 0.38 0.56
C ILE A 48 2.45 0.84 2.01
N GLU A 49 2.54 2.15 2.20
CA GLU A 49 2.66 2.72 3.54
C GLU A 49 1.41 3.50 3.91
N LEU A 50 0.75 3.08 4.99
CA LEU A 50 -0.47 3.75 5.45
C LEU A 50 -0.24 4.42 6.80
N PRO A 51 0.51 5.54 6.82
CA PRO A 51 0.79 6.27 8.06
C PRO A 51 -0.46 6.92 8.65
N ALA A 52 -1.44 7.20 7.80
CA ALA A 52 -2.68 7.82 8.24
C ALA A 52 -3.57 6.83 8.98
N GLY A 53 -3.07 6.32 10.11
CA GLY A 53 -3.83 5.36 10.89
C GLY A 53 -4.28 4.16 10.08
N PRO A 54 -5.18 3.32 10.63
CA PRO A 54 -5.68 2.14 9.93
C PRO A 54 -6.62 2.49 8.78
N LEU A 55 -7.31 1.48 8.25
CA LEU A 55 -8.24 1.69 7.16
C LEU A 55 -9.65 1.24 7.54
N PRO A 56 -10.43 2.13 8.20
CA PRO A 56 -11.80 1.82 8.62
C PRO A 56 -12.76 1.67 7.44
N GLU A 57 -14.04 1.62 7.73
CA GLU A 57 -15.07 1.48 6.70
C GLU A 57 -15.02 2.66 5.73
N GLY A 58 -14.72 3.84 6.26
CA GLY A 58 -14.64 5.02 5.43
C GLY A 58 -13.54 4.94 4.38
N SER A 59 -13.73 5.65 3.27
CA SER A 59 -12.75 5.65 2.19
C SER A 59 -12.57 4.24 1.63
N LYS A 60 -13.65 3.48 1.59
CA LYS A 60 -13.61 2.11 1.08
C LYS A 60 -13.43 2.11 -0.45
N ASP A 61 -14.39 2.71 -1.14
CA ASP A 61 -14.34 2.78 -2.60
C ASP A 61 -13.09 3.51 -3.07
N SER A 62 -12.63 4.46 -2.26
CA SER A 62 -11.44 5.25 -2.59
C SER A 62 -10.22 4.33 -2.77
N PHE A 63 -9.89 3.60 -1.72
CA PHE A 63 -8.75 2.69 -1.76
C PHE A 63 -8.94 1.61 -2.82
N ALA A 64 -10.21 1.25 -3.06
CA ALA A 64 -10.53 0.22 -4.05
C ALA A 64 -10.02 0.62 -5.44
N ALA A 65 -10.46 1.77 -5.91
CA ALA A 65 -10.05 2.26 -7.24
C ALA A 65 -8.54 2.48 -7.30
N LEU A 66 -7.96 2.95 -6.21
CA LEU A 66 -6.53 3.21 -6.15
C LEU A 66 -5.74 1.94 -6.47
N LEU A 67 -6.17 0.82 -5.89
CA LEU A 67 -5.50 -0.46 -6.11
C LEU A 67 -5.78 -0.98 -7.51
N GLU A 68 -6.94 -0.65 -8.05
CA GLU A 68 -7.32 -1.08 -9.39
C GLU A 68 -6.31 -0.61 -10.43
N PHE A 69 -6.13 0.69 -10.53
CA PHE A 69 -5.19 1.27 -11.50
C PHE A 69 -3.75 0.90 -11.16
N ALA A 70 -3.42 0.93 -9.88
CA ALA A 70 -2.07 0.60 -9.42
C ALA A 70 -1.59 -0.74 -9.98
N GLU A 71 -2.51 -1.70 -10.05
CA GLU A 71 -2.19 -3.03 -10.57
C GLU A 71 -2.26 -3.05 -12.09
N GLU A 72 -3.11 -2.20 -12.65
CA GLU A 72 -3.27 -2.13 -14.09
C GLU A 72 -1.96 -1.73 -14.77
N GLN A 73 -1.14 -0.96 -14.05
CA GLN A 73 0.15 -0.51 -14.59
C GLN A 73 1.28 -1.43 -14.14
N LEU A 74 1.44 -1.57 -12.81
CA LEU A 74 2.50 -2.40 -12.25
C LEU A 74 2.21 -3.88 -12.47
N ARG A 75 0.94 -4.26 -12.38
CA ARG A 75 0.55 -5.65 -12.57
C ARG A 75 1.32 -6.58 -11.63
N ALA A 76 1.79 -6.03 -10.51
CA ALA A 76 2.55 -6.81 -9.54
C ALA A 76 1.69 -7.89 -8.90
N ASP A 77 2.32 -8.72 -8.07
CA ASP A 77 1.61 -9.80 -7.39
C ASP A 77 1.71 -9.63 -5.87
N HIS A 78 2.91 -9.85 -5.34
CA HIS A 78 3.17 -9.73 -3.90
C HIS A 78 2.88 -8.32 -3.41
N VAL A 79 1.61 -7.97 -3.35
CA VAL A 79 1.21 -6.66 -2.87
C VAL A 79 1.12 -6.67 -1.35
N PHE A 80 1.91 -5.83 -0.70
CA PHE A 80 1.92 -5.77 0.75
C PHE A 80 1.68 -4.37 1.27
N ILE A 81 0.82 -4.27 2.28
CA ILE A 81 0.50 -2.99 2.89
C ILE A 81 0.77 -3.05 4.39
N CYS A 82 1.32 -1.97 4.94
CA CYS A 82 1.63 -1.92 6.36
C CYS A 82 0.88 -0.80 7.06
N PHE A 83 0.40 -1.08 8.27
CA PHE A 83 -0.34 -0.08 9.05
C PHE A 83 0.34 0.14 10.40
N PRO A 84 0.48 1.40 10.83
CA PRO A 84 1.11 1.75 12.11
C PRO A 84 0.16 1.57 13.29
N LYS A 85 -0.22 0.33 13.55
CA LYS A 85 -1.11 0.02 14.67
C LYS A 85 -1.04 -1.47 15.04
N ASN A 86 -1.97 -2.26 14.53
CA ASN A 86 -2.01 -3.69 14.80
C ASN A 86 -3.19 -4.34 14.12
N ARG A 87 -4.34 -3.66 14.18
CA ARG A 87 -5.56 -4.15 13.56
C ARG A 87 -5.86 -5.59 13.99
N GLU A 88 -6.75 -6.25 13.25
CA GLU A 88 -7.11 -7.62 13.56
C GLU A 88 -7.71 -8.31 12.33
N ASP A 89 -8.75 -7.69 11.76
CA ASP A 89 -9.40 -8.24 10.58
C ASP A 89 -8.43 -8.33 9.41
N ARG A 90 -7.36 -7.54 9.46
CA ARG A 90 -6.35 -7.54 8.40
C ARG A 90 -5.86 -8.94 8.11
N ALA A 91 -5.88 -9.80 9.12
CA ALA A 91 -5.43 -11.19 8.97
C ALA A 91 -6.24 -11.90 7.90
N ALA A 92 -7.57 -11.91 8.07
CA ALA A 92 -8.45 -12.56 7.12
C ALA A 92 -8.44 -11.85 5.78
N LEU A 93 -8.21 -10.54 5.80
CA LEU A 93 -8.17 -9.75 4.59
C LEU A 93 -7.12 -10.27 3.61
N LEU A 94 -5.86 -10.29 4.05
CA LEU A 94 -4.76 -10.77 3.22
C LEU A 94 -4.91 -12.26 2.92
N ARG A 95 -5.50 -12.99 3.87
CA ARG A 95 -5.70 -14.42 3.72
C ARG A 95 -6.53 -14.73 2.47
N THR A 96 -7.51 -13.88 2.20
CA THR A 96 -8.39 -14.06 1.05
C THR A 96 -7.76 -13.47 -0.22
N PHE A 97 -6.97 -12.42 -0.05
CA PHE A 97 -6.31 -11.76 -1.17
C PHE A 97 -5.55 -12.77 -2.01
N SER A 98 -5.03 -13.80 -1.36
CA SER A 98 -4.28 -14.84 -2.05
C SER A 98 -5.03 -16.17 -2.03
N PHE A 99 -5.82 -16.38 -0.97
CA PHE A 99 -6.60 -17.61 -0.83
C PHE A 99 -5.69 -18.84 -0.81
N LEU A 100 -4.41 -18.63 -0.51
CA LEU A 100 -3.45 -19.72 -0.46
C LEU A 100 -2.06 -19.21 -0.07
N GLY A 101 -1.48 -18.39 -0.94
CA GLY A 101 -0.16 -17.85 -0.67
C GLY A 101 -0.21 -16.60 0.19
N PHE A 102 -0.81 -16.72 1.37
CA PHE A 102 -0.92 -15.61 2.30
C PHE A 102 0.22 -15.63 3.31
N GLU A 103 1.02 -14.57 3.33
CA GLU A 103 2.15 -14.48 4.25
C GLU A 103 1.98 -13.31 5.21
N ILE A 104 2.36 -13.52 6.46
CA ILE A 104 2.24 -12.49 7.49
C ILE A 104 3.61 -12.13 8.07
N VAL A 105 3.83 -10.85 8.32
CA VAL A 105 5.09 -10.38 8.87
C VAL A 105 4.85 -9.51 10.11
N ARG A 106 5.42 -9.93 11.23
CA ARG A 106 5.27 -9.20 12.48
C ARG A 106 6.26 -8.04 12.56
N PRO A 107 6.01 -7.07 13.45
CA PRO A 107 6.89 -5.90 13.61
C PRO A 107 8.26 -6.28 14.17
N GLY A 108 9.17 -5.31 14.18
CA GLY A 108 10.51 -5.56 14.69
C GLY A 108 11.22 -6.67 13.95
N HIS A 109 12.17 -6.31 13.09
CA HIS A 109 12.92 -7.29 12.31
C HIS A 109 14.33 -7.47 12.89
N PRO A 110 14.80 -8.73 13.00
CA PRO A 110 16.12 -9.02 13.55
C PRO A 110 17.23 -8.26 12.82
N LEU A 111 17.04 -8.02 11.53
CA LEU A 111 18.01 -7.30 10.73
C LEU A 111 17.81 -5.79 10.82
N VAL A 112 16.54 -5.38 10.78
CA VAL A 112 16.20 -3.96 10.85
C VAL A 112 15.18 -3.69 11.96
N PRO A 113 15.39 -2.62 12.74
CA PRO A 113 14.49 -2.27 13.83
C PRO A 113 13.22 -1.58 13.33
N LYS A 114 12.07 -2.03 13.83
CA LYS A 114 10.79 -1.46 13.42
C LYS A 114 10.00 -0.97 14.64
N ARG A 115 8.74 -0.65 14.43
CA ARG A 115 7.88 -0.17 15.51
C ARG A 115 7.13 -1.32 16.16
N PRO A 116 6.82 -1.21 17.46
CA PRO A 116 6.10 -2.25 18.20
C PRO A 116 4.65 -2.39 17.76
N ASP A 117 4.18 -1.44 16.95
CA ASP A 117 2.82 -1.45 16.45
C ASP A 117 2.78 -1.32 14.95
N ALA A 118 3.50 -2.21 14.28
CA ALA A 118 3.53 -2.22 12.84
C ALA A 118 3.21 -3.61 12.33
N CYS A 119 2.11 -3.69 11.60
CA CYS A 119 1.63 -4.95 11.04
C CYS A 119 1.83 -4.96 9.53
N PHE A 120 2.61 -5.91 9.05
CA PHE A 120 2.88 -6.04 7.62
C PHE A 120 2.16 -7.24 7.02
N MET A 121 1.42 -7.02 5.94
CA MET A 121 0.71 -8.09 5.26
C MET A 121 1.12 -8.19 3.79
N VAL A 122 1.55 -9.39 3.38
CA VAL A 122 1.97 -9.59 2.00
C VAL A 122 1.29 -10.80 1.37
N TYR A 123 0.67 -10.58 0.21
CA TYR A 123 -0.01 -11.66 -0.52
C TYR A 123 0.35 -11.64 -2.00
N THR A 124 0.54 -12.81 -2.59
CA THR A 124 0.89 -12.91 -4.00
C THR A 124 -0.37 -12.96 -4.86
N LEU A 125 -0.18 -13.02 -6.18
CA LEU A 125 -1.30 -13.08 -7.11
C LEU A 125 -1.08 -14.15 -8.16
N GLU A 126 -0.35 -15.20 -7.79
CA GLU A 126 -0.06 -16.30 -8.70
C GLU A 126 0.17 -17.60 -7.93
N ILE A 1 7.34 11.01 -15.13
CA ILE A 1 6.00 10.56 -15.50
C ILE A 1 5.02 10.73 -14.36
N LEU A 2 4.23 11.80 -14.42
CA LEU A 2 3.24 12.08 -13.40
C LEU A 2 1.87 12.32 -14.03
N TYR A 3 0.92 11.48 -13.64
CA TYR A 3 -0.44 11.58 -14.16
C TYR A 3 -1.31 12.46 -13.25
N SER A 4 -2.22 13.21 -13.85
CA SER A 4 -3.10 14.08 -13.09
C SER A 4 -4.56 13.82 -13.46
N ASP A 5 -5.34 13.42 -12.46
CA ASP A 5 -6.75 13.15 -12.65
C ASP A 5 -7.55 13.83 -11.56
N GLU A 6 -8.64 14.45 -11.97
CA GLU A 6 -9.52 15.16 -11.04
C GLU A 6 -9.84 14.30 -9.82
N ARG A 7 -9.99 13.00 -10.04
CA ARG A 7 -10.29 12.07 -8.95
C ARG A 7 -9.04 11.69 -8.19
N LEU A 8 -7.88 11.85 -8.84
CA LEU A 8 -6.60 11.53 -8.21
C LEU A 8 -5.43 11.98 -9.09
N ASN A 9 -4.35 12.38 -8.43
CA ASN A 9 -3.16 12.83 -9.13
C ASN A 9 -1.94 12.02 -8.71
N VAL A 10 -1.27 11.40 -9.66
CA VAL A 10 -0.10 10.57 -9.37
C VAL A 10 1.17 11.13 -10.02
N THR A 11 2.31 10.88 -9.38
CA THR A 11 3.60 11.33 -9.88
C THR A 11 4.67 10.27 -9.64
N GLU A 12 5.85 10.46 -10.24
CA GLU A 12 6.93 9.50 -10.08
C GLU A 12 8.25 10.19 -9.81
N GLU A 13 9.12 9.52 -9.07
CA GLU A 13 10.44 10.07 -8.74
C GLU A 13 11.55 9.08 -9.12
N PRO A 14 12.45 9.48 -10.03
CA PRO A 14 13.56 8.62 -10.47
C PRO A 14 14.42 8.14 -9.31
N THR A 15 15.23 7.11 -9.57
CA THR A 15 16.11 6.56 -8.55
C THR A 15 17.04 7.63 -8.00
N SER A 16 16.71 8.15 -6.82
CA SER A 16 17.51 9.19 -6.18
C SER A 16 18.98 8.78 -6.09
N ASN A 17 19.23 7.55 -5.67
CA ASN A 17 20.59 7.05 -5.54
C ASN A 17 20.78 5.75 -6.33
N ASP A 18 19.98 5.59 -7.39
CA ASP A 18 20.07 4.39 -8.22
C ASP A 18 19.93 3.13 -7.39
N LYS A 19 18.71 2.58 -7.35
CA LYS A 19 18.44 1.36 -6.59
C LYS A 19 16.96 0.98 -6.71
N THR A 20 16.09 1.94 -6.47
CA THR A 20 14.65 1.70 -6.53
C THR A 20 13.94 2.94 -7.08
N ARG A 21 12.61 2.89 -7.10
CA ARG A 21 11.82 4.01 -7.60
C ARG A 21 10.89 4.54 -6.51
N VAL A 22 10.38 5.75 -6.70
CA VAL A 22 9.48 6.36 -5.73
C VAL A 22 8.23 6.91 -6.42
N LEU A 23 7.08 6.53 -5.91
CA LEU A 23 5.80 6.97 -6.47
C LEU A 23 4.92 7.59 -5.40
N SER A 24 4.22 8.66 -5.76
CA SER A 24 3.33 9.35 -4.84
C SER A 24 1.94 9.46 -5.44
N ILE A 25 0.93 9.08 -4.66
CA ILE A 25 -0.45 9.13 -5.13
C ILE A 25 -1.34 9.90 -4.15
N GLN A 26 -1.93 10.98 -4.63
CA GLN A 26 -2.81 11.81 -3.82
C GLN A 26 -4.26 11.51 -4.17
N CYS A 27 -5.06 11.16 -3.17
CA CYS A 27 -6.46 10.84 -3.39
C CYS A 27 -7.36 11.74 -2.55
N THR A 28 -8.20 12.49 -3.24
CA THR A 28 -9.13 13.39 -2.57
C THR A 28 -10.52 12.77 -2.50
N LEU A 29 -11.02 12.58 -1.28
CA LEU A 29 -12.34 11.99 -1.07
C LEU A 29 -12.67 11.92 0.42
N THR A 30 -12.10 10.91 1.10
CA THR A 30 -12.31 10.70 2.53
C THR A 30 -13.65 11.24 3.00
N GLU A 31 -14.69 11.00 2.21
CA GLU A 31 -16.03 11.48 2.54
C GLU A 31 -16.11 13.00 2.31
N ALA A 32 -15.14 13.72 2.87
CA ALA A 32 -15.08 15.16 2.72
C ALA A 32 -13.67 15.67 3.00
N LYS A 33 -12.67 14.87 2.64
CA LYS A 33 -11.28 15.23 2.86
C LYS A 33 -10.39 14.52 1.84
N GLN A 34 -9.11 14.77 1.96
CA GLN A 34 -8.11 14.16 1.07
C GLN A 34 -6.90 13.68 1.85
N VAL A 35 -6.29 12.59 1.39
CA VAL A 35 -5.11 12.04 2.06
C VAL A 35 -3.94 11.88 1.09
N THR A 36 -2.76 12.30 1.54
CA THR A 36 -1.57 12.16 0.73
C THR A 36 -0.98 10.79 0.98
N TRP A 37 -0.88 10.00 -0.08
CA TRP A 37 -0.37 8.64 0.04
C TRP A 37 1.04 8.50 -0.50
N ARG A 38 1.77 7.56 0.10
CA ARG A 38 3.15 7.31 -0.30
C ARG A 38 3.36 5.83 -0.61
N ALA A 39 3.84 5.56 -1.81
CA ALA A 39 4.10 4.19 -2.24
C ALA A 39 5.47 4.07 -2.89
N VAL A 40 6.21 3.03 -2.52
CA VAL A 40 7.54 2.82 -3.06
C VAL A 40 7.59 1.57 -3.93
N TRP A 41 8.34 1.65 -5.02
CA TRP A 41 8.47 0.54 -5.95
C TRP A 41 9.79 -0.18 -5.73
N ASN A 42 9.72 -1.48 -5.45
CA ASN A 42 10.92 -2.29 -5.22
C ASN A 42 10.97 -3.49 -6.16
N GLY A 43 11.78 -3.38 -7.20
CA GLY A 43 11.91 -4.48 -8.15
C GLY A 43 10.62 -4.76 -8.90
N GLY A 44 10.27 -6.04 -8.99
CA GLY A 44 9.07 -6.43 -9.70
C GLY A 44 7.85 -6.50 -8.79
N GLY A 45 7.96 -5.90 -7.60
CA GLY A 45 6.86 -5.90 -6.66
C GLY A 45 6.52 -4.50 -6.18
N LEU A 46 5.24 -4.30 -5.85
CA LEU A 46 4.77 -3.00 -5.38
C LEU A 46 4.68 -2.95 -3.87
N TYR A 47 5.04 -1.81 -3.29
CA TYR A 47 4.99 -1.63 -1.85
C TYR A 47 4.21 -0.39 -1.47
N ILE A 48 3.36 -0.50 -0.45
CA ILE A 48 2.55 0.62 0.00
C ILE A 48 2.75 0.89 1.49
N GLU A 49 2.98 2.16 1.82
CA GLU A 49 3.20 2.56 3.21
C GLU A 49 2.10 3.49 3.68
N LEU A 50 1.38 3.07 4.72
CA LEU A 50 0.29 3.87 5.28
C LEU A 50 0.81 4.85 6.33
N PRO A 51 0.86 6.15 6.00
CA PRO A 51 1.35 7.18 6.93
C PRO A 51 0.42 7.34 8.13
N ALA A 52 1.00 7.52 9.31
CA ALA A 52 0.23 7.70 10.53
C ALA A 52 -0.63 6.47 10.81
N GLY A 53 -1.37 6.50 11.91
CA GLY A 53 -2.24 5.40 12.28
C GLY A 53 -3.66 5.59 11.82
N PRO A 54 -4.54 6.11 12.69
CA PRO A 54 -5.95 6.34 12.35
C PRO A 54 -6.11 7.17 11.08
N LEU A 55 -6.96 6.69 10.17
CA LEU A 55 -7.20 7.39 8.92
C LEU A 55 -8.40 6.78 8.18
N PRO A 56 -8.30 5.51 7.76
CA PRO A 56 -9.38 4.83 7.04
C PRO A 56 -10.60 4.59 7.93
N GLU A 57 -11.62 5.41 7.75
CA GLU A 57 -12.85 5.28 8.52
C GLU A 57 -13.92 4.53 7.75
N GLY A 58 -13.49 3.61 6.88
CA GLY A 58 -14.42 2.83 6.09
C GLY A 58 -14.07 2.84 4.61
N SER A 59 -12.78 2.69 4.31
CA SER A 59 -12.33 2.69 2.92
C SER A 59 -12.07 1.27 2.45
N LYS A 60 -13.14 0.57 2.06
CA LYS A 60 -13.04 -0.80 1.59
C LYS A 60 -13.05 -0.84 0.06
N ASP A 61 -14.16 -0.42 -0.53
CA ASP A 61 -14.30 -0.42 -1.99
C ASP A 61 -13.34 0.59 -2.62
N SER A 62 -13.11 1.70 -1.93
CA SER A 62 -12.22 2.73 -2.42
C SER A 62 -10.80 2.20 -2.59
N PHE A 63 -10.30 1.50 -1.56
CA PHE A 63 -8.96 0.93 -1.59
C PHE A 63 -8.86 -0.15 -2.66
N ALA A 64 -9.95 -0.90 -2.83
CA ALA A 64 -9.98 -1.99 -3.81
C ALA A 64 -9.71 -1.46 -5.22
N ALA A 65 -10.49 -0.47 -5.64
CA ALA A 65 -10.33 0.12 -6.96
C ALA A 65 -8.97 0.80 -7.12
N LEU A 66 -8.46 1.35 -6.02
CA LEU A 66 -7.17 2.02 -6.04
C LEU A 66 -6.05 1.06 -6.43
N LEU A 67 -5.78 0.08 -5.57
CA LEU A 67 -4.73 -0.89 -5.82
C LEU A 67 -4.95 -1.60 -7.16
N GLU A 68 -6.20 -1.72 -7.56
CA GLU A 68 -6.55 -2.39 -8.82
C GLU A 68 -5.92 -1.65 -10.01
N PHE A 69 -6.08 -0.32 -10.03
CA PHE A 69 -5.53 0.49 -11.11
C PHE A 69 -4.01 0.48 -11.09
N ALA A 70 -3.43 0.70 -9.92
CA ALA A 70 -1.98 0.74 -9.77
C ALA A 70 -1.34 -0.52 -10.33
N GLU A 71 -2.03 -1.66 -10.19
CA GLU A 71 -1.52 -2.92 -10.69
C GLU A 71 -1.71 -3.04 -12.20
N GLU A 72 -2.80 -2.47 -12.70
CA GLU A 72 -3.10 -2.50 -14.13
C GLU A 72 -1.99 -1.86 -14.94
N GLN A 73 -1.41 -0.79 -14.40
CA GLN A 73 -0.33 -0.07 -15.08
C GLN A 73 1.02 -0.71 -14.79
N LEU A 74 1.43 -0.67 -13.52
CA LEU A 74 2.70 -1.23 -13.11
C LEU A 74 2.78 -2.73 -13.45
N ARG A 75 1.63 -3.39 -13.45
CA ARG A 75 1.58 -4.82 -13.75
C ARG A 75 2.39 -5.62 -12.73
N ALA A 76 2.62 -5.02 -11.57
CA ALA A 76 3.38 -5.67 -10.51
C ALA A 76 2.75 -7.01 -10.11
N ASP A 77 3.53 -7.84 -9.44
CA ASP A 77 3.05 -9.15 -9.00
C ASP A 77 2.61 -9.09 -7.53
N HIS A 78 3.54 -9.34 -6.62
CA HIS A 78 3.23 -9.30 -5.20
C HIS A 78 3.09 -7.88 -4.69
N VAL A 79 1.90 -7.59 -4.16
CA VAL A 79 1.61 -6.27 -3.61
C VAL A 79 1.62 -6.36 -2.09
N PHE A 80 2.40 -5.50 -1.45
CA PHE A 80 2.50 -5.52 0.01
C PHE A 80 1.92 -4.25 0.61
N ILE A 81 0.91 -4.43 1.44
CA ILE A 81 0.27 -3.30 2.11
C ILE A 81 0.61 -3.33 3.59
N CYS A 82 1.25 -2.27 4.08
CA CYS A 82 1.63 -2.20 5.49
C CYS A 82 0.95 -1.03 6.19
N PHE A 83 0.32 -1.32 7.32
CA PHE A 83 -0.38 -0.30 8.09
C PHE A 83 0.23 -0.18 9.50
N PRO A 84 0.74 1.01 9.87
CA PRO A 84 1.34 1.24 11.17
C PRO A 84 0.31 1.63 12.23
N LYS A 85 -0.75 0.85 12.34
CA LYS A 85 -1.80 1.12 13.31
C LYS A 85 -1.67 0.19 14.53
N ASN A 86 -2.53 -0.83 14.61
CA ASN A 86 -2.49 -1.77 15.74
C ASN A 86 -3.63 -2.78 15.64
N ARG A 87 -4.80 -2.30 15.23
CA ARG A 87 -5.97 -3.16 15.09
C ARG A 87 -5.67 -4.38 14.21
N GLU A 88 -6.25 -5.51 14.57
CA GLU A 88 -6.05 -6.74 13.81
C GLU A 88 -6.96 -6.78 12.59
N ASP A 89 -6.69 -5.90 11.63
CA ASP A 89 -7.48 -5.83 10.41
C ASP A 89 -6.81 -6.63 9.28
N ARG A 90 -5.49 -6.73 9.35
CA ARG A 90 -4.73 -7.46 8.34
C ARG A 90 -5.21 -8.91 8.23
N ALA A 91 -5.51 -9.52 9.38
CA ALA A 91 -5.98 -10.90 9.41
C ALA A 91 -7.25 -11.07 8.57
N ALA A 92 -8.23 -10.21 8.80
CA ALA A 92 -9.49 -10.27 8.07
C ALA A 92 -9.28 -10.03 6.58
N LEU A 93 -8.30 -9.18 6.25
CA LEU A 93 -8.00 -8.87 4.86
C LEU A 93 -7.44 -10.09 4.13
N LEU A 94 -6.73 -10.93 4.87
CA LEU A 94 -6.14 -12.14 4.29
C LEU A 94 -7.18 -13.25 4.15
N ARG A 95 -8.16 -13.26 5.05
CA ARG A 95 -9.21 -14.27 5.04
C ARG A 95 -10.22 -14.03 3.91
N THR A 96 -10.39 -12.77 3.55
CA THR A 96 -11.34 -12.40 2.51
C THR A 96 -10.71 -12.45 1.12
N PHE A 97 -9.64 -11.68 0.94
CA PHE A 97 -8.94 -11.61 -0.35
C PHE A 97 -8.72 -13.00 -0.94
N SER A 98 -8.64 -14.02 -0.09
CA SER A 98 -8.42 -15.38 -0.57
C SER A 98 -8.67 -16.43 0.51
N PHE A 99 -8.78 -16.01 1.77
CA PHE A 99 -9.03 -16.94 2.88
C PHE A 99 -7.74 -17.65 3.32
N LEU A 100 -6.79 -17.80 2.40
CA LEU A 100 -5.52 -18.45 2.69
C LEU A 100 -4.69 -18.57 1.43
N GLY A 101 -3.47 -18.11 1.52
CA GLY A 101 -2.55 -18.15 0.40
C GLY A 101 -1.55 -17.02 0.45
N PHE A 102 -1.87 -15.98 1.21
CA PHE A 102 -0.99 -14.82 1.34
C PHE A 102 -0.09 -14.97 2.57
N GLU A 103 1.05 -14.28 2.54
CA GLU A 103 2.00 -14.33 3.65
C GLU A 103 1.81 -13.15 4.58
N ILE A 104 2.08 -13.36 5.87
CA ILE A 104 1.94 -12.31 6.86
C ILE A 104 3.18 -12.20 7.73
N VAL A 105 3.56 -10.96 8.05
CA VAL A 105 4.74 -10.71 8.88
C VAL A 105 4.39 -9.80 10.06
N ARG A 106 4.59 -10.31 11.27
CA ARG A 106 4.31 -9.57 12.48
C ARG A 106 5.61 -9.18 13.19
N PRO A 107 5.54 -8.29 14.20
CA PRO A 107 6.71 -7.84 14.96
C PRO A 107 7.64 -9.00 15.33
N GLY A 108 8.77 -9.07 14.63
CA GLY A 108 9.73 -10.14 14.90
C GLY A 108 10.61 -10.43 13.70
N HIS A 109 11.09 -9.38 13.04
CA HIS A 109 11.95 -9.53 11.88
C HIS A 109 13.42 -9.45 12.27
N PRO A 110 14.27 -10.31 11.69
CA PRO A 110 15.71 -10.31 11.99
C PRO A 110 16.39 -9.01 11.59
N LEU A 111 15.77 -8.28 10.66
CA LEU A 111 16.32 -7.01 10.19
C LEU A 111 15.76 -5.84 11.00
N VAL A 112 14.53 -6.01 11.49
CA VAL A 112 13.89 -4.97 12.28
C VAL A 112 12.96 -5.56 13.34
N PRO A 113 13.54 -6.18 14.39
CA PRO A 113 12.76 -6.80 15.47
C PRO A 113 12.00 -5.77 16.30
N LYS A 114 11.01 -5.13 15.67
CA LYS A 114 10.22 -4.12 16.36
C LYS A 114 9.10 -3.59 15.47
N ARG A 115 7.88 -4.08 15.68
CA ARG A 115 6.74 -3.65 14.90
C ARG A 115 5.44 -3.97 15.64
N PRO A 116 5.34 -3.59 16.92
CA PRO A 116 4.14 -3.84 17.74
C PRO A 116 2.91 -3.22 17.12
N ASP A 117 3.10 -2.14 16.39
CA ASP A 117 1.99 -1.45 15.73
C ASP A 117 2.22 -1.36 14.24
N ALA A 118 3.02 -2.29 13.71
CA ALA A 118 3.27 -2.33 12.29
C ALA A 118 2.98 -3.71 11.76
N CYS A 119 2.02 -3.77 10.87
CA CYS A 119 1.60 -5.01 10.25
C CYS A 119 1.98 -5.03 8.77
N PHE A 120 2.80 -6.00 8.39
CA PHE A 120 3.25 -6.12 7.00
C PHE A 120 2.56 -7.30 6.31
N MET A 121 1.84 -7.01 5.24
CA MET A 121 1.14 -8.06 4.49
C MET A 121 1.66 -8.14 3.06
N VAL A 122 2.10 -9.33 2.64
CA VAL A 122 2.62 -9.51 1.29
C VAL A 122 1.94 -10.67 0.57
N TYR A 123 1.31 -10.37 -0.57
CA TYR A 123 0.63 -11.39 -1.36
C TYR A 123 1.08 -11.36 -2.81
N THR A 124 1.64 -12.48 -3.29
CA THR A 124 2.11 -12.57 -4.67
C THR A 124 0.96 -12.94 -5.61
N LEU A 125 1.14 -12.67 -6.89
CA LEU A 125 0.13 -12.97 -7.89
C LEU A 125 0.44 -14.27 -8.62
N GLU A 126 1.09 -15.19 -7.91
CA GLU A 126 1.46 -16.47 -8.50
C GLU A 126 2.12 -17.38 -7.45
N ILE A 1 6.63 11.51 -14.01
CA ILE A 1 5.27 11.65 -14.52
C ILE A 1 4.24 11.50 -13.40
N LEU A 2 3.20 12.32 -13.46
CA LEU A 2 2.13 12.29 -12.47
C LEU A 2 0.77 12.16 -13.15
N TYR A 3 0.06 11.08 -12.85
CA TYR A 3 -1.25 10.84 -13.42
C TYR A 3 -2.34 11.03 -12.38
N SER A 4 -3.48 11.56 -12.81
CA SER A 4 -4.61 11.78 -11.90
C SER A 4 -5.87 11.15 -12.45
N ASP A 5 -6.44 10.24 -11.69
CA ASP A 5 -7.65 9.55 -12.09
C ASP A 5 -8.82 10.00 -11.22
N GLU A 6 -9.84 9.13 -11.11
CA GLU A 6 -11.04 9.40 -10.32
C GLU A 6 -10.88 10.59 -9.38
N ARG A 7 -10.09 10.40 -8.32
CA ARG A 7 -9.85 11.45 -7.35
C ARG A 7 -8.52 11.25 -6.65
N LEU A 8 -7.53 10.79 -7.42
CA LEU A 8 -6.19 10.54 -6.89
C LEU A 8 -5.12 10.81 -7.94
N ASN A 9 -4.02 11.40 -7.51
CA ASN A 9 -2.91 11.71 -8.40
C ASN A 9 -1.67 10.92 -8.01
N VAL A 10 -1.18 10.09 -8.92
CA VAL A 10 0.00 9.27 -8.67
C VAL A 10 1.17 9.72 -9.53
N THR A 11 2.31 10.00 -8.88
CA THR A 11 3.51 10.42 -9.59
C THR A 11 4.64 9.42 -9.39
N GLU A 12 5.60 9.42 -10.30
CA GLU A 12 6.73 8.50 -10.22
C GLU A 12 8.05 9.23 -10.47
N GLU A 13 9.07 8.86 -9.69
CA GLU A 13 10.39 9.49 -9.83
C GLU A 13 11.48 8.41 -9.90
N PRO A 14 12.43 8.56 -10.84
CA PRO A 14 13.52 7.59 -11.00
C PRO A 14 14.30 7.38 -9.70
N THR A 15 15.38 6.62 -9.79
CA THR A 15 16.21 6.33 -8.62
C THR A 15 16.93 7.60 -8.15
N SER A 16 16.34 8.26 -7.16
CA SER A 16 16.93 9.48 -6.61
C SER A 16 16.46 9.71 -5.17
N ASN A 17 16.20 8.61 -4.45
CA ASN A 17 15.74 8.70 -3.08
C ASN A 17 15.72 7.32 -2.43
N ASP A 18 15.17 6.34 -3.13
CA ASP A 18 15.09 4.98 -2.63
C ASP A 18 16.06 4.06 -3.36
N LYS A 19 16.03 2.78 -3.01
CA LYS A 19 16.91 1.80 -3.64
C LYS A 19 16.64 1.70 -5.14
N THR A 20 15.41 1.31 -5.50
CA THR A 20 15.03 1.19 -6.90
C THR A 20 14.36 2.47 -7.40
N ARG A 21 13.08 2.65 -7.07
CA ARG A 21 12.35 3.83 -7.50
C ARG A 21 11.47 4.36 -6.39
N VAL A 22 11.08 5.63 -6.50
CA VAL A 22 10.23 6.26 -5.50
C VAL A 22 8.91 6.70 -6.11
N LEU A 23 7.81 6.31 -5.48
CA LEU A 23 6.48 6.66 -5.95
C LEU A 23 5.66 7.34 -4.85
N SER A 24 4.79 8.25 -5.26
CA SER A 24 3.94 8.96 -4.31
C SER A 24 2.49 8.96 -4.78
N ILE A 25 1.58 8.68 -3.86
CA ILE A 25 0.16 8.65 -4.19
C ILE A 25 -0.64 9.53 -3.25
N GLN A 26 -1.33 10.53 -3.81
CA GLN A 26 -2.13 11.44 -3.01
C GLN A 26 -3.61 11.17 -3.23
N CYS A 27 -4.36 11.05 -2.15
CA CYS A 27 -5.78 10.79 -2.24
C CYS A 27 -6.58 11.87 -1.54
N THR A 28 -7.52 12.45 -2.25
CA THR A 28 -8.36 13.51 -1.71
C THR A 28 -9.81 13.07 -1.62
N LEU A 29 -10.39 13.14 -0.42
CA LEU A 29 -11.77 12.74 -0.20
C LEU A 29 -12.20 12.96 1.24
N THR A 30 -11.60 12.20 2.15
CA THR A 30 -11.91 12.26 3.59
C THR A 30 -12.51 13.60 4.00
N GLU A 31 -13.84 13.69 3.95
CA GLU A 31 -14.55 14.91 4.33
C GLU A 31 -13.83 16.15 3.81
N ALA A 32 -13.43 16.09 2.54
CA ALA A 32 -12.71 17.19 1.91
C ALA A 32 -11.31 17.30 2.49
N LYS A 33 -10.69 16.15 2.73
CA LYS A 33 -9.35 16.09 3.29
C LYS A 33 -8.53 14.99 2.63
N GLN A 34 -7.42 15.38 2.05
CA GLN A 34 -6.53 14.44 1.36
C GLN A 34 -5.32 14.08 2.22
N VAL A 35 -4.83 12.86 2.05
CA VAL A 35 -3.66 12.39 2.78
C VAL A 35 -2.53 12.09 1.81
N THR A 36 -1.31 12.48 2.20
CA THR A 36 -0.14 12.22 1.39
C THR A 36 0.36 10.83 1.70
N TRP A 37 0.38 9.97 0.69
CA TRP A 37 0.81 8.60 0.88
C TRP A 37 2.17 8.33 0.28
N ARG A 38 2.89 7.39 0.89
CA ARG A 38 4.22 7.04 0.42
C ARG A 38 4.30 5.58 -0.01
N ALA A 39 4.79 5.36 -1.22
CA ALA A 39 4.94 4.02 -1.77
C ALA A 39 6.30 3.87 -2.44
N VAL A 40 6.87 2.68 -2.31
CA VAL A 40 8.18 2.39 -2.91
C VAL A 40 8.06 1.30 -3.97
N TRP A 41 8.70 1.51 -5.10
CA TRP A 41 8.66 0.55 -6.19
C TRP A 41 9.95 -0.26 -6.26
N ASN A 42 9.82 -1.57 -6.41
CA ASN A 42 10.98 -2.45 -6.49
C ASN A 42 10.87 -3.35 -7.71
N GLY A 43 11.99 -3.89 -8.16
CA GLY A 43 11.98 -4.76 -9.30
C GLY A 43 11.30 -6.09 -9.03
N GLY A 44 10.28 -6.40 -9.82
CA GLY A 44 9.56 -7.65 -9.65
C GLY A 44 8.30 -7.51 -8.82
N GLY A 45 8.11 -6.36 -8.19
CA GLY A 45 6.92 -6.16 -7.39
C GLY A 45 6.77 -4.75 -6.85
N LEU A 46 5.60 -4.46 -6.28
CA LEU A 46 5.30 -3.14 -5.73
C LEU A 46 5.27 -3.18 -4.21
N TYR A 47 5.51 -2.02 -3.60
CA TYR A 47 5.49 -1.92 -2.14
C TYR A 47 4.72 -0.69 -1.68
N ILE A 48 3.99 -0.83 -0.59
CA ILE A 48 3.20 0.28 -0.04
C ILE A 48 3.43 0.42 1.46
N GLU A 49 3.63 1.65 1.92
CA GLU A 49 3.86 1.90 3.33
C GLU A 49 2.89 2.93 3.89
N LEU A 50 2.11 2.51 4.89
CA LEU A 50 1.13 3.40 5.51
C LEU A 50 1.78 4.18 6.66
N PRO A 51 1.63 5.51 6.68
CA PRO A 51 2.21 6.36 7.73
C PRO A 51 1.86 5.87 9.13
N ALA A 52 0.57 5.88 9.45
CA ALA A 52 0.11 5.43 10.77
C ALA A 52 -1.41 5.44 10.85
N GLY A 53 -1.94 5.01 11.98
CA GLY A 53 -3.38 4.97 12.17
C GLY A 53 -4.04 3.90 11.33
N PRO A 54 -5.06 3.20 11.87
CA PRO A 54 -5.76 2.14 11.14
C PRO A 54 -6.62 2.69 10.01
N LEU A 55 -5.97 3.33 9.03
CA LEU A 55 -6.67 3.90 7.88
C LEU A 55 -7.74 4.89 8.34
N PRO A 56 -7.34 5.93 9.10
CA PRO A 56 -8.27 6.94 9.59
C PRO A 56 -8.80 7.83 8.47
N GLU A 57 -9.53 7.23 7.54
CA GLU A 57 -10.09 7.95 6.41
C GLU A 57 -11.56 7.60 6.22
N GLY A 58 -11.86 6.31 6.18
CA GLY A 58 -13.22 5.86 5.99
C GLY A 58 -13.58 5.66 4.53
N SER A 59 -12.57 5.35 3.71
CA SER A 59 -12.78 5.14 2.29
C SER A 59 -12.23 3.79 1.86
N LYS A 60 -13.00 2.73 2.06
CA LYS A 60 -12.58 1.38 1.69
C LYS A 60 -12.52 1.24 0.18
N ASP A 61 -13.59 1.66 -0.51
CA ASP A 61 -13.65 1.57 -1.96
C ASP A 61 -12.52 2.36 -2.60
N SER A 62 -12.08 3.42 -1.93
CA SER A 62 -11.00 4.26 -2.44
C SER A 62 -9.73 3.44 -2.64
N PHE A 63 -9.31 2.75 -1.58
CA PHE A 63 -8.10 1.94 -1.64
C PHE A 63 -8.25 0.81 -2.65
N ALA A 64 -9.44 0.25 -2.74
CA ALA A 64 -9.72 -0.84 -3.68
C ALA A 64 -9.39 -0.43 -5.10
N ALA A 65 -9.92 0.70 -5.53
CA ALA A 65 -9.69 1.21 -6.88
C ALA A 65 -8.21 1.54 -7.09
N LEU A 66 -7.57 2.05 -6.05
CA LEU A 66 -6.16 2.41 -6.13
C LEU A 66 -5.30 1.20 -6.49
N LEU A 67 -5.27 0.21 -5.59
CA LEU A 67 -4.48 -1.00 -5.82
C LEU A 67 -4.85 -1.67 -7.13
N GLU A 68 -6.11 -1.50 -7.54
CA GLU A 68 -6.58 -2.11 -8.79
C GLU A 68 -5.90 -1.47 -10.01
N PHE A 69 -5.63 -0.17 -9.92
CA PHE A 69 -4.98 0.54 -11.00
C PHE A 69 -3.51 0.17 -11.13
N ALA A 70 -2.79 0.22 -10.01
CA ALA A 70 -1.38 -0.11 -10.00
C ALA A 70 -1.14 -1.55 -10.46
N GLU A 71 -2.10 -2.42 -10.20
CA GLU A 71 -1.99 -3.82 -10.59
C GLU A 71 -2.13 -3.99 -12.10
N GLU A 72 -3.19 -3.41 -12.65
CA GLU A 72 -3.45 -3.51 -14.08
C GLU A 72 -2.29 -2.94 -14.89
N GLN A 73 -1.60 -1.97 -14.32
CA GLN A 73 -0.46 -1.33 -14.98
C GLN A 73 0.77 -2.23 -14.95
N LEU A 74 1.39 -2.33 -13.77
CA LEU A 74 2.59 -3.16 -13.62
C LEU A 74 2.26 -4.64 -13.69
N ARG A 75 1.19 -5.04 -13.02
CA ARG A 75 0.76 -6.43 -13.01
C ARG A 75 1.84 -7.33 -12.42
N ALA A 76 2.69 -6.76 -11.57
CA ALA A 76 3.77 -7.50 -10.94
C ALA A 76 3.24 -8.75 -10.24
N ASP A 77 4.15 -9.62 -9.82
CA ASP A 77 3.78 -10.86 -9.13
C ASP A 77 4.37 -10.89 -7.73
N HIS A 78 4.13 -9.82 -6.97
CA HIS A 78 4.62 -9.72 -5.60
C HIS A 78 4.45 -8.29 -5.08
N VAL A 79 3.48 -8.11 -4.22
CA VAL A 79 3.20 -6.81 -3.64
C VAL A 79 3.09 -6.89 -2.13
N PHE A 80 3.85 -6.05 -1.43
CA PHE A 80 3.83 -6.04 0.02
C PHE A 80 3.18 -4.76 0.54
N ILE A 81 2.09 -4.91 1.28
CA ILE A 81 1.39 -3.77 1.84
C ILE A 81 1.47 -3.78 3.35
N CYS A 82 2.05 -2.73 3.93
CA CYS A 82 2.20 -2.66 5.38
C CYS A 82 1.22 -1.67 6.01
N PHE A 83 0.47 -2.17 7.00
CA PHE A 83 -0.51 -1.36 7.71
C PHE A 83 -0.48 -1.68 9.20
N PRO A 84 -1.14 -0.85 10.03
CA PRO A 84 -1.19 -1.04 11.48
C PRO A 84 -1.81 -2.38 11.85
N LYS A 85 -2.36 -2.46 13.06
CA LYS A 85 -3.00 -3.69 13.53
C LYS A 85 -4.08 -3.37 14.57
N ASN A 86 -5.30 -3.18 14.11
CA ASN A 86 -6.42 -2.87 14.99
C ASN A 86 -7.02 -4.15 15.57
N ARG A 87 -7.98 -4.73 14.85
CA ARG A 87 -8.63 -5.96 15.30
C ARG A 87 -9.71 -6.40 14.32
N GLU A 88 -9.58 -7.60 13.79
CA GLU A 88 -10.55 -8.16 12.84
C GLU A 88 -10.50 -7.42 11.50
N ASP A 89 -10.82 -6.12 11.53
CA ASP A 89 -10.82 -5.30 10.31
C ASP A 89 -9.59 -5.58 9.45
N ARG A 90 -8.42 -5.57 10.06
CA ARG A 90 -7.18 -5.83 9.34
C ARG A 90 -7.08 -7.30 8.95
N ALA A 91 -7.57 -8.18 9.81
CA ALA A 91 -7.54 -9.62 9.56
C ALA A 91 -8.42 -9.99 8.37
N ALA A 92 -9.62 -9.45 8.34
CA ALA A 92 -10.56 -9.72 7.25
C ALA A 92 -10.04 -9.19 5.92
N LEU A 93 -9.47 -7.99 5.95
CA LEU A 93 -8.93 -7.36 4.74
C LEU A 93 -7.91 -8.27 4.07
N LEU A 94 -6.85 -8.59 4.79
CA LEU A 94 -5.79 -9.45 4.26
C LEU A 94 -6.34 -10.81 3.83
N ARG A 95 -7.40 -11.25 4.50
CA ARG A 95 -8.03 -12.53 4.20
C ARG A 95 -8.46 -12.60 2.74
N THR A 96 -9.41 -11.74 2.37
CA THR A 96 -9.91 -11.71 1.00
C THR A 96 -8.83 -11.27 0.02
N PHE A 97 -8.31 -10.07 0.23
CA PHE A 97 -7.26 -9.53 -0.63
C PHE A 97 -6.17 -10.55 -0.87
N SER A 98 -5.99 -11.44 0.11
CA SER A 98 -4.99 -12.49 0.02
C SER A 98 -5.58 -13.83 0.44
N PHE A 99 -6.70 -14.19 -0.17
CA PHE A 99 -7.38 -15.45 0.15
C PHE A 99 -6.91 -16.57 -0.77
N LEU A 100 -5.62 -16.56 -1.11
CA LEU A 100 -5.05 -17.57 -1.98
C LEU A 100 -3.56 -17.33 -2.17
N GLY A 101 -2.79 -18.30 -1.75
CA GLY A 101 -1.34 -18.22 -1.86
C GLY A 101 -0.77 -16.99 -1.19
N PHE A 102 -1.41 -16.55 -0.12
CA PHE A 102 -0.97 -15.37 0.61
C PHE A 102 0.03 -15.74 1.71
N GLU A 103 0.83 -14.76 2.10
CA GLU A 103 1.83 -14.95 3.15
C GLU A 103 1.81 -13.76 4.11
N ILE A 104 2.09 -14.00 5.38
CA ILE A 104 2.09 -12.93 6.37
C ILE A 104 3.48 -12.73 6.97
N VAL A 105 3.83 -11.48 7.23
CA VAL A 105 5.13 -11.15 7.81
C VAL A 105 4.97 -10.19 8.98
N ARG A 106 5.67 -10.48 10.07
CA ARG A 106 5.61 -9.65 11.26
C ARG A 106 6.61 -8.50 11.18
N PRO A 107 6.54 -7.55 12.14
CA PRO A 107 7.44 -6.40 12.19
C PRO A 107 8.89 -6.76 11.86
N GLY A 108 9.61 -5.80 11.28
CA GLY A 108 11.00 -6.04 10.93
C GLY A 108 11.41 -5.34 9.65
N HIS A 109 11.01 -4.08 9.52
CA HIS A 109 11.33 -3.29 8.33
C HIS A 109 12.20 -2.09 8.69
N PRO A 110 13.24 -1.81 7.88
CA PRO A 110 14.15 -0.69 8.12
C PRO A 110 13.41 0.64 8.25
N LEU A 111 12.45 0.85 7.37
CA LEU A 111 11.66 2.09 7.38
C LEU A 111 10.85 2.21 8.66
N VAL A 112 10.35 1.09 9.15
CA VAL A 112 9.56 1.06 10.37
C VAL A 112 9.85 -0.19 11.21
N PRO A 113 10.61 -0.03 12.30
CA PRO A 113 10.97 -1.16 13.18
C PRO A 113 9.76 -1.68 13.96
N LYS A 114 10.02 -2.52 14.95
CA LYS A 114 8.97 -3.09 15.78
C LYS A 114 8.93 -2.43 17.15
N ARG A 115 7.73 -2.13 17.64
CA ARG A 115 7.57 -1.50 18.94
C ARG A 115 6.09 -1.26 19.24
N PRO A 116 5.35 -0.61 18.33
CA PRO A 116 3.94 -0.31 18.51
C PRO A 116 3.03 -1.42 18.00
N ASP A 117 2.80 -1.45 16.69
CA ASP A 117 1.94 -2.47 16.08
C ASP A 117 1.83 -2.26 14.58
N ALA A 118 2.88 -2.65 13.86
CA ALA A 118 2.89 -2.54 12.43
C ALA A 118 3.26 -3.88 11.82
N CYS A 119 2.32 -4.42 11.07
CA CYS A 119 2.50 -5.70 10.41
C CYS A 119 2.23 -5.55 8.91
N PHE A 120 2.86 -6.39 8.12
CA PHE A 120 2.70 -6.34 6.67
C PHE A 120 2.33 -7.70 6.09
N MET A 121 1.87 -7.69 4.84
CA MET A 121 1.48 -8.91 4.15
C MET A 121 1.98 -8.91 2.72
N VAL A 122 2.16 -10.09 2.14
CA VAL A 122 2.64 -10.22 0.78
C VAL A 122 1.72 -11.12 -0.05
N TYR A 123 1.16 -10.54 -1.12
CA TYR A 123 0.28 -11.28 -2.01
C TYR A 123 0.69 -11.09 -3.47
N THR A 124 0.80 -12.18 -4.20
CA THR A 124 1.20 -12.11 -5.61
C THR A 124 -0.02 -11.98 -6.51
N LEU A 125 0.14 -11.25 -7.62
CA LEU A 125 -0.95 -11.04 -8.56
C LEU A 125 -1.15 -12.27 -9.44
N GLU A 126 -0.06 -12.77 -10.00
CA GLU A 126 -0.11 -13.94 -10.87
C GLU A 126 -0.68 -15.15 -10.12
N ILE A 1 6.11 15.87 -14.25
CA ILE A 1 5.61 14.64 -13.67
C ILE A 1 4.43 14.90 -12.74
N LEU A 2 3.24 14.52 -13.19
CA LEU A 2 2.01 14.71 -12.40
C LEU A 2 0.80 14.24 -13.19
N TYR A 3 -0.03 13.42 -12.54
CA TYR A 3 -1.23 12.90 -13.19
C TYR A 3 -2.45 13.08 -12.29
N SER A 4 -3.53 13.58 -12.88
CA SER A 4 -4.77 13.80 -12.15
C SER A 4 -5.95 13.26 -12.94
N ASP A 5 -6.83 12.56 -12.24
CA ASP A 5 -8.01 11.99 -12.85
C ASP A 5 -9.26 12.42 -12.10
N GLU A 6 -10.37 11.77 -12.42
CA GLU A 6 -11.67 12.05 -11.81
C GLU A 6 -11.54 12.56 -10.37
N ARG A 7 -11.12 11.67 -9.48
CA ARG A 7 -10.96 12.02 -8.08
C ARG A 7 -9.67 11.42 -7.53
N LEU A 8 -8.64 11.35 -8.35
CA LEU A 8 -7.37 10.79 -7.94
C LEU A 8 -6.21 11.39 -8.74
N ASN A 9 -5.13 11.73 -8.05
CA ASN A 9 -3.96 12.30 -8.70
C ASN A 9 -2.70 11.56 -8.25
N VAL A 10 -1.91 11.11 -9.22
CA VAL A 10 -0.68 10.38 -8.92
C VAL A 10 0.52 11.00 -9.60
N THR A 11 1.61 11.16 -8.85
CA THR A 11 2.84 11.74 -9.38
C THR A 11 4.02 10.80 -9.13
N GLU A 12 5.12 11.03 -9.85
CA GLU A 12 6.31 10.20 -9.70
C GLU A 12 7.51 11.03 -9.26
N GLU A 13 8.32 10.45 -8.38
CA GLU A 13 9.51 11.13 -7.89
C GLU A 13 10.73 10.19 -7.93
N PRO A 14 11.89 10.72 -8.32
CA PRO A 14 13.13 9.93 -8.40
C PRO A 14 13.72 9.63 -7.03
N THR A 15 14.79 8.84 -7.01
CA THR A 15 15.45 8.48 -5.76
C THR A 15 16.92 8.13 -6.01
N SER A 16 17.15 7.07 -6.78
CA SER A 16 18.51 6.64 -7.09
C SER A 16 18.49 5.44 -8.04
N ASN A 17 19.23 5.55 -9.13
CA ASN A 17 19.31 4.48 -10.12
C ASN A 17 17.93 4.20 -10.71
N ASP A 18 17.84 3.14 -11.51
CA ASP A 18 16.59 2.76 -12.15
C ASP A 18 15.68 2.03 -11.16
N LYS A 19 16.29 1.24 -10.28
CA LYS A 19 15.54 0.49 -9.28
C LYS A 19 15.23 1.36 -8.06
N THR A 20 14.19 0.99 -7.33
CA THR A 20 13.79 1.72 -6.14
C THR A 20 13.41 3.16 -6.49
N ARG A 21 12.14 3.50 -6.30
CA ARG A 21 11.65 4.84 -6.59
C ARG A 21 10.61 5.27 -5.56
N VAL A 22 10.25 6.55 -5.58
CA VAL A 22 9.26 7.07 -4.65
C VAL A 22 8.12 7.78 -5.38
N LEU A 23 6.91 7.28 -5.18
CA LEU A 23 5.73 7.85 -5.81
C LEU A 23 4.72 8.30 -4.76
N SER A 24 3.81 9.19 -5.16
CA SER A 24 2.79 9.70 -4.26
C SER A 24 1.42 9.61 -4.90
N ILE A 25 0.46 9.07 -4.16
CA ILE A 25 -0.90 8.93 -4.66
C ILE A 25 -1.92 9.53 -3.70
N GLN A 26 -2.68 10.50 -4.17
CA GLN A 26 -3.71 11.15 -3.36
C GLN A 26 -5.08 10.69 -3.81
N CYS A 27 -5.91 10.30 -2.84
CA CYS A 27 -7.25 9.82 -3.14
C CYS A 27 -8.31 10.60 -2.38
N THR A 28 -9.19 11.25 -3.11
CA THR A 28 -10.27 12.03 -2.51
C THR A 28 -11.59 11.28 -2.60
N LEU A 29 -12.19 10.99 -1.44
CA LEU A 29 -13.47 10.28 -1.42
C LEU A 29 -13.97 10.09 0.01
N THR A 30 -13.20 9.35 0.82
CA THR A 30 -13.56 9.05 2.21
C THR A 30 -14.49 10.10 2.82
N GLU A 31 -15.79 9.85 2.73
CA GLU A 31 -16.82 10.75 3.27
C GLU A 31 -16.47 12.20 2.96
N ALA A 32 -16.08 12.46 1.72
CA ALA A 32 -15.71 13.80 1.29
C ALA A 32 -14.41 14.21 1.96
N LYS A 33 -13.49 13.26 2.06
CA LYS A 33 -12.20 13.51 2.69
C LYS A 33 -11.10 12.77 1.95
N GLN A 34 -10.12 13.53 1.45
CA GLN A 34 -9.00 12.96 0.73
C GLN A 34 -7.82 12.70 1.64
N VAL A 35 -7.18 11.54 1.46
CA VAL A 35 -6.02 11.18 2.26
C VAL A 35 -4.76 11.14 1.41
N THR A 36 -3.68 11.71 1.94
CA THR A 36 -2.42 11.70 1.24
C THR A 36 -1.74 10.36 1.46
N TRP A 37 -1.52 9.65 0.37
CA TRP A 37 -0.91 8.33 0.46
C TRP A 37 0.52 8.30 -0.03
N ARG A 38 1.30 7.39 0.54
CA ARG A 38 2.69 7.23 0.18
C ARG A 38 2.97 5.82 -0.34
N ALA A 39 3.50 5.75 -1.56
CA ALA A 39 3.82 4.48 -2.18
C ALA A 39 5.29 4.42 -2.59
N VAL A 40 5.91 3.25 -2.41
CA VAL A 40 7.30 3.07 -2.77
C VAL A 40 7.49 1.83 -3.62
N TRP A 41 8.15 1.99 -4.76
CA TRP A 41 8.40 0.89 -5.68
C TRP A 41 9.70 0.17 -5.31
N ASN A 42 9.66 -1.16 -5.27
CA ASN A 42 10.84 -1.93 -4.93
C ASN A 42 11.04 -3.07 -5.91
N GLY A 43 12.25 -3.60 -5.96
CA GLY A 43 12.53 -4.70 -6.87
C GLY A 43 11.75 -5.95 -6.51
N GLY A 44 11.09 -6.53 -7.50
CA GLY A 44 10.32 -7.73 -7.26
C GLY A 44 8.83 -7.45 -7.16
N GLY A 45 8.48 -6.21 -6.86
CA GLY A 45 7.07 -5.88 -6.76
C GLY A 45 6.81 -4.48 -6.22
N LEU A 46 5.53 -4.13 -6.10
CA LEU A 46 5.12 -2.83 -5.61
C LEU A 46 4.92 -2.84 -4.10
N TYR A 47 5.33 -1.76 -3.45
CA TYR A 47 5.20 -1.64 -2.00
C TYR A 47 4.30 -0.46 -1.63
N ILE A 48 3.56 -0.60 -0.54
CA ILE A 48 2.66 0.45 -0.07
C ILE A 48 2.85 0.72 1.41
N GLU A 49 2.95 2.00 1.77
CA GLU A 49 3.13 2.39 3.16
C GLU A 49 1.95 3.24 3.64
N LEU A 50 1.26 2.75 4.67
CA LEU A 50 0.12 3.47 5.23
C LEU A 50 0.57 4.52 6.24
N PRO A 51 0.38 5.81 5.93
CA PRO A 51 0.77 6.92 6.82
C PRO A 51 0.17 6.76 8.21
N ALA A 52 0.32 7.80 9.03
CA ALA A 52 -0.21 7.79 10.39
C ALA A 52 -1.73 7.89 10.39
N GLY A 53 -2.39 6.95 11.05
CA GLY A 53 -3.84 6.95 11.11
C GLY A 53 -4.44 5.58 10.90
N PRO A 54 -5.61 5.30 11.49
CA PRO A 54 -6.28 4.01 11.34
C PRO A 54 -6.84 3.79 9.94
N LEU A 55 -7.67 2.77 9.79
CA LEU A 55 -8.27 2.46 8.49
C LEU A 55 -9.79 2.61 8.56
N PRO A 56 -10.30 3.83 8.31
CA PRO A 56 -11.74 4.10 8.34
C PRO A 56 -12.53 3.15 7.45
N GLU A 57 -13.85 3.30 7.45
CA GLU A 57 -14.71 2.45 6.65
C GLU A 57 -14.83 2.99 5.23
N GLY A 58 -15.45 2.21 4.35
CA GLY A 58 -15.62 2.63 2.97
C GLY A 58 -14.30 2.90 2.27
N SER A 59 -13.25 2.22 2.72
CA SER A 59 -11.93 2.39 2.14
C SER A 59 -11.49 1.14 1.40
N LYS A 60 -12.45 0.45 0.78
CA LYS A 60 -12.17 -0.77 0.04
C LYS A 60 -12.13 -0.50 -1.45
N ASP A 61 -13.14 0.22 -1.94
CA ASP A 61 -13.22 0.55 -3.36
C ASP A 61 -12.05 1.44 -3.79
N SER A 62 -11.58 2.26 -2.86
CA SER A 62 -10.47 3.16 -3.13
C SER A 62 -9.20 2.38 -3.43
N PHE A 63 -8.89 1.40 -2.59
CA PHE A 63 -7.70 0.56 -2.77
C PHE A 63 -7.82 -0.29 -4.03
N ALA A 64 -9.05 -0.66 -4.38
CA ALA A 64 -9.30 -1.48 -5.55
C ALA A 64 -8.87 -0.76 -6.83
N ALA A 65 -9.51 0.36 -7.12
CA ALA A 65 -9.20 1.14 -8.31
C ALA A 65 -7.73 1.57 -8.33
N LEU A 66 -7.20 1.88 -7.14
CA LEU A 66 -5.80 2.30 -7.02
C LEU A 66 -4.85 1.26 -7.61
N LEU A 67 -5.03 0.01 -7.19
CA LEU A 67 -4.19 -1.08 -7.68
C LEU A 67 -4.45 -1.35 -9.17
N GLU A 68 -5.68 -1.10 -9.59
CA GLU A 68 -6.07 -1.32 -10.99
C GLU A 68 -5.16 -0.55 -11.94
N PHE A 69 -5.13 0.76 -11.78
CA PHE A 69 -4.30 1.61 -12.64
C PHE A 69 -2.81 1.40 -12.35
N ALA A 70 -2.49 1.05 -11.11
CA ALA A 70 -1.12 0.82 -10.70
C ALA A 70 -0.45 -0.22 -11.59
N GLU A 71 -1.08 -1.37 -11.73
CA GLU A 71 -0.54 -2.45 -12.56
C GLU A 71 -0.74 -2.13 -14.04
N GLU A 72 -1.81 -1.40 -14.35
CA GLU A 72 -2.12 -1.03 -15.73
C GLU A 72 -0.97 -0.27 -16.38
N GLN A 73 -0.20 0.46 -15.57
CA GLN A 73 0.93 1.22 -16.09
C GLN A 73 2.25 0.57 -15.71
N LEU A 74 2.54 0.54 -14.42
CA LEU A 74 3.78 -0.06 -13.92
C LEU A 74 3.92 -1.49 -14.42
N ARG A 75 2.80 -2.16 -14.64
CA ARG A 75 2.81 -3.54 -15.12
C ARG A 75 3.39 -4.48 -14.06
N ALA A 76 3.44 -4.02 -12.82
CA ALA A 76 3.97 -4.82 -11.72
C ALA A 76 3.05 -6.00 -11.42
N ASP A 77 3.46 -6.85 -10.48
CA ASP A 77 2.67 -8.02 -10.11
C ASP A 77 2.41 -8.03 -8.60
N HIS A 78 3.33 -8.61 -7.83
CA HIS A 78 3.19 -8.70 -6.38
C HIS A 78 2.84 -7.35 -5.77
N VAL A 79 1.83 -7.37 -4.90
CA VAL A 79 1.39 -6.17 -4.21
C VAL A 79 1.58 -6.34 -2.71
N PHE A 80 2.16 -5.33 -2.07
CA PHE A 80 2.40 -5.38 -0.63
C PHE A 80 1.75 -4.19 0.06
N ILE A 81 0.97 -4.46 1.10
CA ILE A 81 0.32 -3.40 1.85
C ILE A 81 0.68 -3.50 3.32
N CYS A 82 1.32 -2.46 3.86
CA CYS A 82 1.74 -2.47 5.25
C CYS A 82 1.08 -1.36 6.06
N PHE A 83 0.70 -1.68 7.29
CA PHE A 83 0.06 -0.72 8.18
C PHE A 83 0.83 -0.62 9.50
N PRO A 84 1.34 0.58 9.83
CA PRO A 84 2.11 0.79 11.07
C PRO A 84 1.21 0.94 12.30
N LYS A 85 0.00 1.44 12.08
CA LYS A 85 -0.94 1.64 13.18
C LYS A 85 -2.37 1.39 12.71
N ASN A 86 -2.80 0.13 12.75
CA ASN A 86 -4.15 -0.23 12.34
C ASN A 86 -5.04 -0.47 13.55
N ARG A 87 -4.50 -1.14 14.56
CA ARG A 87 -5.24 -1.42 15.78
C ARG A 87 -6.44 -2.33 15.49
N GLU A 88 -7.53 -1.74 14.99
CA GLU A 88 -8.73 -2.50 14.68
C GLU A 88 -8.89 -2.65 13.16
N ASP A 89 -9.64 -3.67 12.76
CA ASP A 89 -9.88 -3.94 11.35
C ASP A 89 -8.70 -4.66 10.70
N ARG A 90 -7.59 -4.78 11.44
CA ARG A 90 -6.40 -5.45 10.93
C ARG A 90 -6.57 -6.96 10.98
N ALA A 91 -7.29 -7.43 11.99
CA ALA A 91 -7.52 -8.86 12.16
C ALA A 91 -8.36 -9.42 11.01
N ALA A 92 -9.42 -8.70 10.67
CA ALA A 92 -10.30 -9.12 9.59
C ALA A 92 -9.59 -9.03 8.23
N LEU A 93 -8.87 -7.94 8.02
CA LEU A 93 -8.15 -7.72 6.78
C LEU A 93 -7.19 -8.88 6.50
N LEU A 94 -6.57 -9.39 7.56
CA LEU A 94 -5.62 -10.49 7.42
C LEU A 94 -6.35 -11.80 7.12
N ARG A 95 -7.52 -11.98 7.75
CA ARG A 95 -8.30 -13.19 7.55
C ARG A 95 -8.65 -13.39 6.07
N THR A 96 -9.33 -12.42 5.49
CA THR A 96 -9.73 -12.49 4.08
C THR A 96 -8.50 -12.61 3.18
N PHE A 97 -7.52 -11.73 3.40
CA PHE A 97 -6.30 -11.74 2.61
C PHE A 97 -5.65 -13.12 2.60
N SER A 98 -5.92 -13.91 3.65
CA SER A 98 -5.37 -15.25 3.76
C SER A 98 -6.36 -16.30 3.26
N PHE A 99 -7.26 -15.87 2.38
CA PHE A 99 -8.26 -16.78 1.83
C PHE A 99 -8.27 -16.72 0.30
N LEU A 100 -7.10 -16.44 -0.28
CA LEU A 100 -6.96 -16.36 -1.73
C LEU A 100 -5.61 -16.90 -2.18
N GLY A 101 -4.54 -16.18 -1.84
CA GLY A 101 -3.20 -16.60 -2.21
C GLY A 101 -2.14 -15.63 -1.75
N PHE A 102 -2.34 -15.04 -0.58
CA PHE A 102 -1.38 -14.08 -0.02
C PHE A 102 -0.75 -14.64 1.25
N GLU A 103 0.22 -13.91 1.80
CA GLU A 103 0.90 -14.34 3.01
C GLU A 103 1.09 -13.17 3.98
N ILE A 104 1.08 -13.46 5.27
CA ILE A 104 1.24 -12.45 6.29
C ILE A 104 2.66 -12.49 6.88
N VAL A 105 3.33 -11.34 6.86
CA VAL A 105 4.69 -11.25 7.37
C VAL A 105 4.92 -9.92 8.08
N ARG A 106 5.97 -9.87 8.88
CA ARG A 106 6.32 -8.66 9.61
C ARG A 106 7.79 -8.30 9.40
N PRO A 107 8.16 -7.03 9.60
CA PRO A 107 9.55 -6.57 9.42
C PRO A 107 10.51 -7.28 10.37
N GLY A 108 10.92 -8.49 10.00
CA GLY A 108 11.83 -9.25 10.83
C GLY A 108 13.14 -8.52 11.05
N HIS A 109 13.79 -8.82 12.18
CA HIS A 109 15.06 -8.19 12.52
C HIS A 109 16.08 -9.22 12.99
N PRO A 110 17.36 -9.05 12.63
CA PRO A 110 18.42 -9.97 13.04
C PRO A 110 18.58 -9.99 14.56
N LEU A 111 18.18 -8.89 15.20
CA LEU A 111 18.28 -8.78 16.65
C LEU A 111 16.90 -8.55 17.26
N VAL A 112 15.87 -9.08 16.60
CA VAL A 112 14.49 -8.95 17.07
C VAL A 112 13.99 -7.51 16.88
N PRO A 113 12.92 -7.33 16.06
CA PRO A 113 12.35 -6.01 15.81
C PRO A 113 11.53 -5.48 16.98
N LYS A 114 10.78 -4.42 16.75
CA LYS A 114 9.94 -3.82 17.77
C LYS A 114 9.07 -2.71 17.18
N ARG A 115 8.16 -3.10 16.29
CA ARG A 115 7.27 -2.15 15.65
C ARG A 115 5.97 -1.98 16.45
N PRO A 116 5.58 -0.72 16.74
CA PRO A 116 4.35 -0.44 17.50
C PRO A 116 3.10 -0.87 16.74
N ASP A 117 2.88 -2.18 16.66
CA ASP A 117 1.72 -2.72 15.97
C ASP A 117 1.80 -2.43 14.48
N ALA A 118 2.81 -2.99 13.84
CA ALA A 118 2.98 -2.81 12.41
C ALA A 118 3.12 -4.18 11.75
N CYS A 119 2.18 -4.47 10.89
CA CYS A 119 2.17 -5.74 10.17
C CYS A 119 1.86 -5.50 8.69
N PHE A 120 2.53 -6.26 7.83
CA PHE A 120 2.33 -6.13 6.39
C PHE A 120 2.04 -7.48 5.74
N MET A 121 1.52 -7.44 4.52
CA MET A 121 1.21 -8.65 3.78
C MET A 121 1.70 -8.53 2.33
N VAL A 122 2.16 -9.65 1.77
CA VAL A 122 2.66 -9.64 0.41
C VAL A 122 2.11 -10.82 -0.40
N TYR A 123 1.79 -10.55 -1.67
CA TYR A 123 1.26 -11.57 -2.56
C TYR A 123 1.71 -11.32 -4.00
N THR A 124 1.39 -12.24 -4.90
CA THR A 124 1.76 -12.11 -6.31
C THR A 124 0.53 -11.78 -7.14
N LEU A 125 0.75 -11.40 -8.40
CA LEU A 125 -0.35 -11.06 -9.30
C LEU A 125 -0.48 -12.11 -10.40
N GLU A 126 -1.51 -12.94 -10.31
CA GLU A 126 -1.76 -13.98 -11.30
C GLU A 126 -3.16 -13.87 -11.88
N ILE A 1 5.40 12.19 -15.00
CA ILE A 1 5.07 13.47 -14.40
C ILE A 1 3.76 13.41 -13.63
N LEU A 2 3.35 14.53 -13.07
CA LEU A 2 2.11 14.61 -12.31
C LEU A 2 0.91 14.50 -13.23
N TYR A 3 0.11 13.47 -12.99
CA TYR A 3 -1.08 13.23 -13.78
C TYR A 3 -2.32 13.17 -12.89
N SER A 4 -3.48 13.43 -13.47
CA SER A 4 -4.73 13.41 -12.73
C SER A 4 -5.78 12.61 -13.48
N ASP A 5 -6.92 12.42 -12.85
CA ASP A 5 -8.02 11.68 -13.43
C ASP A 5 -9.34 12.15 -12.83
N GLU A 6 -10.40 11.43 -13.17
CA GLU A 6 -11.74 11.75 -12.69
C GLU A 6 -11.73 12.26 -11.25
N ARG A 7 -10.83 11.71 -10.44
CA ARG A 7 -10.71 12.11 -9.05
C ARG A 7 -9.48 11.49 -8.41
N LEU A 8 -8.43 11.30 -9.21
CA LEU A 8 -7.19 10.72 -8.73
C LEU A 8 -5.98 11.29 -9.46
N ASN A 9 -4.97 11.69 -8.69
CA ASN A 9 -3.76 12.24 -9.27
C ASN A 9 -2.52 11.53 -8.73
N VAL A 10 -1.70 11.00 -9.64
CA VAL A 10 -0.50 10.29 -9.24
C VAL A 10 0.75 10.89 -9.89
N THR A 11 1.70 11.30 -9.05
CA THR A 11 2.94 11.89 -9.55
C THR A 11 4.08 10.89 -9.44
N GLU A 12 5.05 11.01 -10.34
CA GLU A 12 6.19 10.10 -10.35
C GLU A 12 7.49 10.85 -10.09
N GLU A 13 8.32 10.31 -9.21
CA GLU A 13 9.60 10.91 -8.87
C GLU A 13 10.75 9.96 -9.16
N PRO A 14 11.25 9.93 -10.41
CA PRO A 14 12.34 9.04 -10.81
C PRO A 14 13.68 9.45 -10.19
N THR A 15 14.62 8.52 -10.16
CA THR A 15 15.94 8.78 -9.59
C THR A 15 17.03 8.69 -10.66
N SER A 16 16.65 8.27 -11.86
CA SER A 16 17.60 8.14 -12.97
C SER A 16 18.51 6.93 -12.78
N ASN A 17 17.90 5.80 -12.41
CA ASN A 17 18.65 4.57 -12.20
C ASN A 17 17.70 3.42 -11.88
N ASP A 18 17.59 2.47 -12.81
CA ASP A 18 16.72 1.32 -12.63
C ASP A 18 17.11 0.54 -11.37
N LYS A 19 16.44 0.85 -10.26
CA LYS A 19 16.71 0.18 -9.00
C LYS A 19 15.63 0.51 -7.96
N THR A 20 15.39 1.79 -7.74
CA THR A 20 14.38 2.24 -6.79
C THR A 20 14.02 3.70 -7.01
N ARG A 21 12.76 4.02 -6.82
CA ARG A 21 12.27 5.40 -7.01
C ARG A 21 11.22 5.73 -5.96
N VAL A 22 10.70 6.96 -6.02
CA VAL A 22 9.69 7.40 -5.08
C VAL A 22 8.51 8.04 -5.82
N LEU A 23 7.30 7.67 -5.41
CA LEU A 23 6.10 8.19 -6.03
C LEU A 23 5.06 8.59 -4.98
N SER A 24 4.11 9.43 -5.38
CA SER A 24 3.06 9.88 -4.48
C SER A 24 1.70 9.73 -5.15
N ILE A 25 0.72 9.25 -4.40
CA ILE A 25 -0.62 9.06 -4.92
C ILE A 25 -1.66 9.76 -4.03
N GLN A 26 -2.39 10.69 -4.61
CA GLN A 26 -3.42 11.43 -3.89
C GLN A 26 -4.80 10.97 -4.33
N CYS A 27 -5.65 10.67 -3.37
CA CYS A 27 -7.00 10.21 -3.67
C CYS A 27 -8.04 11.03 -2.94
N THR A 28 -9.01 11.50 -3.69
CA THR A 28 -10.09 12.30 -3.12
C THR A 28 -11.38 11.51 -3.04
N LEU A 29 -11.90 11.34 -1.82
CA LEU A 29 -13.14 10.59 -1.63
C LEU A 29 -13.55 10.58 -0.15
N THR A 30 -12.71 9.97 0.68
CA THR A 30 -12.96 9.86 2.13
C THR A 30 -13.86 10.97 2.66
N GLU A 31 -15.16 10.66 2.79
CA GLU A 31 -16.14 11.63 3.29
C GLU A 31 -15.91 13.01 2.72
N ALA A 32 -15.67 13.07 1.41
CA ALA A 32 -15.42 14.34 0.73
C ALA A 32 -14.11 14.94 1.20
N LYS A 33 -13.10 14.07 1.34
CA LYS A 33 -11.78 14.50 1.79
C LYS A 33 -10.70 13.61 1.20
N GLN A 34 -9.72 14.24 0.57
CA GLN A 34 -8.61 13.51 -0.06
C GLN A 34 -7.44 13.36 0.90
N VAL A 35 -6.71 12.25 0.75
CA VAL A 35 -5.55 11.98 1.59
C VAL A 35 -4.30 11.83 0.74
N THR A 36 -3.20 12.37 1.24
CA THR A 36 -1.92 12.27 0.54
C THR A 36 -1.25 10.98 0.96
N TRP A 37 -1.01 10.11 -0.02
CA TRP A 37 -0.41 8.82 0.26
C TRP A 37 1.02 8.72 -0.23
N ARG A 38 1.78 7.85 0.41
CA ARG A 38 3.18 7.63 0.06
C ARG A 38 3.42 6.21 -0.43
N ALA A 39 3.87 6.10 -1.68
CA ALA A 39 4.15 4.80 -2.27
C ALA A 39 5.54 4.78 -2.89
N VAL A 40 6.32 3.75 -2.55
CA VAL A 40 7.67 3.61 -3.09
C VAL A 40 7.73 2.48 -4.11
N TRP A 41 8.51 2.68 -5.15
CA TRP A 41 8.64 1.68 -6.21
C TRP A 41 9.94 0.89 -6.04
N ASN A 42 9.85 -0.43 -6.15
CA ASN A 42 11.03 -1.28 -6.02
C ASN A 42 11.11 -2.25 -7.18
N GLY A 43 12.31 -2.78 -7.43
CA GLY A 43 12.48 -3.72 -8.52
C GLY A 43 11.79 -5.04 -8.26
N GLY A 44 10.91 -5.43 -9.17
CA GLY A 44 10.20 -6.68 -9.03
C GLY A 44 8.79 -6.51 -8.49
N GLY A 45 8.48 -5.33 -7.97
CA GLY A 45 7.14 -5.09 -7.45
C GLY A 45 6.95 -3.71 -6.86
N LEU A 46 5.74 -3.45 -6.37
CA LEU A 46 5.39 -2.17 -5.78
C LEU A 46 5.37 -2.23 -4.27
N TYR A 47 5.60 -1.08 -3.64
CA TYR A 47 5.60 -0.99 -2.18
C TYR A 47 4.64 0.11 -1.71
N ILE A 48 3.81 -0.21 -0.74
CA ILE A 48 2.85 0.76 -0.20
C ILE A 48 3.10 1.05 1.27
N GLU A 49 3.18 2.33 1.61
CA GLU A 49 3.42 2.74 2.99
C GLU A 49 2.30 3.65 3.49
N LEU A 50 1.61 3.21 4.54
CA LEU A 50 0.52 4.00 5.11
C LEU A 50 1.03 4.89 6.24
N PRO A 51 0.72 6.21 6.18
CA PRO A 51 1.15 7.16 7.20
C PRO A 51 0.40 6.97 8.52
N ALA A 52 0.71 7.83 9.50
CA ALA A 52 0.06 7.76 10.80
C ALA A 52 -1.42 8.11 10.70
N GLY A 53 -2.27 7.22 11.21
CA GLY A 53 -3.70 7.46 11.16
C GLY A 53 -4.47 6.21 10.78
N PRO A 54 -4.98 5.45 11.77
CA PRO A 54 -5.75 4.22 11.52
C PRO A 54 -7.09 4.51 10.86
N LEU A 55 -7.49 3.63 9.94
CA LEU A 55 -8.76 3.80 9.25
C LEU A 55 -9.80 2.81 9.78
N PRO A 56 -10.57 3.22 10.81
CA PRO A 56 -11.61 2.37 11.41
C PRO A 56 -12.78 2.15 10.47
N GLU A 57 -13.02 3.11 9.59
CA GLU A 57 -14.12 3.03 8.63
C GLU A 57 -13.97 1.81 7.74
N GLY A 58 -14.79 1.74 6.69
CA GLY A 58 -14.73 0.62 5.77
C GLY A 58 -14.29 1.03 4.38
N SER A 59 -13.42 2.03 4.31
CA SER A 59 -12.91 2.53 3.04
C SER A 59 -12.10 1.46 2.33
N LYS A 60 -12.78 0.54 1.66
CA LYS A 60 -12.11 -0.55 0.94
C LYS A 60 -12.22 -0.34 -0.57
N ASP A 61 -13.33 0.24 -1.01
CA ASP A 61 -13.56 0.50 -2.42
C ASP A 61 -12.49 1.43 -2.99
N SER A 62 -12.12 2.44 -2.21
CA SER A 62 -11.11 3.40 -2.64
C SER A 62 -9.79 2.72 -2.96
N PHE A 63 -9.26 1.98 -1.98
CA PHE A 63 -8.00 1.27 -2.16
C PHE A 63 -8.08 0.30 -3.33
N ALA A 64 -9.27 -0.22 -3.58
CA ALA A 64 -9.49 -1.17 -4.67
C ALA A 64 -9.19 -0.54 -6.02
N ALA A 65 -9.74 0.65 -6.25
CA ALA A 65 -9.54 1.36 -7.51
C ALA A 65 -8.07 1.72 -7.71
N LEU A 66 -7.43 2.22 -6.64
CA LEU A 66 -6.03 2.62 -6.71
C LEU A 66 -5.15 1.46 -7.17
N LEU A 67 -5.16 0.37 -6.40
CA LEU A 67 -4.37 -0.81 -6.72
C LEU A 67 -4.69 -1.32 -8.13
N GLU A 68 -5.93 -1.11 -8.56
CA GLU A 68 -6.36 -1.55 -9.88
C GLU A 68 -5.51 -0.93 -10.99
N PHE A 69 -5.53 0.39 -11.07
CA PHE A 69 -4.75 1.10 -12.09
C PHE A 69 -3.27 0.78 -11.98
N ALA A 70 -2.73 0.85 -10.77
CA ALA A 70 -1.32 0.58 -10.53
C ALA A 70 -0.90 -0.76 -11.17
N GLU A 71 -1.80 -1.73 -11.12
CA GLU A 71 -1.52 -3.05 -11.68
C GLU A 71 -1.66 -3.02 -13.20
N GLU A 72 -2.55 -2.17 -13.70
CA GLU A 72 -2.78 -2.05 -15.13
C GLU A 72 -1.50 -1.68 -15.86
N GLN A 73 -0.72 -0.79 -15.27
CA GLN A 73 0.54 -0.35 -15.87
C GLN A 73 1.70 -1.24 -15.42
N LEU A 74 2.01 -1.19 -14.14
CA LEU A 74 3.11 -1.98 -13.58
C LEU A 74 2.90 -3.47 -13.83
N ARG A 75 1.64 -3.90 -13.93
CA ARG A 75 1.28 -5.29 -14.15
C ARG A 75 1.10 -6.04 -12.84
N ALA A 76 1.72 -5.52 -11.77
CA ALA A 76 1.61 -6.13 -10.45
C ALA A 76 2.09 -7.58 -10.45
N ASP A 77 3.22 -7.81 -9.78
CA ASP A 77 3.80 -9.15 -9.69
C ASP A 77 4.45 -9.35 -8.31
N HIS A 78 4.07 -8.50 -7.35
CA HIS A 78 4.59 -8.54 -5.99
C HIS A 78 4.43 -7.19 -5.34
N VAL A 79 3.33 -7.01 -4.65
CA VAL A 79 3.04 -5.74 -3.97
C VAL A 79 2.84 -5.97 -2.49
N PHE A 80 3.66 -5.33 -1.68
CA PHE A 80 3.58 -5.47 -0.23
C PHE A 80 3.06 -4.17 0.40
N ILE A 81 1.93 -4.28 1.09
CA ILE A 81 1.32 -3.13 1.74
C ILE A 81 1.50 -3.20 3.25
N CYS A 82 1.93 -2.10 3.85
CA CYS A 82 2.15 -2.05 5.30
C CYS A 82 1.31 -0.97 5.95
N PHE A 83 0.59 -1.34 7.02
CA PHE A 83 -0.26 -0.40 7.74
C PHE A 83 -0.04 -0.54 9.24
N PRO A 84 -0.04 0.59 9.98
CA PRO A 84 0.16 0.59 11.42
C PRO A 84 -1.12 0.25 12.19
N LYS A 85 -1.08 0.40 13.50
CA LYS A 85 -2.23 0.11 14.34
C LYS A 85 -2.61 -1.37 14.27
N ASN A 86 -2.21 -2.12 15.29
CA ASN A 86 -2.50 -3.55 15.35
C ASN A 86 -3.24 -3.90 16.63
N ARG A 87 -4.52 -3.55 16.69
CA ARG A 87 -5.34 -3.82 17.87
C ARG A 87 -5.99 -5.20 17.78
N GLU A 88 -6.79 -5.40 16.74
CA GLU A 88 -7.48 -6.67 16.53
C GLU A 88 -8.07 -6.76 15.13
N ASP A 89 -8.64 -5.66 14.66
CA ASP A 89 -9.25 -5.61 13.33
C ASP A 89 -8.31 -6.21 12.28
N ARG A 90 -7.02 -6.10 12.52
CA ARG A 90 -6.03 -6.62 11.59
C ARG A 90 -6.20 -8.13 11.40
N ALA A 91 -6.66 -8.79 12.46
CA ALA A 91 -6.88 -10.23 12.41
C ALA A 91 -7.93 -10.60 11.38
N ALA A 92 -9.03 -9.85 11.38
CA ALA A 92 -10.12 -10.10 10.44
C ALA A 92 -9.66 -9.90 9.01
N LEU A 93 -8.94 -8.79 8.77
CA LEU A 93 -8.44 -8.49 7.43
C LEU A 93 -7.56 -9.62 6.92
N LEU A 94 -6.83 -10.26 7.82
CA LEU A 94 -5.95 -11.37 7.46
C LEU A 94 -6.76 -12.60 7.07
N ARG A 95 -7.87 -12.81 7.76
CA ARG A 95 -8.74 -13.95 7.48
C ARG A 95 -9.26 -13.91 6.04
N THR A 96 -9.73 -12.74 5.63
CA THR A 96 -10.26 -12.57 4.27
C THR A 96 -9.15 -12.71 3.25
N PHE A 97 -8.14 -11.83 3.34
CA PHE A 97 -7.02 -11.86 2.41
C PHE A 97 -6.36 -13.23 2.38
N SER A 98 -6.52 -13.99 3.46
CA SER A 98 -5.95 -15.33 3.56
C SER A 98 -6.55 -16.25 2.51
N PHE A 99 -7.70 -15.86 1.95
CA PHE A 99 -8.37 -16.67 0.94
C PHE A 99 -8.01 -16.18 -0.47
N LEU A 100 -6.83 -15.61 -0.60
CA LEU A 100 -6.36 -15.11 -1.89
C LEU A 100 -5.01 -15.72 -2.26
N GLY A 101 -4.11 -15.77 -1.28
CA GLY A 101 -2.79 -16.33 -1.53
C GLY A 101 -1.67 -15.35 -1.23
N PHE A 102 -1.60 -14.90 0.03
CA PHE A 102 -0.57 -13.95 0.44
C PHE A 102 0.08 -14.39 1.75
N GLU A 103 1.12 -13.67 2.15
CA GLU A 103 1.83 -13.99 3.39
C GLU A 103 1.68 -12.86 4.41
N ILE A 104 1.66 -13.21 5.68
CA ILE A 104 1.51 -12.23 6.75
C ILE A 104 2.69 -12.28 7.72
N VAL A 105 3.40 -11.16 7.82
CA VAL A 105 4.56 -11.07 8.71
C VAL A 105 4.46 -9.83 9.60
N ARG A 106 4.59 -10.05 10.90
CA ARG A 106 4.52 -8.96 11.87
C ARG A 106 5.85 -8.80 12.61
N PRO A 107 6.25 -7.56 12.90
CA PRO A 107 7.52 -7.28 13.60
C PRO A 107 7.63 -8.06 14.90
N GLY A 108 8.77 -7.91 15.58
CA GLY A 108 8.99 -8.62 16.83
C GLY A 108 10.00 -9.74 16.69
N HIS A 109 11.25 -9.45 17.01
CA HIS A 109 12.32 -10.44 16.93
C HIS A 109 12.87 -10.76 18.32
N PRO A 110 13.28 -12.03 18.54
CA PRO A 110 13.83 -12.46 19.83
C PRO A 110 14.98 -11.57 20.30
N LEU A 111 15.74 -11.05 19.34
CA LEU A 111 16.87 -10.19 19.66
C LEU A 111 16.43 -8.73 19.79
N VAL A 112 15.66 -8.26 18.81
CA VAL A 112 15.16 -6.89 18.82
C VAL A 112 14.11 -6.68 17.73
N PRO A 113 13.01 -5.98 18.06
CA PRO A 113 11.93 -5.72 17.10
C PRO A 113 12.39 -4.84 15.95
N LYS A 114 11.43 -4.38 15.15
CA LYS A 114 11.75 -3.52 13.99
C LYS A 114 10.77 -2.35 13.92
N ARG A 115 9.55 -2.64 13.47
CA ARG A 115 8.53 -1.60 13.33
C ARG A 115 7.65 -1.54 14.59
N PRO A 116 7.23 -0.33 14.99
CA PRO A 116 6.39 -0.14 16.18
C PRO A 116 4.95 -0.55 15.94
N ASP A 117 4.73 -1.87 15.83
CA ASP A 117 3.39 -2.40 15.59
C ASP A 117 2.90 -2.05 14.20
N ALA A 118 3.59 -2.60 13.20
CA ALA A 118 3.22 -2.39 11.82
C ALA A 118 3.10 -3.73 11.12
N CYS A 119 1.90 -4.00 10.66
CA CYS A 119 1.60 -5.24 9.97
C CYS A 119 2.03 -5.16 8.51
N PHE A 120 2.93 -6.05 8.13
CA PHE A 120 3.44 -6.09 6.77
C PHE A 120 2.97 -7.34 6.04
N MET A 121 2.25 -7.15 4.95
CA MET A 121 1.73 -8.26 4.17
C MET A 121 2.15 -8.16 2.71
N VAL A 122 2.40 -9.30 2.06
CA VAL A 122 2.82 -9.30 0.67
C VAL A 122 1.93 -10.22 -0.18
N TYR A 123 1.28 -9.63 -1.18
CA TYR A 123 0.41 -10.37 -2.08
C TYR A 123 0.74 -10.05 -3.53
N THR A 124 0.96 -11.07 -4.34
CA THR A 124 1.29 -10.89 -5.75
C THR A 124 0.04 -10.89 -6.60
N LEU A 125 -0.19 -9.78 -7.30
CA LEU A 125 -1.37 -9.66 -8.17
C LEU A 125 -1.00 -9.94 -9.62
N GLU A 126 -0.82 -11.21 -9.95
CA GLU A 126 -0.47 -11.63 -11.30
C GLU A 126 -1.65 -11.44 -12.24
N ILE A 1 4.72 13.10 -15.95
CA ILE A 1 4.76 12.21 -14.79
C ILE A 1 3.62 12.50 -13.82
N LEU A 2 2.56 13.11 -14.33
CA LEU A 2 1.39 13.44 -13.53
C LEU A 2 0.12 12.91 -14.19
N TYR A 3 -0.58 12.04 -13.49
CA TYR A 3 -1.81 11.46 -14.01
C TYR A 3 -3.01 11.88 -13.16
N SER A 4 -4.18 11.94 -13.79
CA SER A 4 -5.40 12.31 -13.10
C SER A 4 -6.56 11.47 -13.59
N ASP A 5 -7.59 11.36 -12.77
CA ASP A 5 -8.77 10.59 -13.10
C ASP A 5 -9.98 11.18 -12.39
N GLU A 6 -11.11 10.53 -12.59
CA GLU A 6 -12.38 10.96 -11.99
C GLU A 6 -12.20 11.44 -10.55
N ARG A 7 -11.31 10.77 -9.82
CA ARG A 7 -11.05 11.13 -8.43
C ARG A 7 -9.73 10.52 -7.96
N LEU A 8 -8.81 10.36 -8.88
CA LEU A 8 -7.50 9.78 -8.55
C LEU A 8 -6.40 10.39 -9.43
N ASN A 9 -5.32 10.82 -8.78
CA ASN A 9 -4.19 11.42 -9.49
C ASN A 9 -2.89 10.75 -9.08
N VAL A 10 -2.18 10.20 -10.07
CA VAL A 10 -0.90 9.53 -9.81
C VAL A 10 0.26 10.26 -10.49
N THR A 11 1.21 10.71 -9.69
CA THR A 11 2.38 11.41 -10.21
C THR A 11 3.64 10.57 -10.00
N GLU A 12 4.71 10.94 -10.69
CA GLU A 12 5.97 10.21 -10.56
C GLU A 12 7.13 11.16 -10.28
N GLU A 13 8.01 10.75 -9.38
CA GLU A 13 9.17 11.57 -9.01
C GLU A 13 10.45 10.73 -9.05
N PRO A 14 11.53 11.25 -9.68
CA PRO A 14 12.80 10.56 -9.77
C PRO A 14 13.60 10.62 -8.48
N THR A 15 14.78 10.01 -8.48
CA THR A 15 15.64 10.00 -7.31
C THR A 15 17.10 9.82 -7.70
N SER A 16 17.38 8.77 -8.47
CA SER A 16 18.74 8.49 -8.92
C SER A 16 19.69 8.34 -7.74
N ASN A 17 19.25 7.60 -6.72
CA ASN A 17 20.07 7.39 -5.54
C ASN A 17 19.41 6.39 -4.60
N ASP A 18 18.38 6.84 -3.89
CA ASP A 18 17.65 5.97 -2.97
C ASP A 18 16.57 5.17 -3.67
N LYS A 19 16.67 3.85 -3.61
CA LYS A 19 15.70 2.98 -4.25
C LYS A 19 15.66 3.22 -5.76
N THR A 20 14.79 2.50 -6.45
CA THR A 20 14.67 2.64 -7.89
C THR A 20 14.03 3.97 -8.26
N ARG A 21 12.79 4.16 -7.84
CA ARG A 21 12.07 5.41 -8.13
C ARG A 21 11.08 5.73 -7.01
N VAL A 22 10.41 6.88 -7.14
CA VAL A 22 9.44 7.31 -6.15
C VAL A 22 8.15 7.75 -6.83
N LEU A 23 7.02 7.36 -6.24
CA LEU A 23 5.71 7.70 -6.79
C LEU A 23 4.75 8.14 -5.69
N SER A 24 3.81 9.00 -6.07
CA SER A 24 2.82 9.50 -5.14
C SER A 24 1.42 9.30 -5.71
N ILE A 25 0.51 8.80 -4.88
CA ILE A 25 -0.86 8.55 -5.30
C ILE A 25 -1.87 9.21 -4.37
N GLN A 26 -2.67 10.11 -4.91
CA GLN A 26 -3.69 10.79 -4.13
C GLN A 26 -5.06 10.22 -4.46
N CYS A 27 -5.82 9.89 -3.43
CA CYS A 27 -7.15 9.31 -3.61
C CYS A 27 -8.22 10.13 -2.91
N THR A 28 -9.19 10.58 -3.68
CA THR A 28 -10.30 11.36 -3.14
C THR A 28 -11.55 10.50 -2.99
N LEU A 29 -12.04 10.37 -1.77
CA LEU A 29 -13.23 9.57 -1.51
C LEU A 29 -13.63 9.62 -0.03
N THR A 30 -12.77 9.07 0.82
CA THR A 30 -13.00 9.00 2.27
C THR A 30 -13.95 10.09 2.77
N GLU A 31 -15.24 9.76 2.85
CA GLU A 31 -16.27 10.69 3.30
C GLU A 31 -16.05 12.08 2.71
N ALA A 32 -15.78 12.13 1.41
CA ALA A 32 -15.54 13.39 0.73
C ALA A 32 -14.24 14.01 1.20
N LYS A 33 -13.24 13.14 1.40
CA LYS A 33 -11.92 13.58 1.84
C LYS A 33 -10.82 12.73 1.22
N GLN A 34 -9.89 13.40 0.57
CA GLN A 34 -8.77 12.71 -0.08
C GLN A 34 -7.55 12.65 0.82
N VAL A 35 -6.76 11.60 0.65
CA VAL A 35 -5.54 11.42 1.44
C VAL A 35 -4.32 11.31 0.53
N THR A 36 -3.24 11.96 0.94
CA THR A 36 -2.01 11.91 0.17
C THR A 36 -1.26 10.65 0.57
N TRP A 37 -1.03 9.78 -0.41
CA TRP A 37 -0.36 8.52 -0.15
C TRP A 37 1.05 8.48 -0.71
N ARG A 38 1.89 7.70 -0.06
CA ARG A 38 3.28 7.54 -0.47
C ARG A 38 3.59 6.10 -0.86
N ALA A 39 3.99 5.92 -2.11
CA ALA A 39 4.32 4.60 -2.62
C ALA A 39 5.67 4.61 -3.32
N VAL A 40 6.54 3.67 -2.98
CA VAL A 40 7.86 3.56 -3.58
C VAL A 40 7.90 2.44 -4.60
N TRP A 41 8.77 2.59 -5.60
CA TRP A 41 8.91 1.59 -6.65
C TRP A 41 10.27 0.89 -6.54
N ASN A 42 10.23 -0.44 -6.41
CA ASN A 42 11.47 -1.22 -6.29
C ASN A 42 11.56 -2.28 -7.38
N GLY A 43 12.21 -1.93 -8.49
CA GLY A 43 12.34 -2.87 -9.58
C GLY A 43 11.02 -3.20 -10.25
N GLY A 44 10.77 -4.48 -10.46
CA GLY A 44 9.53 -4.91 -11.11
C GLY A 44 8.39 -5.11 -10.12
N GLY A 45 8.59 -4.66 -8.88
CA GLY A 45 7.56 -4.80 -7.87
C GLY A 45 7.14 -3.46 -7.30
N LEU A 46 5.93 -3.42 -6.73
CA LEU A 46 5.40 -2.18 -6.15
C LEU A 46 5.45 -2.22 -4.63
N TYR A 47 5.61 -1.05 -4.03
CA TYR A 47 5.66 -0.93 -2.57
C TYR A 47 4.72 0.16 -2.08
N ILE A 48 3.91 -0.16 -1.07
CA ILE A 48 2.97 0.80 -0.51
C ILE A 48 3.24 1.04 0.98
N GLU A 49 3.35 2.32 1.35
CA GLU A 49 3.59 2.69 2.74
C GLU A 49 2.43 3.51 3.29
N LEU A 50 1.79 3.02 4.33
CA LEU A 50 0.67 3.71 4.94
C LEU A 50 1.10 4.46 6.20
N PRO A 51 0.54 5.67 6.43
CA PRO A 51 0.87 6.48 7.59
C PRO A 51 0.24 5.95 8.88
N ALA A 52 0.27 6.76 9.93
CA ALA A 52 -0.29 6.38 11.21
C ALA A 52 -1.78 6.06 11.09
N GLY A 53 -2.55 7.03 10.60
CA GLY A 53 -3.98 6.84 10.43
C GLY A 53 -4.39 6.84 8.97
N PRO A 54 -4.17 5.73 8.25
CA PRO A 54 -4.54 5.60 6.84
C PRO A 54 -6.04 5.50 6.63
N LEU A 55 -6.69 4.67 7.45
CA LEU A 55 -8.14 4.48 7.35
C LEU A 55 -8.84 5.01 8.60
N PRO A 56 -9.21 6.30 8.61
CA PRO A 56 -9.89 6.92 9.74
C PRO A 56 -11.12 6.13 10.18
N GLU A 57 -11.95 5.75 9.22
CA GLU A 57 -13.16 5.00 9.51
C GLU A 57 -13.29 3.79 8.57
N GLY A 58 -13.65 4.05 7.33
CA GLY A 58 -13.80 2.98 6.36
C GLY A 58 -13.46 3.42 4.96
N SER A 59 -12.96 2.48 4.15
CA SER A 59 -12.59 2.77 2.78
C SER A 59 -12.12 1.51 2.06
N LYS A 60 -13.00 0.92 1.27
CA LYS A 60 -12.67 -0.30 0.53
C LYS A 60 -12.60 -0.03 -0.98
N ASP A 61 -13.52 0.80 -1.46
CA ASP A 61 -13.55 1.14 -2.89
C ASP A 61 -12.32 1.95 -3.29
N SER A 62 -11.78 2.71 -2.35
CA SER A 62 -10.60 3.53 -2.62
C SER A 62 -9.40 2.67 -2.99
N PHE A 63 -8.90 1.92 -2.01
CA PHE A 63 -7.75 1.05 -2.23
C PHE A 63 -8.01 0.06 -3.36
N ALA A 64 -9.27 -0.32 -3.54
CA ALA A 64 -9.66 -1.26 -4.57
C ALA A 64 -9.26 -0.77 -5.96
N ALA A 65 -9.84 0.36 -6.37
CA ALA A 65 -9.55 0.94 -7.67
C ALA A 65 -8.07 1.29 -7.82
N LEU A 66 -7.44 1.65 -6.70
CA LEU A 66 -6.02 2.01 -6.72
C LEU A 66 -5.16 0.85 -7.21
N LEU A 67 -5.12 -0.23 -6.43
CA LEU A 67 -4.33 -1.40 -6.78
C LEU A 67 -4.75 -1.96 -8.13
N GLU A 68 -6.02 -1.78 -8.48
CA GLU A 68 -6.54 -2.28 -9.75
C GLU A 68 -5.82 -1.63 -10.94
N PHE A 69 -5.58 -0.33 -10.84
CA PHE A 69 -4.90 0.40 -11.90
C PHE A 69 -3.42 0.04 -11.97
N ALA A 70 -2.74 0.13 -10.83
CA ALA A 70 -1.31 -0.18 -10.76
C ALA A 70 -1.01 -1.56 -11.33
N GLU A 71 -1.97 -2.48 -11.21
CA GLU A 71 -1.81 -3.84 -11.71
C GLU A 71 -1.99 -3.89 -13.23
N GLU A 72 -3.05 -3.27 -13.72
CA GLU A 72 -3.33 -3.25 -15.15
C GLU A 72 -2.16 -2.64 -15.93
N GLN A 73 -1.43 -1.73 -15.30
CA GLN A 73 -0.30 -1.07 -15.93
C GLN A 73 0.94 -1.96 -15.92
N LEU A 74 1.43 -2.28 -14.73
CA LEU A 74 2.62 -3.11 -14.60
C LEU A 74 2.27 -4.52 -14.11
N ARG A 75 1.28 -4.62 -13.23
CA ARG A 75 0.84 -5.89 -12.66
C ARG A 75 1.63 -6.21 -11.39
N ALA A 76 2.90 -5.85 -11.39
CA ALA A 76 3.77 -6.07 -10.24
C ALA A 76 3.82 -7.54 -9.84
N ASP A 77 4.99 -8.16 -10.05
CA ASP A 77 5.18 -9.56 -9.69
C ASP A 77 5.95 -9.66 -8.37
N HIS A 78 5.56 -8.79 -7.44
CA HIS A 78 6.17 -8.71 -6.11
C HIS A 78 5.86 -7.36 -5.50
N VAL A 79 5.00 -7.38 -4.51
CA VAL A 79 4.59 -6.16 -3.82
C VAL A 79 4.63 -6.32 -2.31
N PHE A 80 5.13 -5.29 -1.63
CA PHE A 80 5.21 -5.30 -0.19
C PHE A 80 4.56 -4.03 0.38
N ILE A 81 3.52 -4.22 1.18
CA ILE A 81 2.81 -3.10 1.77
C ILE A 81 2.93 -3.13 3.30
N CYS A 82 2.91 -1.96 3.91
CA CYS A 82 3.01 -1.88 5.36
C CYS A 82 1.88 -1.05 5.96
N PHE A 83 1.19 -1.63 6.95
CA PHE A 83 0.09 -0.96 7.61
C PHE A 83 0.37 -0.79 9.11
N PRO A 84 -0.14 0.30 9.71
CA PRO A 84 0.07 0.58 11.13
C PRO A 84 -0.74 -0.37 12.02
N LYS A 85 -0.82 -0.04 13.31
CA LYS A 85 -1.55 -0.87 14.26
C LYS A 85 -2.01 -0.04 15.46
N ASN A 86 -2.58 1.13 15.19
CA ASN A 86 -3.05 2.01 16.24
C ASN A 86 -4.12 1.33 17.09
N ARG A 87 -5.32 1.21 16.54
CA ARG A 87 -6.43 0.57 17.25
C ARG A 87 -6.80 -0.76 16.59
N GLU A 88 -7.51 -0.68 15.46
CA GLU A 88 -7.92 -1.88 14.74
C GLU A 88 -7.96 -1.62 13.24
N ASP A 89 -7.39 -2.54 12.47
CA ASP A 89 -7.35 -2.41 11.03
C ASP A 89 -6.68 -3.62 10.39
N ARG A 90 -5.61 -4.09 11.01
CA ARG A 90 -4.87 -5.24 10.52
C ARG A 90 -5.70 -6.52 10.62
N ALA A 91 -6.58 -6.57 11.62
CA ALA A 91 -7.44 -7.73 11.83
C ALA A 91 -8.26 -8.05 10.58
N ALA A 92 -9.07 -7.10 10.15
CA ALA A 92 -9.90 -7.28 8.98
C ALA A 92 -9.07 -7.33 7.70
N LEU A 93 -7.94 -6.62 7.71
CA LEU A 93 -7.06 -6.58 6.55
C LEU A 93 -6.65 -7.99 6.12
N LEU A 94 -6.17 -8.79 7.07
CA LEU A 94 -5.75 -10.15 6.77
C LEU A 94 -6.96 -11.09 6.63
N ARG A 95 -8.03 -10.77 7.35
CA ARG A 95 -9.24 -11.58 7.32
C ARG A 95 -9.74 -11.76 5.88
N THR A 96 -9.67 -10.69 5.10
CA THR A 96 -10.12 -10.75 3.71
C THR A 96 -8.99 -11.17 2.79
N PHE A 97 -7.83 -10.53 2.94
CA PHE A 97 -6.67 -10.84 2.13
C PHE A 97 -6.31 -12.32 2.20
N SER A 98 -6.67 -12.95 3.31
CA SER A 98 -6.39 -14.37 3.51
C SER A 98 -7.03 -15.22 2.41
N PHE A 99 -8.11 -14.70 1.83
CA PHE A 99 -8.82 -15.41 0.76
C PHE A 99 -8.75 -14.65 -0.56
N LEU A 100 -7.59 -14.02 -0.81
CA LEU A 100 -7.40 -13.26 -2.04
C LEU A 100 -6.00 -13.50 -2.63
N GLY A 101 -5.32 -14.52 -2.13
CA GLY A 101 -3.98 -14.83 -2.63
C GLY A 101 -2.91 -13.96 -1.99
N PHE A 102 -3.19 -13.47 -0.80
CA PHE A 102 -2.24 -12.62 -0.07
C PHE A 102 -1.70 -13.35 1.15
N GLU A 103 -0.74 -12.72 1.83
CA GLU A 103 -0.13 -13.30 3.02
C GLU A 103 0.08 -12.24 4.08
N ILE A 104 0.13 -12.66 5.35
CA ILE A 104 0.34 -11.72 6.45
C ILE A 104 1.44 -12.21 7.39
N VAL A 105 2.37 -11.33 7.73
CA VAL A 105 3.46 -11.67 8.61
C VAL A 105 3.78 -10.51 9.56
N ARG A 106 4.45 -10.82 10.65
CA ARG A 106 4.81 -9.80 11.64
C ARG A 106 6.32 -9.67 11.74
N PRO A 107 6.85 -8.44 11.60
CA PRO A 107 8.30 -8.18 11.67
C PRO A 107 8.92 -8.77 12.93
N GLY A 108 9.83 -9.71 12.75
CA GLY A 108 10.49 -10.33 13.88
C GLY A 108 11.83 -10.95 13.52
N HIS A 109 12.91 -10.35 14.01
CA HIS A 109 14.25 -10.85 13.73
C HIS A 109 14.90 -11.40 15.01
N PRO A 110 15.67 -12.50 14.90
CA PRO A 110 16.34 -13.11 16.05
C PRO A 110 17.38 -12.17 16.68
N LEU A 111 17.74 -11.12 15.96
CA LEU A 111 18.72 -10.16 16.46
C LEU A 111 18.04 -8.93 17.06
N VAL A 112 17.08 -8.37 16.33
CA VAL A 112 16.36 -7.20 16.79
C VAL A 112 14.97 -7.56 17.30
N PRO A 113 14.40 -6.73 18.20
CA PRO A 113 13.06 -6.97 18.76
C PRO A 113 11.98 -6.96 17.69
N LYS A 114 11.92 -5.88 16.92
CA LYS A 114 10.93 -5.75 15.86
C LYS A 114 9.52 -5.88 16.41
N ARG A 115 8.53 -5.82 15.52
CA ARG A 115 7.13 -5.92 15.91
C ARG A 115 6.66 -4.67 16.63
N PRO A 116 7.00 -3.47 16.11
CA PRO A 116 6.59 -2.20 16.72
C PRO A 116 5.18 -1.78 16.28
N ASP A 117 4.23 -2.71 16.41
CA ASP A 117 2.86 -2.44 16.02
C ASP A 117 2.77 -2.17 14.53
N ALA A 118 3.56 -2.89 13.75
CA ALA A 118 3.54 -2.74 12.33
C ALA A 118 3.34 -4.09 11.67
N CYS A 119 2.24 -4.22 10.97
CA CYS A 119 1.89 -5.43 10.27
C CYS A 119 2.45 -5.43 8.85
N PHE A 120 3.29 -6.39 8.55
CA PHE A 120 3.91 -6.51 7.24
C PHE A 120 3.09 -7.41 6.33
N MET A 121 2.62 -6.85 5.21
CA MET A 121 1.82 -7.61 4.26
C MET A 121 2.63 -7.93 3.00
N VAL A 122 2.49 -9.14 2.50
CA VAL A 122 3.21 -9.57 1.31
C VAL A 122 2.27 -10.20 0.28
N TYR A 123 2.34 -9.72 -0.96
CA TYR A 123 1.51 -10.23 -2.04
C TYR A 123 2.29 -10.27 -3.34
N THR A 124 1.80 -11.02 -4.32
CA THR A 124 2.47 -11.13 -5.62
C THR A 124 1.45 -11.38 -6.72
N LEU A 125 1.93 -11.51 -7.95
CA LEU A 125 1.06 -11.75 -9.10
C LEU A 125 0.82 -13.25 -9.28
N GLU A 126 1.89 -14.03 -9.16
CA GLU A 126 1.81 -15.49 -9.31
C GLU A 126 2.91 -16.18 -8.52
N ILE A 1 6.63 9.29 -14.48
CA ILE A 1 5.93 10.56 -14.68
C ILE A 1 4.88 10.77 -13.59
N LEU A 2 4.05 11.79 -13.76
CA LEU A 2 2.99 12.09 -12.81
C LEU A 2 1.64 12.21 -13.51
N TYR A 3 0.71 11.35 -13.11
CA TYR A 3 -0.63 11.34 -13.70
C TYR A 3 -1.68 11.79 -12.68
N SER A 4 -2.48 12.78 -13.06
CA SER A 4 -3.52 13.30 -12.20
C SER A 4 -4.86 13.31 -12.93
N ASP A 5 -5.83 12.58 -12.39
CA ASP A 5 -7.14 12.50 -13.00
C ASP A 5 -8.21 13.10 -12.07
N GLU A 6 -9.44 12.66 -12.26
CA GLU A 6 -10.59 13.12 -11.48
C GLU A 6 -10.19 13.67 -10.10
N ARG A 7 -10.00 12.78 -9.14
CA ARG A 7 -9.63 13.18 -7.78
C ARG A 7 -8.42 12.40 -7.30
N LEU A 8 -7.50 12.11 -8.20
CA LEU A 8 -6.29 11.37 -7.85
C LEU A 8 -5.09 11.92 -8.61
N ASN A 9 -4.02 12.20 -7.87
CA ASN A 9 -2.79 12.72 -8.46
C ASN A 9 -1.59 11.89 -8.05
N VAL A 10 -0.89 11.32 -9.02
CA VAL A 10 0.28 10.50 -8.75
C VAL A 10 1.52 11.06 -9.44
N THR A 11 2.65 10.98 -8.75
CA THR A 11 3.92 11.46 -9.31
C THR A 11 5.02 10.43 -9.11
N GLU A 12 5.82 10.22 -10.15
CA GLU A 12 6.92 9.26 -10.09
C GLU A 12 8.26 9.95 -9.90
N GLU A 13 9.07 9.43 -8.98
CA GLU A 13 10.37 10.00 -8.69
C GLU A 13 11.47 8.94 -8.88
N PRO A 14 12.08 8.89 -10.08
CA PRO A 14 13.14 7.93 -10.39
C PRO A 14 14.25 7.92 -9.33
N THR A 15 15.22 7.04 -9.51
CA THR A 15 16.34 6.94 -8.57
C THR A 15 17.15 8.24 -8.54
N SER A 16 16.80 9.11 -7.59
CA SER A 16 17.49 10.39 -7.45
C SER A 16 18.81 10.22 -6.71
N ASN A 17 18.82 9.31 -5.73
CA ASN A 17 20.03 9.05 -4.95
C ASN A 17 19.99 7.65 -4.35
N ASP A 18 18.88 7.34 -3.66
CA ASP A 18 18.72 6.03 -3.04
C ASP A 18 18.42 4.96 -4.08
N LYS A 19 18.49 3.70 -3.66
CA LYS A 19 18.22 2.59 -4.56
C LYS A 19 16.74 2.47 -4.86
N THR A 20 16.40 1.59 -5.80
CA THR A 20 15.01 1.38 -6.19
C THR A 20 14.37 2.70 -6.65
N ARG A 21 13.05 2.68 -6.81
CA ARG A 21 12.33 3.88 -7.24
C ARG A 21 11.39 4.36 -6.14
N VAL A 22 11.06 5.65 -6.17
CA VAL A 22 10.17 6.22 -5.17
C VAL A 22 9.04 7.00 -5.83
N LEU A 23 7.81 6.68 -5.47
CA LEU A 23 6.64 7.35 -6.04
C LEU A 23 5.66 7.73 -4.94
N SER A 24 4.82 8.72 -5.23
CA SER A 24 3.82 9.19 -4.28
C SER A 24 2.43 9.21 -4.92
N ILE A 25 1.45 8.73 -4.18
CA ILE A 25 0.08 8.69 -4.67
C ILE A 25 -0.87 9.36 -3.67
N GLN A 26 -1.55 10.40 -4.11
CA GLN A 26 -2.48 11.12 -3.26
C GLN A 26 -3.91 10.83 -3.69
N CYS A 27 -4.74 10.43 -2.73
CA CYS A 27 -6.13 10.12 -3.01
C CYS A 27 -7.05 10.91 -2.10
N THR A 28 -7.91 11.72 -2.71
CA THR A 28 -8.85 12.53 -1.95
C THR A 28 -10.28 12.08 -2.20
N LEU A 29 -10.98 11.69 -1.13
CA LEU A 29 -12.36 11.24 -1.25
C LEU A 29 -13.33 12.36 -0.92
N THR A 30 -12.98 13.56 -1.37
CA THR A 30 -13.81 14.74 -1.16
C THR A 30 -14.27 14.87 0.30
N GLU A 31 -15.57 14.71 0.53
CA GLU A 31 -16.13 14.82 1.88
C GLU A 31 -15.98 13.52 2.66
N ALA A 32 -15.44 12.49 1.99
CA ALA A 32 -15.23 11.21 2.63
C ALA A 32 -13.94 11.21 3.46
N LYS A 33 -12.82 11.52 2.79
CA LYS A 33 -11.52 11.57 3.47
C LYS A 33 -10.37 11.54 2.47
N GLN A 34 -9.39 12.40 2.69
CA GLN A 34 -8.22 12.48 1.82
C GLN A 34 -6.97 12.03 2.56
N VAL A 35 -6.27 11.06 1.98
CA VAL A 35 -5.04 10.54 2.58
C VAL A 35 -3.85 10.69 1.65
N THR A 36 -2.72 11.10 2.22
CA THR A 36 -1.49 11.22 1.47
C THR A 36 -0.77 9.89 1.56
N TRP A 37 -0.55 9.25 0.43
CA TRP A 37 0.08 7.94 0.41
C TRP A 37 1.51 7.98 -0.08
N ARG A 38 2.30 7.06 0.46
CA ARG A 38 3.71 6.94 0.10
C ARG A 38 4.04 5.49 -0.24
N ALA A 39 4.61 5.28 -1.41
CA ALA A 39 4.95 3.93 -1.84
C ALA A 39 6.33 3.87 -2.51
N VAL A 40 6.95 2.71 -2.42
CA VAL A 40 8.26 2.48 -3.02
C VAL A 40 8.21 1.23 -3.90
N TRP A 41 8.73 1.35 -5.12
CA TRP A 41 8.74 0.24 -6.06
C TRP A 41 10.09 -0.47 -6.03
N ASN A 42 10.05 -1.80 -6.06
CA ASN A 42 11.28 -2.59 -6.04
C ASN A 42 11.19 -3.72 -7.06
N GLY A 43 12.34 -4.30 -7.40
CA GLY A 43 12.35 -5.39 -8.36
C GLY A 43 11.67 -6.62 -7.83
N GLY A 44 10.76 -7.17 -8.62
CA GLY A 44 10.05 -8.37 -8.20
C GLY A 44 8.66 -8.07 -7.65
N GLY A 45 8.42 -6.82 -7.29
CA GLY A 45 7.11 -6.47 -6.76
C GLY A 45 7.00 -5.03 -6.31
N LEU A 46 5.80 -4.63 -5.90
CA LEU A 46 5.55 -3.26 -5.45
C LEU A 46 5.32 -3.21 -3.95
N TYR A 47 5.62 -2.05 -3.37
CA TYR A 47 5.44 -1.86 -1.92
C TYR A 47 4.67 -0.57 -1.64
N ILE A 48 3.80 -0.60 -0.64
CA ILE A 48 3.02 0.58 -0.28
C ILE A 48 2.89 0.72 1.23
N GLU A 49 2.65 1.95 1.70
CA GLU A 49 2.51 2.21 3.13
C GLU A 49 1.17 2.89 3.42
N LEU A 50 0.64 2.66 4.62
CA LEU A 50 -0.63 3.25 5.02
C LEU A 50 -0.44 4.12 6.27
N PRO A 51 -0.32 5.45 6.09
CA PRO A 51 -0.14 6.38 7.21
C PRO A 51 -1.39 6.51 8.05
N ALA A 52 -2.55 6.38 7.42
CA ALA A 52 -3.82 6.49 8.11
C ALA A 52 -3.94 5.42 9.20
N GLY A 53 -4.27 4.20 8.79
CA GLY A 53 -4.40 3.12 9.75
C GLY A 53 -5.44 2.09 9.32
N PRO A 54 -6.69 2.19 9.83
CA PRO A 54 -7.76 1.26 9.48
C PRO A 54 -7.93 1.11 7.97
N LEU A 55 -8.45 -0.05 7.55
CA LEU A 55 -8.67 -0.31 6.14
C LEU A 55 -9.87 0.48 5.60
N PRO A 56 -11.04 0.34 6.25
CA PRO A 56 -12.25 1.05 5.84
C PRO A 56 -12.23 2.53 6.23
N GLU A 57 -11.53 3.33 5.43
CA GLU A 57 -11.43 4.76 5.70
C GLU A 57 -12.53 5.53 4.97
N GLY A 58 -13.70 5.63 5.60
CA GLY A 58 -14.81 6.33 5.00
C GLY A 58 -15.41 5.59 3.83
N SER A 59 -14.63 5.43 2.76
CA SER A 59 -15.09 4.73 1.57
C SER A 59 -14.17 3.56 1.25
N LYS A 60 -14.77 2.39 1.04
CA LYS A 60 -14.02 1.18 0.72
C LYS A 60 -13.93 0.98 -0.79
N ASP A 61 -14.98 1.37 -1.50
CA ASP A 61 -15.02 1.23 -2.95
C ASP A 61 -13.92 2.08 -3.60
N SER A 62 -13.71 3.28 -3.06
CA SER A 62 -12.70 4.18 -3.60
C SER A 62 -11.30 3.60 -3.44
N PHE A 63 -11.05 2.97 -2.30
CA PHE A 63 -9.76 2.37 -2.02
C PHE A 63 -9.48 1.21 -2.97
N ALA A 64 -10.53 0.47 -3.32
CA ALA A 64 -10.40 -0.67 -4.22
C ALA A 64 -10.11 -0.22 -5.64
N ALA A 65 -10.64 0.94 -6.01
CA ALA A 65 -10.45 1.48 -7.35
C ALA A 65 -9.00 1.88 -7.58
N LEU A 66 -8.48 2.73 -6.70
CA LEU A 66 -7.10 3.20 -6.80
C LEU A 66 -6.12 2.04 -6.76
N LEU A 67 -6.39 1.08 -5.88
CA LEU A 67 -5.53 -0.09 -5.73
C LEU A 67 -5.40 -0.84 -7.05
N GLU A 68 -6.52 -1.06 -7.72
CA GLU A 68 -6.52 -1.76 -8.99
C GLU A 68 -5.76 -0.97 -10.06
N PHE A 69 -5.85 0.35 -9.98
CA PHE A 69 -5.18 1.22 -10.94
C PHE A 69 -3.68 0.97 -10.95
N ALA A 70 -3.04 1.21 -9.81
CA ALA A 70 -1.59 1.02 -9.69
C ALA A 70 -1.21 -0.43 -9.97
N GLU A 71 -2.12 -1.35 -9.66
CA GLU A 71 -1.87 -2.77 -9.88
C GLU A 71 -1.69 -3.08 -11.36
N GLU A 72 -2.43 -2.35 -12.20
CA GLU A 72 -2.34 -2.55 -13.65
C GLU A 72 -1.14 -1.83 -14.23
N GLN A 73 -0.77 -0.71 -13.61
CA GLN A 73 0.37 0.08 -14.07
C GLN A 73 1.68 -0.68 -13.89
N LEU A 74 1.75 -1.49 -12.82
CA LEU A 74 2.94 -2.27 -12.54
C LEU A 74 2.72 -3.75 -12.83
N ARG A 75 1.48 -4.20 -12.67
CA ARG A 75 1.13 -5.59 -12.92
C ARG A 75 1.93 -6.53 -12.02
N ALA A 76 2.44 -5.99 -10.92
CA ALA A 76 3.24 -6.78 -9.98
C ALA A 76 2.34 -7.46 -8.95
N ASP A 77 2.30 -8.79 -9.01
CA ASP A 77 1.48 -9.57 -8.08
C ASP A 77 1.96 -9.39 -6.64
N HIS A 78 3.28 -9.43 -6.46
CA HIS A 78 3.88 -9.27 -5.15
C HIS A 78 3.61 -7.87 -4.59
N VAL A 79 2.36 -7.60 -4.28
CA VAL A 79 1.95 -6.33 -3.71
C VAL A 79 1.88 -6.42 -2.19
N PHE A 80 2.64 -5.58 -1.52
CA PHE A 80 2.66 -5.59 -0.05
C PHE A 80 2.19 -4.27 0.52
N ILE A 81 1.27 -4.34 1.48
CA ILE A 81 0.75 -3.14 2.12
C ILE A 81 1.09 -3.18 3.60
N CYS A 82 1.83 -2.18 4.07
CA CYS A 82 2.22 -2.14 5.48
C CYS A 82 1.35 -1.20 6.29
N PHE A 83 1.06 -1.59 7.53
CA PHE A 83 0.24 -0.80 8.44
C PHE A 83 1.00 -0.49 9.73
N PRO A 84 1.18 0.81 10.05
CA PRO A 84 1.89 1.23 11.26
C PRO A 84 1.24 0.73 12.54
N LYS A 85 -0.02 0.28 12.44
CA LYS A 85 -0.74 -0.23 13.61
C LYS A 85 -1.20 -1.66 13.37
N ASN A 86 -2.33 -1.83 12.69
CA ASN A 86 -2.88 -3.16 12.41
C ASN A 86 -3.00 -3.98 13.69
N ARG A 87 -4.19 -3.94 14.30
CA ARG A 87 -4.43 -4.70 15.52
C ARG A 87 -5.80 -5.37 15.48
N GLU A 88 -6.85 -4.58 15.69
CA GLU A 88 -8.21 -5.11 15.67
C GLU A 88 -8.70 -5.35 14.24
N ASP A 89 -8.69 -4.28 13.44
CA ASP A 89 -9.12 -4.38 12.06
C ASP A 89 -8.29 -5.40 11.28
N ARG A 90 -7.07 -5.63 11.75
CA ARG A 90 -6.18 -6.58 11.10
C ARG A 90 -6.81 -7.97 11.02
N ALA A 91 -7.68 -8.29 11.98
CA ALA A 91 -8.35 -9.58 12.01
C ALA A 91 -9.16 -9.80 10.73
N ALA A 92 -10.19 -8.99 10.54
CA ALA A 92 -11.05 -9.10 9.37
C ALA A 92 -10.25 -8.90 8.08
N LEU A 93 -9.20 -8.11 8.16
CA LEU A 93 -8.36 -7.83 7.00
C LEU A 93 -7.79 -9.12 6.42
N LEU A 94 -6.94 -9.80 7.19
CA LEU A 94 -6.32 -11.04 6.75
C LEU A 94 -7.39 -12.09 6.43
N ARG A 95 -8.51 -12.02 7.14
CA ARG A 95 -9.61 -12.97 6.93
C ARG A 95 -10.09 -12.94 5.49
N THR A 96 -10.21 -11.74 4.93
CA THR A 96 -10.66 -11.58 3.55
C THR A 96 -9.54 -11.85 2.56
N PHE A 97 -8.41 -11.15 2.75
CA PHE A 97 -7.26 -11.32 1.86
C PHE A 97 -6.81 -12.78 1.81
N SER A 98 -7.05 -13.51 2.90
CA SER A 98 -6.67 -14.91 2.97
C SER A 98 -7.53 -15.76 2.04
N PHE A 99 -8.70 -15.24 1.67
CA PHE A 99 -9.60 -15.95 0.78
C PHE A 99 -8.91 -16.33 -0.53
N LEU A 100 -7.93 -15.53 -0.93
CA LEU A 100 -7.19 -15.80 -2.16
C LEU A 100 -5.88 -16.52 -1.87
N GLY A 101 -4.87 -15.77 -1.43
CA GLY A 101 -3.59 -16.37 -1.12
C GLY A 101 -2.62 -15.38 -0.51
N PHE A 102 -3.16 -14.46 0.29
CA PHE A 102 -2.34 -13.44 0.94
C PHE A 102 -1.68 -14.01 2.20
N GLU A 103 -0.57 -13.41 2.61
CA GLU A 103 0.15 -13.85 3.80
C GLU A 103 0.44 -12.67 4.72
N ILE A 104 0.72 -12.96 5.98
CA ILE A 104 1.03 -11.92 6.96
C ILE A 104 2.41 -12.11 7.56
N VAL A 105 3.23 -11.07 7.51
CA VAL A 105 4.58 -11.13 8.05
C VAL A 105 4.87 -9.92 8.95
N ARG A 106 5.42 -10.19 10.12
CA ARG A 106 5.75 -9.14 11.07
C ARG A 106 7.21 -8.72 10.93
N PRO A 107 7.55 -7.51 11.41
CA PRO A 107 8.92 -6.99 11.34
C PRO A 107 9.92 -7.84 12.12
N GLY A 108 11.20 -7.52 11.99
CA GLY A 108 12.22 -8.26 12.70
C GLY A 108 13.45 -8.51 11.84
N HIS A 109 13.98 -7.44 11.25
CA HIS A 109 15.16 -7.54 10.40
C HIS A 109 16.37 -6.88 11.06
N PRO A 110 17.57 -7.47 10.90
CA PRO A 110 18.79 -6.93 11.49
C PRO A 110 19.14 -5.54 10.94
N LEU A 111 18.58 -5.22 9.77
CA LEU A 111 18.83 -3.93 9.15
C LEU A 111 17.80 -2.89 9.60
N VAL A 112 16.53 -3.28 9.56
CA VAL A 112 15.45 -2.39 9.96
C VAL A 112 14.88 -2.79 11.32
N PRO A 113 14.65 -1.81 12.22
CA PRO A 113 14.11 -2.07 13.55
C PRO A 113 12.82 -2.89 13.50
N LYS A 114 12.20 -3.09 14.66
CA LYS A 114 10.96 -3.86 14.75
C LYS A 114 9.90 -3.08 15.52
N ARG A 115 8.66 -3.13 15.02
CA ARG A 115 7.55 -2.44 15.66
C ARG A 115 6.47 -3.42 16.08
N PRO A 116 6.21 -3.54 17.40
CA PRO A 116 5.20 -4.46 17.92
C PRO A 116 3.85 -4.29 17.24
N ASP A 117 3.47 -3.04 16.99
CA ASP A 117 2.21 -2.73 16.34
C ASP A 117 2.40 -2.40 14.88
N ALA A 118 3.33 -3.10 14.24
CA ALA A 118 3.58 -2.91 12.84
C ALA A 118 3.53 -4.25 12.14
N CYS A 119 2.59 -4.37 11.24
CA CYS A 119 2.41 -5.60 10.47
C CYS A 119 2.34 -5.33 8.98
N PHE A 120 3.21 -6.01 8.22
CA PHE A 120 3.24 -5.83 6.78
C PHE A 120 2.78 -7.09 6.06
N MET A 121 1.73 -6.94 5.24
CA MET A 121 1.18 -8.07 4.49
C MET A 121 1.81 -8.17 3.11
N VAL A 122 2.11 -9.40 2.70
CA VAL A 122 2.72 -9.65 1.40
C VAL A 122 1.92 -10.68 0.60
N TYR A 123 1.53 -10.31 -0.61
CA TYR A 123 0.76 -11.21 -1.47
C TYR A 123 1.42 -11.34 -2.84
N THR A 124 1.81 -12.55 -3.20
CA THR A 124 2.45 -12.82 -4.49
C THR A 124 1.64 -13.81 -5.30
N LEU A 125 1.78 -13.77 -6.62
CA LEU A 125 1.05 -14.68 -7.50
C LEU A 125 1.26 -16.14 -7.08
N GLU A 126 0.36 -16.65 -6.25
CA GLU A 126 0.45 -18.02 -5.76
C GLU A 126 0.02 -19.00 -6.84
N ILE A 1 6.66 13.37 -14.55
CA ILE A 1 5.38 14.05 -14.64
C ILE A 1 4.36 13.43 -13.67
N LEU A 2 3.30 14.16 -13.39
CA LEU A 2 2.26 13.69 -12.49
C LEU A 2 0.90 13.70 -13.19
N TYR A 3 0.29 12.53 -13.30
CA TYR A 3 -1.00 12.40 -13.95
C TYR A 3 -2.14 12.59 -12.96
N SER A 4 -3.14 13.37 -13.36
CA SER A 4 -4.29 13.63 -12.51
C SER A 4 -5.58 13.35 -13.26
N ASP A 5 -6.37 12.41 -12.74
CA ASP A 5 -7.62 12.03 -13.36
C ASP A 5 -8.80 12.47 -12.48
N GLU A 6 -9.94 11.80 -12.66
CA GLU A 6 -11.16 12.09 -11.91
C GLU A 6 -10.89 12.84 -10.61
N ARG A 7 -10.38 12.13 -9.62
CA ARG A 7 -10.08 12.74 -8.32
C ARG A 7 -8.82 12.13 -7.73
N LEU A 8 -7.84 11.87 -8.58
CA LEU A 8 -6.58 11.28 -8.15
C LEU A 8 -5.41 11.82 -8.96
N ASN A 9 -4.35 12.19 -8.26
CA ASN A 9 -3.15 12.72 -8.91
C ASN A 9 -1.92 11.92 -8.50
N VAL A 10 -1.25 11.31 -9.47
CA VAL A 10 -0.06 10.51 -9.21
C VAL A 10 1.19 11.11 -9.85
N THR A 11 2.19 11.40 -9.03
CA THR A 11 3.45 11.95 -9.51
C THR A 11 4.53 10.88 -9.51
N GLU A 12 5.48 10.99 -10.43
CA GLU A 12 6.57 10.02 -10.53
C GLU A 12 7.91 10.66 -10.20
N GLU A 13 8.63 10.07 -9.26
CA GLU A 13 9.94 10.57 -8.86
C GLU A 13 11.01 9.50 -9.03
N PRO A 14 11.56 9.37 -10.26
CA PRO A 14 12.60 8.38 -10.56
C PRO A 14 13.95 8.77 -9.99
N THR A 15 14.69 7.78 -9.51
CA THR A 15 16.02 8.02 -8.94
C THR A 15 17.00 6.93 -9.37
N SER A 16 16.78 6.37 -10.55
CA SER A 16 17.64 5.33 -11.09
C SER A 16 17.17 4.88 -12.46
N ASN A 17 18.12 4.54 -13.33
CA ASN A 17 17.79 4.10 -14.68
C ASN A 17 17.88 2.57 -14.79
N ASP A 18 17.58 1.90 -13.68
CA ASP A 18 17.62 0.43 -13.65
C ASP A 18 16.49 -0.12 -12.79
N LYS A 19 16.35 0.42 -11.58
CA LYS A 19 15.32 -0.02 -10.66
C LYS A 19 15.33 0.82 -9.38
N THR A 20 14.41 0.53 -8.47
CA THR A 20 14.31 1.25 -7.21
C THR A 20 14.00 2.72 -7.45
N ARG A 21 12.74 3.09 -7.32
CA ARG A 21 12.31 4.47 -7.52
C ARG A 21 11.29 4.89 -6.45
N VAL A 22 11.04 6.18 -6.35
CA VAL A 22 10.10 6.71 -5.38
C VAL A 22 8.98 7.49 -6.06
N LEU A 23 7.74 7.10 -5.77
CA LEU A 23 6.58 7.75 -6.35
C LEU A 23 5.59 8.17 -5.25
N SER A 24 4.72 9.12 -5.58
CA SER A 24 3.73 9.61 -4.64
C SER A 24 2.34 9.56 -5.25
N ILE A 25 1.38 9.09 -4.49
CA ILE A 25 0.00 8.99 -4.96
C ILE A 25 -0.97 9.66 -4.00
N GLN A 26 -1.67 10.67 -4.48
CA GLN A 26 -2.64 11.40 -3.67
C GLN A 26 -4.05 11.03 -4.08
N CYS A 27 -4.88 10.69 -3.09
CA CYS A 27 -6.25 10.30 -3.36
C CYS A 27 -7.22 11.11 -2.53
N THR A 28 -8.21 11.67 -3.18
CA THR A 28 -9.24 12.48 -2.52
C THR A 28 -10.57 11.76 -2.47
N LEU A 29 -11.06 11.54 -1.25
CA LEU A 29 -12.35 10.86 -1.06
C LEU A 29 -12.71 10.76 0.42
N THR A 30 -11.88 10.06 1.19
CA THR A 30 -12.10 9.86 2.62
C THR A 30 -12.93 10.97 3.26
N GLU A 31 -14.24 10.73 3.36
CA GLU A 31 -15.17 11.70 3.95
C GLU A 31 -14.86 13.12 3.48
N ALA A 32 -14.63 13.26 2.18
CA ALA A 32 -14.31 14.56 1.60
C ALA A 32 -12.95 15.03 2.09
N LYS A 33 -12.02 14.08 2.18
CA LYS A 33 -10.66 14.37 2.65
C LYS A 33 -9.64 13.51 1.91
N GLN A 34 -8.67 14.16 1.29
CA GLN A 34 -7.64 13.46 0.54
C GLN A 34 -6.41 13.18 1.40
N VAL A 35 -5.89 11.96 1.29
CA VAL A 35 -4.72 11.55 2.04
C VAL A 35 -3.50 11.45 1.13
N THR A 36 -2.37 11.90 1.66
CA THR A 36 -1.11 11.85 0.92
C THR A 36 -0.50 10.49 1.12
N TRP A 37 -0.31 9.76 0.04
CA TRP A 37 0.24 8.42 0.11
C TRP A 37 1.66 8.33 -0.39
N ARG A 38 2.40 7.39 0.19
CA ARG A 38 3.79 7.18 -0.18
C ARG A 38 4.00 5.75 -0.68
N ALA A 39 4.46 5.63 -1.92
CA ALA A 39 4.69 4.32 -2.51
C ALA A 39 6.07 4.26 -3.16
N VAL A 40 6.70 3.08 -3.08
CA VAL A 40 8.02 2.88 -3.66
C VAL A 40 8.03 1.60 -4.50
N TRP A 41 8.63 1.69 -5.69
CA TRP A 41 8.69 0.54 -6.59
C TRP A 41 10.03 -0.18 -6.44
N ASN A 42 9.97 -1.51 -6.35
CA ASN A 42 11.18 -2.32 -6.22
C ASN A 42 11.14 -3.48 -7.20
N GLY A 43 12.28 -4.13 -7.40
CA GLY A 43 12.33 -5.25 -8.32
C GLY A 43 11.55 -6.46 -7.82
N GLY A 44 11.26 -6.48 -6.53
CA GLY A 44 10.53 -7.60 -5.95
C GLY A 44 9.04 -7.35 -5.87
N GLY A 45 8.54 -6.41 -6.65
CA GLY A 45 7.11 -6.10 -6.63
C GLY A 45 6.82 -4.67 -6.24
N LEU A 46 5.53 -4.33 -6.19
CA LEU A 46 5.10 -2.98 -5.84
C LEU A 46 5.02 -2.82 -4.33
N TYR A 47 5.53 -1.70 -3.82
CA TYR A 47 5.51 -1.42 -2.38
C TYR A 47 4.55 -0.28 -2.05
N ILE A 48 3.78 -0.46 -0.98
CA ILE A 48 2.82 0.54 -0.54
C ILE A 48 2.92 0.82 0.96
N GLU A 49 2.91 2.11 1.31
CA GLU A 49 3.00 2.51 2.72
C GLU A 49 1.72 3.20 3.17
N LEU A 50 1.32 2.92 4.41
CA LEU A 50 0.11 3.50 4.99
C LEU A 50 0.46 4.55 6.04
N PRO A 51 -0.14 5.76 5.95
CA PRO A 51 0.12 6.84 6.90
C PRO A 51 -0.39 6.51 8.31
N ALA A 52 -0.27 7.49 9.20
CA ALA A 52 -0.72 7.30 10.58
C ALA A 52 -2.17 7.75 10.75
N GLY A 53 -3.10 6.90 10.33
CA GLY A 53 -4.51 7.22 10.44
C GLY A 53 -5.33 6.08 11.02
N PRO A 54 -6.65 6.27 11.18
CA PRO A 54 -7.53 5.24 11.73
C PRO A 54 -7.73 4.07 10.76
N LEU A 55 -7.30 2.88 11.18
CA LEU A 55 -7.43 1.69 10.35
C LEU A 55 -8.89 1.42 10.00
N PRO A 56 -9.74 1.20 11.03
CA PRO A 56 -11.16 0.94 10.82
C PRO A 56 -11.93 2.18 10.39
N GLU A 57 -11.69 2.61 9.16
CA GLU A 57 -12.36 3.80 8.62
C GLU A 57 -13.40 3.40 7.58
N GLY A 58 -13.95 4.40 6.89
CA GLY A 58 -14.94 4.13 5.87
C GLY A 58 -14.36 4.09 4.47
N SER A 59 -13.08 3.71 4.38
CA SER A 59 -12.40 3.62 3.10
C SER A 59 -12.11 2.16 2.74
N LYS A 60 -13.10 1.51 2.14
CA LYS A 60 -12.96 0.11 1.74
C LYS A 60 -13.06 -0.04 0.22
N ASP A 61 -14.20 0.38 -0.33
CA ASP A 61 -14.43 0.29 -1.77
C ASP A 61 -13.45 1.19 -2.53
N SER A 62 -13.28 2.41 -2.05
CA SER A 62 -12.38 3.37 -2.68
C SER A 62 -10.95 2.83 -2.70
N PHE A 63 -10.51 2.28 -1.57
CA PHE A 63 -9.16 1.74 -1.45
C PHE A 63 -8.94 0.61 -2.47
N ALA A 64 -9.98 -0.19 -2.68
CA ALA A 64 -9.91 -1.29 -3.62
C ALA A 64 -9.65 -0.81 -5.04
N ALA A 65 -10.38 0.24 -5.44
CA ALA A 65 -10.23 0.81 -6.78
C ALA A 65 -8.85 1.42 -6.96
N LEU A 66 -8.27 1.91 -5.88
CA LEU A 66 -6.94 2.52 -5.93
C LEU A 66 -5.88 1.49 -6.28
N LEU A 67 -5.75 0.46 -5.45
CA LEU A 67 -4.78 -0.60 -5.67
C LEU A 67 -4.98 -1.26 -7.02
N GLU A 68 -6.24 -1.30 -7.48
CA GLU A 68 -6.57 -1.90 -8.76
C GLU A 68 -5.91 -1.14 -9.91
N PHE A 69 -6.04 0.17 -9.91
CA PHE A 69 -5.46 1.01 -10.94
C PHE A 69 -3.93 0.95 -10.90
N ALA A 70 -3.38 0.76 -9.71
CA ALA A 70 -1.93 0.69 -9.55
C ALA A 70 -1.36 -0.54 -10.23
N GLU A 71 -1.81 -1.72 -9.80
CA GLU A 71 -1.33 -2.97 -10.37
C GLU A 71 -1.59 -3.03 -11.88
N GLU A 72 -2.66 -2.35 -12.32
CA GLU A 72 -3.02 -2.32 -13.73
C GLU A 72 -1.92 -1.65 -14.55
N GLN A 73 -1.51 -0.47 -14.12
CA GLN A 73 -0.47 0.28 -14.82
C GLN A 73 0.86 -0.47 -14.81
N LEU A 74 1.41 -0.65 -13.61
CA LEU A 74 2.68 -1.35 -13.46
C LEU A 74 2.58 -2.78 -13.98
N ARG A 75 1.39 -3.36 -13.88
CA ARG A 75 1.16 -4.72 -14.34
C ARG A 75 2.01 -5.71 -13.55
N ALA A 76 2.48 -5.29 -12.37
CA ALA A 76 3.31 -6.14 -11.53
C ALA A 76 2.49 -7.29 -10.94
N ASP A 77 3.09 -8.01 -9.99
CA ASP A 77 2.41 -9.13 -9.34
C ASP A 77 2.38 -8.94 -7.83
N HIS A 78 3.50 -9.22 -7.17
CA HIS A 78 3.60 -9.08 -5.73
C HIS A 78 3.19 -7.68 -5.28
N VAL A 79 2.35 -7.64 -4.27
CA VAL A 79 1.87 -6.39 -3.72
C VAL A 79 2.10 -6.38 -2.22
N PHE A 80 2.88 -5.42 -1.76
CA PHE A 80 3.18 -5.29 -0.34
C PHE A 80 2.41 -4.12 0.26
N ILE A 81 1.57 -4.40 1.24
CA ILE A 81 0.81 -3.34 1.88
C ILE A 81 1.16 -3.30 3.36
N CYS A 82 1.69 -2.17 3.83
CA CYS A 82 2.07 -2.06 5.23
C CYS A 82 1.25 -0.98 5.95
N PHE A 83 0.59 -1.39 7.03
CA PHE A 83 -0.24 -0.48 7.82
C PHE A 83 -0.10 -0.80 9.31
N PRO A 84 -0.47 0.16 10.18
CA PRO A 84 -0.39 -0.02 11.64
C PRO A 84 -1.18 -1.24 12.10
N LYS A 85 -1.43 -1.32 13.40
CA LYS A 85 -2.18 -2.45 13.97
C LYS A 85 -3.11 -1.97 15.07
N ASN A 86 -4.29 -1.50 14.67
CA ASN A 86 -5.29 -1.04 15.62
C ASN A 86 -5.88 -2.19 16.43
N ARG A 87 -6.67 -3.03 15.76
CA ARG A 87 -7.28 -4.18 16.41
C ARG A 87 -8.13 -4.98 15.41
N GLU A 88 -9.24 -4.38 14.98
CA GLU A 88 -10.14 -5.03 14.04
C GLU A 88 -9.66 -4.81 12.61
N ASP A 89 -10.41 -5.38 11.65
CA ASP A 89 -10.09 -5.26 10.23
C ASP A 89 -8.98 -6.24 9.83
N ARG A 90 -8.38 -6.92 10.80
CA ARG A 90 -7.33 -7.87 10.53
C ARG A 90 -7.90 -9.19 10.01
N ALA A 91 -8.98 -9.64 10.65
CA ALA A 91 -9.64 -10.88 10.25
C ALA A 91 -10.24 -10.76 8.86
N ALA A 92 -10.69 -9.56 8.51
CA ALA A 92 -11.29 -9.31 7.21
C ALA A 92 -10.25 -9.33 6.10
N LEU A 93 -9.21 -8.52 6.25
CA LEU A 93 -8.14 -8.45 5.25
C LEU A 93 -7.50 -9.82 5.05
N LEU A 94 -7.49 -10.63 6.10
CA LEU A 94 -6.91 -11.97 6.03
C LEU A 94 -7.75 -12.89 5.16
N ARG A 95 -9.05 -12.92 5.41
CA ARG A 95 -9.97 -13.77 4.65
C ARG A 95 -9.86 -13.50 3.15
N THR A 96 -10.02 -12.24 2.77
CA THR A 96 -9.94 -11.85 1.36
C THR A 96 -8.60 -12.23 0.75
N PHE A 97 -7.53 -11.61 1.23
CA PHE A 97 -6.19 -11.88 0.73
C PHE A 97 -5.88 -13.38 0.76
N SER A 98 -6.50 -14.09 1.70
CA SER A 98 -6.31 -15.53 1.84
C SER A 98 -6.86 -16.27 0.62
N PHE A 99 -7.80 -15.64 -0.08
CA PHE A 99 -8.41 -16.24 -1.25
C PHE A 99 -7.36 -16.68 -2.28
N LEU A 100 -6.22 -15.99 -2.25
CA LEU A 100 -5.13 -16.31 -3.18
C LEU A 100 -3.94 -16.93 -2.44
N GLY A 101 -3.78 -16.56 -1.18
CA GLY A 101 -2.68 -17.10 -0.39
C GLY A 101 -1.52 -16.12 -0.28
N PHE A 102 -1.52 -15.34 0.79
CA PHE A 102 -0.46 -14.35 1.02
C PHE A 102 0.40 -14.73 2.21
N GLU A 103 1.41 -13.91 2.49
CA GLU A 103 2.31 -14.17 3.62
C GLU A 103 2.41 -12.94 4.51
N ILE A 104 2.33 -13.16 5.83
CA ILE A 104 2.41 -12.08 6.79
C ILE A 104 3.83 -11.95 7.36
N VAL A 105 4.41 -10.76 7.20
CA VAL A 105 5.75 -10.50 7.70
C VAL A 105 5.79 -9.23 8.54
N ARG A 106 6.30 -9.34 9.76
CA ARG A 106 6.39 -8.21 10.67
C ARG A 106 7.85 -7.85 10.94
N PRO A 107 8.19 -6.54 10.96
CA PRO A 107 9.55 -6.08 11.21
C PRO A 107 9.94 -6.21 12.68
N GLY A 108 11.06 -5.59 13.05
CA GLY A 108 11.52 -5.65 14.43
C GLY A 108 12.93 -6.19 14.54
N HIS A 109 13.81 -5.39 15.14
CA HIS A 109 15.20 -5.79 15.32
C HIS A 109 15.51 -6.05 16.79
N PRO A 110 16.39 -7.04 17.08
CA PRO A 110 16.76 -7.38 18.46
C PRO A 110 17.24 -6.17 19.25
N LEU A 111 18.00 -5.31 18.60
CA LEU A 111 18.52 -4.11 19.25
C LEU A 111 17.46 -3.02 19.32
N VAL A 112 16.74 -2.83 18.22
CA VAL A 112 15.68 -1.83 18.18
C VAL A 112 14.39 -2.41 17.62
N PRO A 113 13.69 -3.25 18.41
CA PRO A 113 12.43 -3.88 18.00
C PRO A 113 11.42 -2.86 17.48
N LYS A 114 10.23 -3.34 17.14
CA LYS A 114 9.18 -2.47 16.64
C LYS A 114 8.63 -1.58 17.74
N ARG A 115 7.54 -0.87 17.44
CA ARG A 115 6.91 0.01 18.41
C ARG A 115 5.63 0.64 17.84
N PRO A 116 5.72 1.26 16.65
CA PRO A 116 4.56 1.88 16.01
C PRO A 116 3.44 0.88 15.72
N ASP A 117 3.79 -0.41 15.74
CA ASP A 117 2.82 -1.47 15.48
C ASP A 117 2.34 -1.42 14.04
N ALA A 118 3.29 -1.51 13.12
CA ALA A 118 2.97 -1.52 11.72
C ALA A 118 3.62 -2.71 11.06
N CYS A 119 2.80 -3.58 10.52
CA CYS A 119 3.25 -4.78 9.85
C CYS A 119 2.97 -4.68 8.36
N PHE A 120 3.48 -5.65 7.61
CA PHE A 120 3.28 -5.67 6.16
C PHE A 120 2.99 -7.09 5.66
N MET A 121 2.30 -7.16 4.52
CA MET A 121 1.94 -8.44 3.91
C MET A 121 2.22 -8.41 2.41
N VAL A 122 2.65 -9.53 1.86
CA VAL A 122 2.96 -9.60 0.43
C VAL A 122 2.26 -10.78 -0.25
N TYR A 123 1.51 -10.50 -1.31
CA TYR A 123 0.80 -11.54 -2.05
C TYR A 123 1.10 -11.44 -3.55
N THR A 124 1.63 -12.50 -4.13
CA THR A 124 1.95 -12.51 -5.56
C THR A 124 0.67 -12.59 -6.40
N LEU A 125 0.62 -11.80 -7.47
CA LEU A 125 -0.53 -11.77 -8.35
C LEU A 125 -0.45 -12.89 -9.39
N GLU A 126 -0.94 -14.07 -9.02
CA GLU A 126 -0.91 -15.21 -9.93
C GLU A 126 0.52 -15.62 -10.26
N ILE A 1 6.73 13.45 -13.27
CA ILE A 1 5.62 12.88 -14.03
C ILE A 1 4.39 12.71 -13.15
N LEU A 2 3.33 13.44 -13.48
CA LEU A 2 2.08 13.37 -12.72
C LEU A 2 0.91 13.11 -13.65
N TYR A 3 0.23 12.00 -13.43
CA TYR A 3 -0.92 11.62 -14.23
C TYR A 3 -2.20 11.62 -13.40
N SER A 4 -3.17 12.39 -13.84
CA SER A 4 -4.45 12.49 -13.13
C SER A 4 -5.61 12.23 -14.08
N ASP A 5 -6.39 11.21 -13.77
CA ASP A 5 -7.54 10.85 -14.58
C ASP A 5 -8.70 10.45 -13.68
N GLU A 6 -9.64 9.70 -14.25
CA GLU A 6 -10.84 9.22 -13.53
C GLU A 6 -11.10 10.03 -12.26
N ARG A 7 -10.51 9.62 -11.15
CA ARG A 7 -10.68 10.31 -9.88
C ARG A 7 -9.44 10.11 -9.00
N LEU A 8 -8.31 9.80 -9.64
CA LEU A 8 -7.06 9.59 -8.92
C LEU A 8 -5.89 10.21 -9.67
N ASN A 9 -5.05 10.93 -8.93
CA ASN A 9 -3.88 11.58 -9.51
C ASN A 9 -2.61 11.06 -8.86
N VAL A 10 -1.70 10.52 -9.66
CA VAL A 10 -0.45 9.98 -9.15
C VAL A 10 0.76 10.57 -9.86
N THR A 11 1.78 10.92 -9.07
CA THR A 11 3.00 11.50 -9.62
C THR A 11 4.21 10.61 -9.31
N GLU A 12 5.28 10.78 -10.07
CA GLU A 12 6.48 9.98 -9.87
C GLU A 12 7.67 10.86 -9.51
N GLU A 13 8.40 10.47 -8.48
CA GLU A 13 9.57 11.22 -8.03
C GLU A 13 10.82 10.34 -8.04
N PRO A 14 11.58 10.34 -9.14
CA PRO A 14 12.80 9.54 -9.27
C PRO A 14 13.92 10.03 -8.35
N THR A 15 14.91 9.17 -8.12
CA THR A 15 16.03 9.52 -7.27
C THR A 15 17.32 8.88 -7.81
N SER A 16 18.34 8.83 -6.96
CA SER A 16 19.63 8.25 -7.35
C SER A 16 19.52 6.74 -7.45
N ASN A 17 20.35 6.16 -8.34
CA ASN A 17 20.35 4.71 -8.53
C ASN A 17 18.98 4.23 -9.00
N ASP A 18 18.88 2.92 -9.23
CA ASP A 18 17.62 2.33 -9.69
C ASP A 18 17.10 1.31 -8.68
N LYS A 19 15.98 0.68 -9.01
CA LYS A 19 15.38 -0.32 -8.13
C LYS A 19 15.00 0.29 -6.78
N THR A 20 14.70 1.59 -6.78
CA THR A 20 14.32 2.28 -5.56
C THR A 20 13.98 3.74 -5.86
N ARG A 21 12.68 4.04 -5.92
CA ARG A 21 12.23 5.39 -6.19
C ARG A 21 11.11 5.79 -5.23
N VAL A 22 10.65 7.03 -5.35
CA VAL A 22 9.57 7.53 -4.50
C VAL A 22 8.45 8.15 -5.32
N LEU A 23 7.22 7.85 -4.95
CA LEU A 23 6.06 8.38 -5.66
C LEU A 23 4.95 8.76 -4.68
N SER A 24 3.98 9.53 -5.16
CA SER A 24 2.87 9.97 -4.34
C SER A 24 1.54 9.70 -5.05
N ILE A 25 0.56 9.23 -4.29
CA ILE A 25 -0.76 8.94 -4.84
C ILE A 25 -1.83 9.62 -4.03
N GLN A 26 -2.60 10.49 -4.68
CA GLN A 26 -3.67 11.21 -4.01
C GLN A 26 -5.02 10.73 -4.50
N CYS A 27 -5.89 10.40 -3.56
CA CYS A 27 -7.23 9.93 -3.88
C CYS A 27 -8.28 10.81 -3.24
N THR A 28 -9.21 11.26 -4.05
CA THR A 28 -10.29 12.13 -3.57
C THR A 28 -11.65 11.58 -3.97
N LEU A 29 -12.48 11.29 -2.98
CA LEU A 29 -13.82 10.77 -3.24
C LEU A 29 -14.87 11.83 -2.91
N THR A 30 -14.54 13.07 -3.26
CA THR A 30 -15.44 14.20 -3.04
C THR A 30 -16.01 14.23 -1.62
N GLU A 31 -17.28 13.86 -1.46
CA GLU A 31 -17.92 13.85 -0.16
C GLU A 31 -17.91 12.44 0.43
N ALA A 32 -17.07 11.58 -0.11
CA ALA A 32 -16.96 10.21 0.36
C ALA A 32 -15.71 10.03 1.20
N LYS A 33 -14.56 10.50 0.69
CA LYS A 33 -13.30 10.38 1.42
C LYS A 33 -12.09 10.74 0.55
N GLN A 34 -11.32 11.71 1.01
CA GLN A 34 -10.12 12.14 0.27
C GLN A 34 -8.91 12.14 1.21
N VAL A 35 -7.90 11.34 0.86
CA VAL A 35 -6.69 11.26 1.67
C VAL A 35 -5.44 11.30 0.80
N THR A 36 -4.40 11.95 1.32
CA THR A 36 -3.13 12.03 0.63
C THR A 36 -2.29 10.83 1.04
N TRP A 37 -1.94 10.01 0.07
CA TRP A 37 -1.18 8.79 0.35
C TRP A 37 0.25 8.87 -0.13
N ARG A 38 1.10 8.05 0.51
CA ARG A 38 2.51 8.00 0.17
C ARG A 38 2.93 6.57 -0.17
N ALA A 39 3.60 6.41 -1.30
CA ALA A 39 4.05 5.10 -1.74
C ALA A 39 5.45 5.17 -2.34
N VAL A 40 5.96 4.02 -2.75
CA VAL A 40 7.28 3.94 -3.36
C VAL A 40 7.35 2.79 -4.35
N TRP A 41 8.52 2.62 -4.96
CA TRP A 41 8.73 1.56 -5.95
C TRP A 41 9.95 0.73 -5.59
N ASN A 42 9.75 -0.57 -5.41
CA ASN A 42 10.84 -1.47 -5.05
C ASN A 42 10.93 -2.63 -6.05
N GLY A 43 11.92 -2.57 -6.93
CA GLY A 43 12.09 -3.63 -7.91
C GLY A 43 10.93 -3.72 -8.88
N GLY A 44 10.47 -4.94 -9.13
CA GLY A 44 9.36 -5.16 -10.04
C GLY A 44 8.01 -5.18 -9.34
N GLY A 45 7.98 -4.64 -8.13
CA GLY A 45 6.75 -4.61 -7.36
C GLY A 45 6.47 -3.25 -6.76
N LEU A 46 5.21 -3.01 -6.38
CA LEU A 46 4.80 -1.74 -5.81
C LEU A 46 4.79 -1.80 -4.28
N TYR A 47 5.06 -0.66 -3.65
CA TYR A 47 5.07 -0.57 -2.19
C TYR A 47 4.08 0.50 -1.72
N ILE A 48 3.47 0.28 -0.56
CA ILE A 48 2.50 1.23 -0.01
C ILE A 48 2.74 1.50 1.46
N GLU A 49 2.60 2.77 1.86
CA GLU A 49 2.79 3.17 3.24
C GLU A 49 1.51 3.79 3.80
N LEU A 50 1.03 3.25 4.91
CA LEU A 50 -0.20 3.75 5.53
C LEU A 50 0.12 4.57 6.78
N PRO A 51 0.53 5.84 6.61
CA PRO A 51 0.86 6.72 7.73
C PRO A 51 -0.37 7.07 8.58
N ALA A 52 -0.15 7.88 9.60
CA ALA A 52 -1.24 8.29 10.49
C ALA A 52 -1.90 7.08 11.15
N GLY A 53 -3.05 7.31 11.77
CA GLY A 53 -3.76 6.22 12.43
C GLY A 53 -4.45 5.30 11.46
N PRO A 54 -4.97 4.15 11.93
CA PRO A 54 -5.67 3.18 11.08
C PRO A 54 -6.81 3.81 10.30
N LEU A 55 -7.62 2.98 9.67
CA LEU A 55 -8.76 3.45 8.88
C LEU A 55 -10.08 3.08 9.57
N PRO A 56 -10.60 3.97 10.42
CA PRO A 56 -11.86 3.73 11.14
C PRO A 56 -13.06 3.71 10.19
N GLU A 57 -12.95 4.42 9.07
CA GLU A 57 -14.03 4.48 8.10
C GLU A 57 -13.49 4.34 6.68
N GLY A 58 -14.34 3.88 5.77
CA GLY A 58 -13.92 3.70 4.39
C GLY A 58 -12.77 2.73 4.24
N SER A 59 -11.82 3.07 3.38
CA SER A 59 -10.65 2.22 3.16
C SER A 59 -11.07 0.85 2.62
N LYS A 60 -12.21 0.81 1.92
CA LYS A 60 -12.70 -0.43 1.36
C LYS A 60 -12.78 -0.35 -0.17
N ASP A 61 -13.75 0.40 -0.66
CA ASP A 61 -13.92 0.57 -2.11
C ASP A 61 -12.83 1.46 -2.70
N SER A 62 -12.35 2.40 -1.88
CA SER A 62 -11.29 3.30 -2.32
C SER A 62 -10.00 2.56 -2.60
N PHE A 63 -9.62 1.70 -1.67
CA PHE A 63 -8.38 0.91 -1.81
C PHE A 63 -8.52 -0.11 -2.94
N ALA A 64 -9.72 -0.67 -3.07
CA ALA A 64 -9.98 -1.68 -4.10
C ALA A 64 -9.71 -1.12 -5.50
N ALA A 65 -10.34 0.01 -5.80
CA ALA A 65 -10.17 0.64 -7.11
C ALA A 65 -8.73 1.09 -7.33
N LEU A 66 -8.10 1.58 -6.27
CA LEU A 66 -6.72 2.05 -6.34
C LEU A 66 -5.79 0.95 -6.84
N LEU A 67 -5.66 -0.11 -6.06
CA LEU A 67 -4.80 -1.23 -6.42
C LEU A 67 -5.18 -1.81 -7.77
N GLU A 68 -6.46 -1.71 -8.11
CA GLU A 68 -6.97 -2.23 -9.38
C GLU A 68 -6.23 -1.61 -10.57
N PHE A 69 -6.24 -0.29 -10.64
CA PHE A 69 -5.56 0.43 -11.72
C PHE A 69 -4.05 0.30 -11.60
N ALA A 70 -3.55 0.21 -10.37
CA ALA A 70 -2.11 0.09 -10.14
C ALA A 70 -1.53 -1.11 -10.87
N GLU A 71 -2.02 -2.31 -10.54
CA GLU A 71 -1.54 -3.53 -11.17
C GLU A 71 -1.94 -3.59 -12.63
N GLU A 72 -3.07 -2.98 -12.96
CA GLU A 72 -3.57 -2.97 -14.33
C GLU A 72 -2.55 -2.37 -15.29
N GLN A 73 -1.84 -1.35 -14.83
CA GLN A 73 -0.83 -0.69 -15.65
C GLN A 73 0.53 -1.38 -15.50
N LEU A 74 1.07 -1.37 -14.29
CA LEU A 74 2.37 -1.98 -14.02
C LEU A 74 2.35 -3.47 -14.36
N ARG A 75 1.26 -4.15 -14.03
CA ARG A 75 1.12 -5.58 -14.30
C ARG A 75 2.22 -6.36 -13.59
N ALA A 76 2.76 -5.81 -12.52
CA ALA A 76 3.83 -6.46 -11.76
C ALA A 76 3.30 -7.68 -11.02
N ASP A 77 4.18 -8.30 -10.24
CA ASP A 77 3.82 -9.49 -9.47
C ASP A 77 4.54 -9.50 -8.12
N HIS A 78 4.24 -8.50 -7.30
CA HIS A 78 4.86 -8.36 -5.98
C HIS A 78 4.50 -7.01 -5.37
N VAL A 79 3.78 -7.04 -4.28
CA VAL A 79 3.36 -5.82 -3.60
C VAL A 79 3.58 -5.95 -2.09
N PHE A 80 4.03 -4.86 -1.47
CA PHE A 80 4.26 -4.86 -0.04
C PHE A 80 3.55 -3.69 0.62
N ILE A 81 2.63 -4.00 1.52
CA ILE A 81 1.88 -2.99 2.24
C ILE A 81 2.28 -2.98 3.71
N CYS A 82 2.77 -1.85 4.18
CA CYS A 82 3.20 -1.75 5.57
C CYS A 82 2.37 -0.73 6.36
N PHE A 83 2.07 -1.08 7.61
CA PHE A 83 1.29 -0.21 8.48
C PHE A 83 2.04 0.06 9.78
N PRO A 84 1.91 1.29 10.32
CA PRO A 84 2.58 1.68 11.56
C PRO A 84 1.94 1.06 12.81
N LYS A 85 0.85 0.33 12.62
CA LYS A 85 0.15 -0.30 13.74
C LYS A 85 -0.82 -1.36 13.26
N ASN A 86 -1.93 -0.92 12.67
CA ASN A 86 -2.94 -1.83 12.16
C ASN A 86 -3.39 -2.81 13.24
N ARG A 87 -4.36 -2.39 14.06
CA ARG A 87 -4.86 -3.23 15.13
C ARG A 87 -6.29 -3.71 14.83
N GLU A 88 -7.25 -2.81 15.02
CA GLU A 88 -8.65 -3.14 14.77
C GLU A 88 -8.89 -3.40 13.29
N ASP A 89 -8.54 -2.43 12.45
CA ASP A 89 -8.71 -2.56 11.02
C ASP A 89 -7.95 -3.76 10.47
N ARG A 90 -6.89 -4.15 11.17
CA ARG A 90 -6.07 -5.30 10.76
C ARG A 90 -6.92 -6.56 10.66
N ALA A 91 -7.96 -6.64 11.49
CA ALA A 91 -8.84 -7.80 11.51
C ALA A 91 -9.49 -8.02 10.14
N ALA A 92 -10.35 -7.08 9.74
CA ALA A 92 -11.04 -7.16 8.47
C ALA A 92 -10.05 -7.24 7.31
N LEU A 93 -8.88 -6.64 7.49
CA LEU A 93 -7.84 -6.64 6.46
C LEU A 93 -7.43 -8.06 6.10
N LEU A 94 -7.19 -8.87 7.13
CA LEU A 94 -6.79 -10.26 6.92
C LEU A 94 -7.94 -11.10 6.41
N ARG A 95 -9.16 -10.73 6.80
CA ARG A 95 -10.35 -11.45 6.38
C ARG A 95 -10.49 -11.44 4.86
N THR A 96 -10.69 -10.25 4.29
CA THR A 96 -10.83 -10.11 2.85
C THR A 96 -9.60 -10.64 2.12
N PHE A 97 -8.42 -10.18 2.57
CA PHE A 97 -7.17 -10.60 1.96
C PHE A 97 -7.03 -12.12 1.95
N SER A 98 -7.72 -12.77 2.88
CA SER A 98 -7.68 -14.23 2.99
C SER A 98 -8.12 -14.88 1.68
N PHE A 99 -8.87 -14.14 0.87
CA PHE A 99 -9.34 -14.66 -0.40
C PHE A 99 -8.44 -14.22 -1.54
N LEU A 100 -7.13 -14.19 -1.28
CA LEU A 100 -6.15 -13.79 -2.28
C LEU A 100 -4.93 -14.69 -2.24
N GLY A 101 -4.41 -14.91 -1.04
CA GLY A 101 -3.24 -15.75 -0.89
C GLY A 101 -2.02 -14.98 -0.39
N PHE A 102 -2.27 -13.90 0.34
CA PHE A 102 -1.18 -13.08 0.86
C PHE A 102 -0.57 -13.71 2.11
N GLU A 103 0.69 -13.36 2.39
CA GLU A 103 1.39 -13.89 3.55
C GLU A 103 1.62 -12.80 4.58
N ILE A 104 1.53 -13.16 5.85
CA ILE A 104 1.73 -12.22 6.95
C ILE A 104 3.14 -12.32 7.52
N VAL A 105 3.82 -11.19 7.63
CA VAL A 105 5.17 -11.15 8.16
C VAL A 105 5.30 -10.08 9.25
N ARG A 106 5.81 -10.49 10.40
CA ARG A 106 6.00 -9.58 11.52
C ARG A 106 7.44 -9.59 12.00
N PRO A 107 7.95 -8.45 12.50
CA PRO A 107 9.33 -8.34 12.98
C PRO A 107 9.55 -9.12 14.28
N GLY A 108 10.72 -8.94 14.88
CA GLY A 108 11.04 -9.64 16.12
C GLY A 108 12.17 -10.64 15.95
N HIS A 109 13.08 -10.35 15.04
CA HIS A 109 14.22 -11.22 14.79
C HIS A 109 15.48 -10.69 15.47
N PRO A 110 16.25 -11.56 16.15
CA PRO A 110 17.48 -11.16 16.83
C PRO A 110 18.42 -10.36 15.93
N LEU A 111 18.60 -10.84 14.71
CA LEU A 111 19.49 -10.17 13.76
C LEU A 111 18.78 -9.01 13.07
N VAL A 112 17.45 -9.03 13.08
CA VAL A 112 16.68 -7.96 12.45
C VAL A 112 15.58 -7.44 13.39
N PRO A 113 15.99 -6.72 14.45
CA PRO A 113 15.04 -6.17 15.43
C PRO A 113 14.04 -5.21 14.78
N LYS A 114 13.07 -4.76 15.57
CA LYS A 114 12.06 -3.83 15.07
C LYS A 114 11.11 -3.42 16.19
N ARG A 115 9.99 -2.80 15.82
CA ARG A 115 9.00 -2.36 16.79
C ARG A 115 7.72 -3.19 16.69
N PRO A 116 7.08 -3.49 17.84
CA PRO A 116 5.84 -4.28 17.87
C PRO A 116 4.73 -3.66 17.04
N ASP A 117 4.86 -2.37 16.73
CA ASP A 117 3.86 -1.67 15.95
C ASP A 117 4.25 -1.61 14.49
N ALA A 118 4.79 -2.72 13.99
CA ALA A 118 5.17 -2.82 12.60
C ALA A 118 4.55 -4.07 12.01
N CYS A 119 3.69 -3.85 11.03
CA CYS A 119 3.01 -4.93 10.34
C CYS A 119 3.35 -4.93 8.85
N PHE A 120 3.94 -6.02 8.39
CA PHE A 120 4.32 -6.13 6.97
C PHE A 120 3.53 -7.25 6.29
N MET A 121 2.97 -6.94 5.13
CA MET A 121 2.19 -7.92 4.37
C MET A 121 2.64 -7.95 2.91
N VAL A 122 2.71 -9.15 2.33
CA VAL A 122 3.14 -9.28 0.94
C VAL A 122 2.14 -10.10 0.12
N TYR A 123 1.59 -9.47 -0.92
CA TYR A 123 0.64 -10.12 -1.81
C TYR A 123 1.00 -9.83 -3.26
N THR A 124 0.91 -10.85 -4.12
CA THR A 124 1.23 -10.70 -5.54
C THR A 124 -0.03 -10.75 -6.39
N LEU A 125 0.13 -10.62 -7.70
CA LEU A 125 -1.00 -10.65 -8.62
C LEU A 125 -0.77 -11.66 -9.74
N GLU A 126 -0.31 -12.86 -9.37
CA GLU A 126 -0.05 -13.92 -10.34
C GLU A 126 -1.34 -14.63 -10.73
#